data_4J3U
#
_entry.id   4J3U
#
_cell.length_a   195.430
_cell.length_b   84.610
_cell.length_c   121.790
_cell.angle_alpha   90.00
_cell.angle_beta   119.91
_cell.angle_gamma   90.00
#
_symmetry.space_group_name_H-M   'C 1 2 1'
#
loop_
_entity.id
_entity.type
_entity.pdbx_description
1 polymer 'Limit dextrinase'
2 branched 'Cyclic alpha-D-glucopyranose-(1-4)-alpha-D-glucopyranose-(1-4)-alpha-D-glucopyranose-(1-4)-alpha-D-glucopyranose-(1-4)-alpha-D-glucopyranose-(1-4)-alpha-D-glucopyranose-(1-4)-[alpha-D-glucopyranose-(1-4)-alpha-D-glucopyranose-(1-1)]6-thio-alpha-D-glucopyranose'
3 non-polymer 'IODIDE ION'
4 non-polymer 'CALCIUM ION'
5 non-polymer 'CHLORIDE ION'
6 water water
#
_entity_poly.entity_id   1
_entity_poly.type   'polypeptide(L)'
_entity_poly.pdbx_seq_one_letter_code
;MGSSHHHHHHSSGLVPRGSHMAFMPDARAYWVTSDLIAWNVGELEAQSVCLYASRAAAMSLSPSNGGIQGYDSKVELQPE
SAGLPETVTQKFPFISSYRAFRVPSSVDVASLVKCQLVVASFGADGKHVDVTGLQLPGVLDDMFAYTGPLGAVFSEDSVS
LHLWAPTAQGVSVCFFDGPAGPALETVQLKESNGVWSVTGPREWENRYYLYEVDVYHPTKAQVLKCLAGDPYARSLSANG
ARTWLVDINNETLKPASWDELADEKPKLDSFSDITIYELHIRDFSAHDGTVDSDSRGGFRAFAYQASAGMEHLRKLSDAG
LTHVHLLPSFHFAGVDDIKSNWKFVDECELATFPPGSDMQQAAVVAIQEEDPYNWGYNPVLWGVPKGSYASDPDGPSRII
EYRQMVQALNRIGLRVVMDVVYNHLDSSGPCGISSVLDKIVPGYYVRRDTNGQIENSAAMNNTASEHFMVDRLIVDDLLN
WAVNYKVDGFRFDLMGHIMKRTMMRAKSALQSLTTDAHGVDGSKIYLYGEGWDFAEVARNQRGINGSQLNMSGTGIGSFN
DRIRDAINGGNPFGNPLQQGFNTGLFLEPNGFYQGNEADTRRSLATYADQIQIGLAGNLRDYVLISHTGEAKKGSEIHTF
DGLPVGYTASPIETINYVSAHDNETLFDVISVKTPMILSVDERCRINHLASSMMALSQGIPFFHAGDEILRSKSIDRDSY
NSGDWFNKLDFTYETNNWGVGLPPSEKNEDNWPLMKPRLENPSFKPAKGHILAALDSFVDILKIRYSSPLFRLSTANDIK
QRVRFHNTGPSLVPGVIVMGIEDARGESPEMAQLDTNFSYVVTVFNVCPHEVSMDIPALASMGFELHPVQVNSSDTLVRK
SAYEAATGRFTVPGRTVSVFVEPRC
;
_entity_poly.pdbx_strand_id   A,B
#
# COMPACT_ATOMS: atom_id res chain seq x y z
N MET A 24 16.36 -41.05 -14.33
CA MET A 24 16.12 -40.72 -15.77
C MET A 24 16.66 -41.88 -16.61
N PRO A 25 16.01 -42.17 -17.74
CA PRO A 25 16.48 -43.27 -18.56
C PRO A 25 17.65 -42.86 -19.45
N ASP A 26 18.08 -43.76 -20.31
CA ASP A 26 19.25 -43.56 -21.14
C ASP A 26 19.00 -42.53 -22.25
N ALA A 27 19.75 -41.43 -22.21
CA ALA A 27 19.71 -40.43 -23.28
C ALA A 27 21.11 -39.85 -23.49
N ARG A 28 21.88 -40.51 -24.36
CA ARG A 28 23.28 -40.20 -24.57
C ARG A 28 23.55 -39.36 -25.82
N ALA A 29 22.49 -39.06 -26.58
CA ALA A 29 22.58 -38.17 -27.73
C ALA A 29 21.96 -36.81 -27.40
N TYR A 30 22.35 -35.78 -28.14
CA TYR A 30 21.90 -34.41 -27.89
C TYR A 30 21.35 -33.79 -29.15
N TRP A 31 20.13 -33.24 -29.07
CA TRP A 31 19.58 -32.45 -30.16
C TRP A 31 19.95 -30.99 -29.88
N VAL A 32 21.03 -30.53 -30.50
CA VAL A 32 21.69 -29.28 -30.13
C VAL A 32 21.19 -28.05 -30.91
N THR A 33 20.82 -28.25 -32.17
CA THR A 33 20.21 -27.18 -32.98
C THR A 33 19.12 -27.81 -33.85
N SER A 34 18.35 -26.98 -34.55
CA SER A 34 17.27 -27.48 -35.39
C SER A 34 17.72 -28.56 -36.38
N ASP A 35 18.96 -28.47 -36.87
CA ASP A 35 19.47 -29.37 -37.92
C ASP A 35 20.70 -30.20 -37.52
N LEU A 36 21.07 -30.21 -36.24
CA LEU A 36 22.24 -30.95 -35.77
C LEU A 36 21.96 -31.79 -34.53
N ILE A 37 22.36 -33.06 -34.58
CA ILE A 37 22.35 -33.95 -33.42
C ILE A 37 23.77 -34.42 -33.13
N ALA A 38 24.12 -34.46 -31.84
CA ALA A 38 25.43 -34.90 -31.39
C ALA A 38 25.33 -36.24 -30.66
N TRP A 39 26.20 -37.18 -31.01
CA TRP A 39 26.23 -38.50 -30.37
C TRP A 39 27.63 -39.08 -30.49
N ASN A 40 28.17 -39.58 -29.37
CA ASN A 40 29.56 -40.03 -29.31
C ASN A 40 29.72 -41.49 -29.71
N VAL A 41 29.41 -41.78 -30.98
CA VAL A 41 29.59 -43.12 -31.54
C VAL A 41 30.84 -43.16 -32.43
N GLY A 42 31.31 -44.37 -32.73
CA GLY A 42 32.51 -44.54 -33.54
C GLY A 42 32.25 -44.40 -35.02
N GLU A 43 33.31 -44.21 -35.79
CA GLU A 43 33.22 -44.20 -37.25
C GLU A 43 32.95 -45.64 -37.68
N LEU A 44 31.88 -45.81 -38.46
CA LEU A 44 31.31 -47.14 -38.78
C LEU A 44 29.90 -47.19 -38.21
N GLU A 45 29.77 -46.87 -36.93
CA GLU A 45 28.46 -46.77 -36.27
C GLU A 45 27.73 -45.52 -36.73
N GLN A 47 27.76 -44.38 -39.86
CA GLN A 47 27.15 -44.01 -41.14
C GLN A 47 25.67 -44.43 -41.20
N SER A 48 25.26 -45.33 -40.30
CA SER A 48 23.87 -45.78 -40.22
C SER A 48 23.24 -45.41 -38.87
N VAL A 49 22.87 -44.14 -38.74
CA VAL A 49 22.15 -43.65 -37.57
C VAL A 49 20.80 -43.12 -38.01
N CYS A 50 19.75 -43.52 -37.30
CA CYS A 50 18.38 -43.10 -37.62
C CYS A 50 17.66 -42.48 -36.43
N LEU A 51 16.78 -41.51 -36.73
CA LEU A 51 15.99 -40.82 -35.71
C LEU A 51 14.55 -41.32 -35.73
N TYR A 52 14.10 -41.87 -34.61
CA TYR A 52 12.76 -42.44 -34.47
C TYR A 52 11.89 -41.55 -33.59
N ALA A 53 10.59 -41.49 -33.90
CA ALA A 53 9.65 -40.65 -33.15
C ALA A 53 8.29 -41.34 -32.96
N SER A 54 7.76 -41.26 -31.75
CA SER A 54 6.41 -41.73 -31.45
C SER A 54 5.67 -40.72 -30.57
N ARG A 55 4.59 -40.14 -31.11
CA ARG A 55 3.83 -39.11 -30.41
C ARG A 55 3.16 -39.64 -29.14
N ALA A 56 2.63 -40.86 -29.20
CA ALA A 56 1.98 -41.48 -28.03
C ALA A 56 2.94 -42.28 -27.15
N ALA A 57 4.24 -42.19 -27.43
CA ALA A 57 5.28 -42.86 -26.64
C ALA A 57 5.09 -44.38 -26.58
N ALA A 58 5.06 -45.01 -27.75
CA ALA A 58 4.72 -46.43 -27.87
C ALA A 58 5.89 -47.32 -28.33
N MET A 59 7.11 -46.80 -28.32
CA MET A 59 8.24 -47.53 -28.91
C MET A 59 8.83 -48.62 -28.02
N SER A 60 9.42 -49.63 -28.66
CA SER A 60 10.13 -50.72 -27.96
CA SER A 60 10.13 -50.72 -27.96
C SER A 60 11.29 -51.24 -28.82
N LEU A 61 12.09 -52.12 -28.24
CA LEU A 61 13.26 -52.67 -28.93
C LEU A 61 12.92 -54.02 -29.58
N SER A 62 13.28 -54.17 -30.86
CA SER A 62 13.01 -55.40 -31.61
C SER A 62 14.18 -56.37 -31.45
N GLY A 67 16.56 -52.35 -35.21
CA GLY A 67 15.16 -52.74 -35.11
C GLY A 67 14.42 -52.08 -33.96
N ILE A 68 13.74 -50.99 -34.26
CA ILE A 68 12.84 -50.33 -33.30
C ILE A 68 11.40 -50.55 -33.77
N GLN A 69 10.51 -50.83 -32.83
CA GLN A 69 9.10 -51.07 -33.14
C GLN A 69 8.21 -49.98 -32.57
N GLY A 70 7.05 -49.78 -33.19
CA GLY A 70 6.03 -48.87 -32.69
C GLY A 70 6.32 -47.40 -32.87
N TYR A 71 7.04 -47.05 -33.92
CA TYR A 71 7.37 -45.65 -34.21
C TYR A 71 6.42 -45.06 -35.26
N ASP A 72 6.14 -43.76 -35.13
CA ASP A 72 5.35 -43.04 -36.12
C ASP A 72 6.18 -42.79 -37.37
N SER A 73 7.43 -42.36 -37.17
CA SER A 73 8.32 -42.00 -38.27
C SER A 73 9.76 -42.42 -38.00
N LYS A 74 10.48 -42.70 -39.08
CA LYS A 74 11.91 -43.02 -39.05
C LYS A 74 12.59 -42.16 -40.10
N VAL A 75 13.72 -41.55 -39.74
CA VAL A 75 14.48 -40.73 -40.69
C VAL A 75 15.98 -40.92 -40.50
N GLU A 76 16.69 -41.08 -41.61
CA GLU A 76 18.14 -41.24 -41.58
C GLU A 76 18.82 -39.89 -41.37
N LEU A 77 19.80 -39.85 -40.47
CA LEU A 77 20.58 -38.63 -40.24
C LEU A 77 21.90 -38.72 -41.00
N GLN A 78 22.17 -37.72 -41.84
CA GLN A 78 23.41 -37.66 -42.60
C GLN A 78 24.58 -37.18 -41.72
N PRO A 79 25.63 -38.01 -41.57
CA PRO A 79 26.80 -37.62 -40.77
C PRO A 79 27.50 -36.35 -41.27
N GLU A 80 28.12 -35.62 -40.35
CA GLU A 80 28.71 -34.31 -40.65
C GLU A 80 30.17 -34.28 -40.21
N SER A 81 31.09 -34.47 -41.16
CA SER A 81 32.53 -34.47 -40.87
C SER A 81 33.10 -33.05 -40.66
N ALA A 82 32.27 -32.03 -40.84
CA ALA A 82 32.61 -30.68 -40.44
C ALA A 82 32.71 -30.56 -38.91
N GLY A 83 32.07 -31.48 -38.21
CA GLY A 83 32.07 -31.48 -36.75
C GLY A 83 31.04 -30.51 -36.22
N LEU A 84 30.96 -30.39 -34.89
CA LEU A 84 30.03 -29.47 -34.26
C LEU A 84 30.54 -28.04 -34.43
N PRO A 85 29.63 -27.09 -34.73
CA PRO A 85 30.04 -25.71 -34.91
C PRO A 85 30.40 -25.00 -33.61
N GLU A 86 31.18 -23.93 -33.75
CA GLU A 86 31.58 -23.02 -32.66
C GLU A 86 30.49 -22.78 -31.60
N THR A 87 29.30 -22.40 -32.05
CA THR A 87 28.23 -21.98 -31.12
C THR A 87 27.78 -23.14 -30.22
N VAL A 88 27.78 -24.34 -30.77
CA VAL A 88 27.40 -25.53 -30.01
C VAL A 88 28.49 -25.92 -29.01
N THR A 89 29.74 -25.94 -29.46
CA THR A 89 30.86 -26.36 -28.61
C THR A 89 31.17 -25.32 -27.51
N GLN A 90 30.86 -24.06 -27.78
CA GLN A 90 30.96 -23.02 -26.75
C GLN A 90 29.85 -23.16 -25.71
N LYS A 91 28.63 -23.45 -26.17
CA LYS A 91 27.48 -23.59 -25.26
C LYS A 91 27.51 -24.90 -24.47
N PHE A 92 28.02 -25.96 -25.09
CA PHE A 92 28.13 -27.28 -24.44
C PHE A 92 29.55 -27.84 -24.61
N PRO A 93 30.54 -27.27 -23.88
CA PRO A 93 31.93 -27.71 -24.06
C PRO A 93 32.17 -29.21 -23.83
N PHE A 94 31.49 -29.77 -22.84
CA PHE A 94 31.64 -31.18 -22.46
C PHE A 94 31.29 -32.20 -23.56
N ILE A 95 30.55 -31.79 -24.58
CA ILE A 95 30.25 -32.69 -25.72
C ILE A 95 30.93 -32.25 -27.03
N SER A 96 31.94 -31.38 -26.92
CA SER A 96 32.58 -30.78 -28.11
C SER A 96 33.19 -31.80 -29.07
N SER A 97 33.56 -32.97 -28.55
CA SER A 97 34.17 -34.04 -29.36
C SER A 97 33.16 -35.00 -30.00
N TYR A 98 31.86 -34.80 -29.74
CA TYR A 98 30.82 -35.69 -30.26
C TYR A 98 30.68 -35.56 -31.77
N ARG A 99 30.36 -36.67 -32.43
CA ARG A 99 30.12 -36.65 -33.87
C ARG A 99 28.80 -35.93 -34.16
N ALA A 100 28.79 -35.11 -35.20
CA ALA A 100 27.63 -34.33 -35.59
C ALA A 100 26.84 -35.06 -36.67
N PHE A 101 25.51 -35.04 -36.55
CA PHE A 101 24.60 -35.66 -37.51
C PHE A 101 23.56 -34.65 -37.98
N ARG A 102 23.42 -34.54 -39.31
CA ARG A 102 22.50 -33.58 -39.88
C ARG A 102 21.08 -34.13 -39.95
N VAL A 103 20.12 -33.32 -39.47
CA VAL A 103 18.70 -33.66 -39.55
C VAL A 103 18.17 -33.09 -40.86
N PRO A 104 17.55 -33.94 -41.71
CA PRO A 104 17.03 -33.43 -42.98
C PRO A 104 15.97 -32.35 -42.79
N SER A 105 15.93 -31.38 -43.69
CA SER A 105 14.96 -30.28 -43.62
C SER A 105 13.50 -30.75 -43.78
N SER A 106 13.31 -31.99 -44.22
CA SER A 106 11.98 -32.60 -44.27
C SER A 106 11.39 -32.86 -42.88
N VAL A 107 12.24 -32.97 -41.86
CA VAL A 107 11.80 -33.24 -40.49
C VAL A 107 11.06 -32.05 -39.89
N ASP A 108 9.85 -32.29 -39.39
CA ASP A 108 9.07 -31.27 -38.69
C ASP A 108 9.51 -31.23 -37.22
N VAL A 109 10.50 -30.38 -36.93
CA VAL A 109 11.16 -30.38 -35.62
C VAL A 109 10.21 -29.98 -34.48
N ALA A 110 9.33 -29.01 -34.73
CA ALA A 110 8.36 -28.59 -33.72
C ALA A 110 7.46 -29.75 -33.25
N SER A 111 7.03 -30.58 -34.19
CA SER A 111 6.21 -31.75 -33.85
C SER A 111 7.02 -32.85 -33.17
N LEU A 112 8.23 -33.09 -33.67
CA LEU A 112 9.09 -34.16 -33.15
C LEU A 112 9.47 -33.96 -31.68
N VAL A 113 9.79 -32.73 -31.29
CA VAL A 113 10.20 -32.45 -29.90
C VAL A 113 9.09 -32.68 -28.88
N LYS A 114 7.85 -32.82 -29.35
CA LYS A 114 6.72 -33.19 -28.48
C LYS A 114 6.56 -34.71 -28.35
N CYS A 115 7.40 -35.47 -29.03
CA CYS A 115 7.28 -36.93 -29.05
C CYS A 115 8.30 -37.64 -28.17
N GLN A 116 8.07 -38.94 -27.97
CA GLN A 116 9.11 -39.84 -27.51
C GLN A 116 10.11 -39.98 -28.65
N LEU A 117 11.40 -39.81 -28.35
CA LEU A 117 12.44 -39.82 -29.38
C LEU A 117 13.60 -40.73 -29.00
N VAL A 118 14.10 -41.49 -29.97
CA VAL A 118 15.35 -42.22 -29.82
C VAL A 118 16.14 -42.18 -31.12
N VAL A 119 17.46 -42.32 -31.00
CA VAL A 119 18.32 -42.60 -32.15
C VAL A 119 18.94 -43.98 -31.98
N ALA A 120 19.24 -44.63 -33.10
CA ALA A 120 19.79 -46.00 -33.08
C ALA A 120 20.97 -46.13 -34.04
N SER A 121 21.91 -47.01 -33.67
CA SER A 121 23.14 -47.23 -34.43
C SER A 121 23.27 -48.69 -34.86
N PHE A 122 24.12 -48.94 -35.86
CA PHE A 122 24.40 -50.30 -36.31
C PHE A 122 25.66 -50.35 -37.19
N ASP A 130 22.67 -50.40 -30.92
CA ASP A 130 22.72 -49.43 -29.84
C ASP A 130 21.62 -48.38 -30.00
N VAL A 131 20.83 -48.20 -28.94
CA VAL A 131 19.70 -47.26 -28.93
C VAL A 131 19.85 -46.28 -27.77
N THR A 132 19.43 -45.03 -27.97
CA THR A 132 19.42 -44.05 -26.88
C THR A 132 18.52 -42.84 -27.14
N GLY A 133 18.06 -42.23 -26.06
CA GLY A 133 17.20 -41.04 -26.13
C GLY A 133 17.96 -39.76 -26.43
N LEU A 134 17.23 -38.66 -26.57
CA LEU A 134 17.81 -37.37 -26.94
C LEU A 134 17.59 -36.33 -25.85
N GLN A 135 18.65 -35.61 -25.52
CA GLN A 135 18.56 -34.45 -24.62
C GLN A 135 18.30 -33.22 -25.47
N LEU A 136 17.16 -32.56 -25.23
CA LEU A 136 16.64 -31.52 -26.14
C LEU A 136 16.95 -30.03 -25.86
N PRO A 137 17.58 -29.68 -24.72
CA PRO A 137 17.69 -28.23 -24.48
C PRO A 137 18.30 -27.37 -25.60
N GLY A 138 19.34 -27.87 -26.26
CA GLY A 138 19.98 -27.11 -27.33
C GLY A 138 19.00 -26.71 -28.42
N VAL A 139 18.25 -27.68 -28.92
CA VAL A 139 17.28 -27.41 -29.99
C VAL A 139 16.09 -26.59 -29.48
N LEU A 140 15.70 -26.80 -28.23
CA LEU A 140 14.59 -26.04 -27.65
C LEU A 140 14.92 -24.54 -27.56
N ASP A 141 16.15 -24.22 -27.17
CA ASP A 141 16.64 -22.84 -27.21
C ASP A 141 16.80 -22.30 -28.64
N ASP A 142 17.36 -23.12 -29.52
CA ASP A 142 17.59 -22.71 -30.90
C ASP A 142 16.30 -22.29 -31.60
N MET A 143 15.23 -23.02 -31.35
CA MET A 143 13.94 -22.81 -32.03
C MET A 143 12.92 -21.99 -31.22
N PHE A 144 12.95 -22.12 -29.90
CA PHE A 144 11.87 -21.58 -29.07
C PHE A 144 12.28 -20.58 -27.99
N ALA A 145 13.52 -20.13 -28.00
CA ALA A 145 13.93 -19.08 -27.05
C ALA A 145 12.95 -17.92 -27.16
N TYR A 146 12.47 -17.43 -26.03
CA TYR A 146 11.30 -16.53 -26.01
C TYR A 146 11.44 -15.41 -24.99
N THR A 147 11.19 -14.18 -25.43
CA THR A 147 11.38 -12.99 -24.59
C THR A 147 10.07 -12.28 -24.27
N GLY A 148 8.95 -12.81 -24.76
CA GLY A 148 7.66 -12.17 -24.54
C GLY A 148 7.14 -12.43 -23.14
N PRO A 149 5.93 -11.93 -22.85
CA PRO A 149 5.38 -12.07 -21.50
C PRO A 149 5.22 -13.52 -21.05
N LEU A 150 5.52 -13.78 -19.78
CA LEU A 150 5.24 -15.06 -19.14
C LEU A 150 4.49 -14.81 -17.84
N GLY A 151 3.70 -15.79 -17.42
CA GLY A 151 2.86 -15.63 -16.24
C GLY A 151 1.63 -14.82 -16.59
N ALA A 152 1.12 -14.08 -15.61
CA ALA A 152 -0.11 -13.30 -15.78
C ALA A 152 0.20 -11.85 -16.14
N VAL A 153 -0.53 -11.33 -17.13
CA VAL A 153 -0.43 -9.93 -17.53
C VAL A 153 -1.80 -9.30 -17.36
N PHE A 154 -1.84 -8.19 -16.63
CA PHE A 154 -3.09 -7.51 -16.34
C PHE A 154 -3.22 -6.24 -17.18
N SER A 155 -4.36 -6.12 -17.87
CA SER A 155 -4.72 -4.89 -18.56
C SER A 155 -6.06 -4.43 -18.03
N GLU A 156 -6.47 -3.22 -18.41
CA GLU A 156 -7.68 -2.62 -17.86
C GLU A 156 -8.92 -3.50 -18.05
N ASP A 157 -9.00 -4.19 -19.18
CA ASP A 157 -10.18 -5.00 -19.52
C ASP A 157 -9.90 -6.50 -19.67
N SER A 158 -8.71 -6.96 -19.27
CA SER A 158 -8.37 -8.37 -19.45
C SER A 158 -7.26 -8.88 -18.54
N VAL A 159 -7.17 -10.21 -18.47
CA VAL A 159 -6.05 -10.92 -17.84
C VAL A 159 -5.66 -12.02 -18.82
N SER A 160 -4.36 -12.10 -19.15
CA SER A 160 -3.86 -13.16 -20.01
C SER A 160 -2.82 -14.00 -19.28
N LEU A 161 -2.77 -15.28 -19.61
CA LEU A 161 -1.79 -16.21 -19.06
C LEU A 161 -0.90 -16.73 -20.18
N HIS A 162 0.40 -16.87 -19.89
CA HIS A 162 1.38 -17.35 -20.86
C HIS A 162 2.33 -18.34 -20.19
N LEU A 163 2.55 -19.47 -20.85
CA LEU A 163 3.41 -20.53 -20.32
C LEU A 163 4.32 -21.07 -21.43
N TRP A 164 5.62 -21.12 -21.15
CA TRP A 164 6.60 -21.68 -22.07
C TRP A 164 6.65 -23.19 -21.88
N ALA A 165 6.24 -23.94 -22.90
CA ALA A 165 6.19 -25.39 -22.81
C ALA A 165 6.23 -25.99 -24.22
N PRO A 166 7.39 -25.85 -24.89
CA PRO A 166 7.49 -26.24 -26.30
C PRO A 166 7.38 -27.74 -26.56
N THR A 167 7.64 -28.57 -25.56
CA THR A 167 7.53 -30.02 -25.72
C THR A 167 6.14 -30.56 -25.38
N ALA A 168 5.27 -29.71 -24.83
CA ALA A 168 3.95 -30.15 -24.39
C ALA A 168 3.02 -30.38 -25.57
N GLN A 169 2.19 -31.40 -25.47
CA GLN A 169 1.20 -31.71 -26.51
C GLN A 169 -0.08 -30.91 -26.28
N GLY A 170 -0.30 -30.48 -25.04
CA GLY A 170 -1.46 -29.64 -24.72
C GLY A 170 -1.31 -28.95 -23.38
N VAL A 171 -1.87 -27.75 -23.29
CA VAL A 171 -1.91 -26.98 -22.05
C VAL A 171 -3.28 -26.36 -21.88
N SER A 172 -3.90 -26.59 -20.73
CA SER A 172 -5.12 -25.89 -20.32
C SER A 172 -4.88 -25.28 -18.95
N VAL A 173 -5.78 -24.38 -18.56
CA VAL A 173 -5.76 -23.79 -17.22
C VAL A 173 -7.03 -24.15 -16.45
N CYS A 174 -6.86 -24.74 -15.27
N CYS A 174 -6.86 -24.76 -15.28
CA CYS A 174 -7.96 -25.07 -14.38
CA CYS A 174 -7.99 -25.07 -14.39
C CYS A 174 -8.09 -23.97 -13.33
C CYS A 174 -8.10 -23.99 -13.34
N PHE A 175 -9.25 -23.30 -13.32
CA PHE A 175 -9.50 -22.20 -12.38
C PHE A 175 -10.28 -22.67 -11.17
N PHE A 176 -10.05 -21.98 -10.06
CA PHE A 176 -10.78 -22.20 -8.81
C PHE A 176 -11.19 -20.86 -8.22
N ASP A 177 -12.35 -20.87 -7.57
CA ASP A 177 -12.81 -19.73 -6.78
C ASP A 177 -12.46 -20.02 -5.32
N GLY A 178 -11.23 -19.69 -4.95
CA GLY A 178 -10.73 -19.90 -3.59
C GLY A 178 -9.60 -20.90 -3.52
N PRO A 179 -8.85 -20.90 -2.41
CA PRO A 179 -7.68 -21.77 -2.27
C PRO A 179 -8.00 -23.23 -1.98
N ALA A 180 -9.25 -23.54 -1.60
CA ALA A 180 -9.62 -24.90 -1.20
C ALA A 180 -10.77 -25.53 -2.01
N GLY A 181 -11.66 -24.69 -2.52
CA GLY A 181 -12.89 -25.16 -3.13
C GLY A 181 -12.76 -25.87 -4.47
N PRO A 182 -13.88 -26.34 -5.03
CA PRO A 182 -13.88 -27.14 -6.25
C PRO A 182 -13.60 -26.34 -7.53
N ALA A 183 -13.34 -27.05 -8.62
CA ALA A 183 -13.05 -26.43 -9.91
C ALA A 183 -14.18 -25.53 -10.40
N LEU A 184 -13.78 -24.40 -11.00
CA LEU A 184 -14.70 -23.40 -11.52
C LEU A 184 -14.92 -23.64 -13.01
N GLU A 185 -13.82 -23.72 -13.75
CA GLU A 185 -13.82 -24.04 -15.17
C GLU A 185 -12.40 -24.32 -15.65
N THR A 186 -12.29 -25.03 -16.77
CA THR A 186 -11.01 -25.30 -17.43
C THR A 186 -11.05 -24.65 -18.81
N VAL A 187 -10.03 -23.85 -19.11
CA VAL A 187 -9.93 -23.16 -20.40
C VAL A 187 -8.68 -23.62 -21.12
N GLN A 188 -8.80 -23.92 -22.41
CA GLN A 188 -7.66 -24.33 -23.21
C GLN A 188 -6.76 -23.14 -23.54
N LEU A 189 -5.45 -23.39 -23.53
CA LEU A 189 -4.48 -22.44 -24.05
C LEU A 189 -4.08 -22.84 -25.47
N LYS A 190 -3.65 -21.86 -26.25
CA LYS A 190 -3.26 -22.07 -27.63
C LYS A 190 -1.78 -21.78 -27.78
N GLU A 191 -1.09 -22.62 -28.54
CA GLU A 191 0.36 -22.53 -28.68
C GLU A 191 0.80 -21.71 -29.88
N SER A 192 1.80 -20.86 -29.67
CA SER A 192 2.46 -20.16 -30.77
C SER A 192 3.96 -20.14 -30.49
N ASN A 193 4.72 -20.85 -31.34
CA ASN A 193 6.17 -20.98 -31.20
C ASN A 193 6.60 -21.38 -29.79
N GLY A 194 6.01 -22.47 -29.28
CA GLY A 194 6.38 -23.03 -27.98
C GLY A 194 5.69 -22.43 -26.77
N VAL A 195 5.04 -21.28 -26.94
CA VAL A 195 4.41 -20.58 -25.82
C VAL A 195 2.91 -20.73 -25.89
N TRP A 196 2.32 -21.16 -24.77
CA TRP A 196 0.88 -21.38 -24.67
C TRP A 196 0.25 -20.16 -24.01
N SER A 197 -0.84 -19.67 -24.58
CA SER A 197 -1.50 -18.48 -24.03
C SER A 197 -3.02 -18.52 -24.13
N VAL A 198 -3.65 -17.71 -23.30
CA VAL A 198 -5.08 -17.46 -23.35
C VAL A 198 -5.36 -16.11 -22.72
N THR A 199 -6.38 -15.43 -23.21
CA THR A 199 -6.81 -14.15 -22.67
C THR A 199 -8.25 -14.29 -22.18
N GLY A 200 -8.50 -13.73 -21.00
CA GLY A 200 -9.83 -13.75 -20.41
C GLY A 200 -10.23 -12.38 -19.91
N PRO A 201 -11.43 -12.26 -19.34
CA PRO A 201 -11.90 -10.98 -18.82
C PRO A 201 -11.17 -10.59 -17.54
N ARG A 202 -11.29 -9.32 -17.15
CA ARG A 202 -10.62 -8.80 -15.97
C ARG A 202 -11.10 -9.46 -14.67
N GLU A 203 -12.30 -10.04 -14.71
CA GLU A 203 -12.86 -10.73 -13.54
C GLU A 203 -12.16 -12.05 -13.19
N TRP A 204 -11.28 -12.52 -14.08
CA TRP A 204 -10.36 -13.62 -13.75
C TRP A 204 -9.44 -13.27 -12.58
N GLU A 205 -9.23 -11.98 -12.32
CA GLU A 205 -8.38 -11.52 -11.22
C GLU A 205 -8.82 -12.09 -9.88
N ASN A 206 -7.83 -12.54 -9.11
CA ASN A 206 -8.00 -13.13 -7.78
C ASN A 206 -8.57 -14.56 -7.75
N ARG A 207 -8.81 -15.14 -8.93
CA ARG A 207 -9.04 -16.59 -9.02
C ARG A 207 -7.75 -17.31 -8.64
N TYR A 208 -7.86 -18.60 -8.34
CA TYR A 208 -6.71 -19.46 -8.18
C TYR A 208 -6.67 -20.39 -9.39
N TYR A 209 -5.47 -20.86 -9.76
CA TYR A 209 -5.35 -21.72 -10.93
C TYR A 209 -4.14 -22.66 -10.92
N LEU A 210 -4.24 -23.67 -11.77
CA LEU A 210 -3.16 -24.59 -12.08
C LEU A 210 -3.17 -24.86 -13.57
N TYR A 211 -2.00 -25.19 -14.13
CA TYR A 211 -1.93 -25.61 -15.53
C TYR A 211 -2.06 -27.12 -15.63
N GLU A 212 -2.88 -27.58 -16.57
CA GLU A 212 -2.92 -28.99 -16.96
C GLU A 212 -2.03 -29.14 -18.19
N VAL A 213 -0.90 -29.81 -18.02
CA VAL A 213 0.10 -29.92 -19.06
C VAL A 213 0.28 -31.37 -19.48
N ASP A 214 -0.02 -31.68 -20.74
CA ASP A 214 0.22 -33.00 -21.32
C ASP A 214 1.59 -33.01 -21.97
N VAL A 215 2.52 -33.80 -21.42
CA VAL A 215 3.90 -33.78 -21.88
C VAL A 215 4.63 -35.10 -21.62
N TYR A 216 5.53 -35.44 -22.53
CA TYR A 216 6.33 -36.65 -22.42
C TYR A 216 7.36 -36.51 -21.32
N HIS A 217 7.38 -37.47 -20.40
CA HIS A 217 8.31 -37.48 -19.28
C HIS A 217 9.28 -38.65 -19.40
N PRO A 218 10.55 -38.36 -19.78
CA PRO A 218 11.58 -39.40 -19.92
C PRO A 218 11.63 -40.38 -18.75
N THR A 219 11.56 -39.88 -17.52
CA THR A 219 11.68 -40.73 -16.32
C THR A 219 10.59 -41.81 -16.24
N LYS A 220 9.43 -41.54 -16.84
CA LYS A 220 8.33 -42.49 -16.87
C LYS A 220 8.09 -43.14 -18.23
N ALA A 221 8.75 -42.62 -19.27
CA ALA A 221 8.56 -43.09 -20.65
C ALA A 221 7.09 -43.06 -21.08
N GLN A 222 6.35 -42.07 -20.59
CA GLN A 222 4.94 -41.88 -20.94
C GLN A 222 4.62 -40.41 -21.14
N VAL A 223 3.60 -40.15 -21.94
CA VAL A 223 2.98 -38.83 -22.03
C VAL A 223 2.02 -38.71 -20.84
N LEU A 224 2.30 -37.79 -19.94
CA LEU A 224 1.55 -37.65 -18.69
C LEU A 224 0.85 -36.30 -18.59
N LYS A 225 -0.36 -36.32 -18.02
CA LYS A 225 -1.09 -35.10 -17.71
C LYS A 225 -0.68 -34.61 -16.32
N CYS A 226 0.12 -33.55 -16.30
CA CYS A 226 0.65 -33.01 -15.05
C CYS A 226 -0.11 -31.75 -14.64
N LEU A 227 -0.32 -31.61 -13.34
CA LEU A 227 -1.00 -30.46 -12.77
C LEU A 227 0.03 -29.54 -12.12
N ALA A 228 0.32 -28.41 -12.76
CA ALA A 228 1.48 -27.59 -12.40
C ALA A 228 1.13 -26.16 -12.04
N GLY A 229 1.87 -25.60 -11.07
CA GLY A 229 1.79 -24.18 -10.76
C GLY A 229 2.49 -23.38 -11.84
N ASP A 230 2.42 -22.06 -11.73
CA ASP A 230 3.04 -21.16 -12.71
C ASP A 230 4.47 -20.82 -12.28
N PRO A 231 5.47 -21.10 -13.14
CA PRO A 231 6.85 -20.70 -12.85
C PRO A 231 6.97 -19.20 -12.54
N TYR A 232 6.09 -18.40 -13.14
CA TYR A 232 6.08 -16.96 -12.93
C TYR A 232 5.06 -16.52 -11.88
N ALA A 233 4.69 -17.42 -10.96
CA ALA A 233 3.74 -17.08 -9.91
C ALA A 233 4.27 -15.93 -9.05
N ARG A 234 3.34 -15.08 -8.61
CA ARG A 234 3.64 -14.00 -7.67
C ARG A 234 2.94 -14.20 -6.32
N SER A 235 1.94 -15.06 -6.29
CA SER A 235 1.43 -15.56 -5.01
C SER A 235 0.80 -16.93 -5.17
N LEU A 236 0.58 -17.58 -4.03
CA LEU A 236 0.17 -18.98 -3.97
C LEU A 236 -0.78 -19.20 -2.81
N SER A 237 -1.59 -20.23 -2.90
CA SER A 237 -2.30 -20.75 -1.73
C SER A 237 -1.30 -21.48 -0.84
N ALA A 238 -1.76 -21.94 0.31
CA ALA A 238 -0.93 -22.69 1.25
C ALA A 238 -0.18 -23.81 0.53
N ASN A 239 1.13 -23.87 0.77
CA ASN A 239 2.04 -24.87 0.20
C ASN A 239 2.15 -24.88 -1.33
N GLY A 240 1.73 -23.80 -1.97
CA GLY A 240 1.77 -23.71 -3.43
C GLY A 240 0.85 -24.66 -4.16
N ALA A 241 -0.20 -25.14 -3.49
CA ALA A 241 -1.12 -26.10 -4.10
C ALA A 241 -1.81 -25.48 -5.30
N ARG A 242 -2.09 -24.17 -5.21
CA ARG A 242 -2.65 -23.42 -6.31
C ARG A 242 -1.96 -22.08 -6.45
N THR A 243 -1.96 -21.53 -7.67
CA THR A 243 -1.41 -20.20 -7.92
C THR A 243 -2.52 -19.17 -7.80
N TRP A 244 -2.25 -18.05 -7.12
CA TRP A 244 -3.24 -16.98 -6.97
C TRP A 244 -3.04 -15.97 -8.09
N LEU A 245 -4.10 -15.71 -8.84
CA LEU A 245 -4.01 -14.83 -9.99
C LEU A 245 -4.13 -13.38 -9.54
N VAL A 246 -3.10 -12.92 -8.83
CA VAL A 246 -3.07 -11.61 -8.19
C VAL A 246 -2.34 -10.59 -9.07
N ASP A 247 -2.82 -9.35 -9.06
CA ASP A 247 -2.13 -8.24 -9.71
C ASP A 247 -1.17 -7.63 -8.68
N ILE A 248 0.13 -7.87 -8.86
CA ILE A 248 1.15 -7.45 -7.89
C ILE A 248 1.22 -5.93 -7.71
N ASN A 249 0.66 -5.19 -8.66
CA ASN A 249 0.63 -3.72 -8.59
C ASN A 249 -0.60 -3.14 -7.88
N ASN A 250 -1.48 -4.00 -7.38
CA ASN A 250 -2.70 -3.55 -6.72
C ASN A 250 -2.36 -2.69 -5.49
N GLU A 251 -3.02 -1.54 -5.39
CA GLU A 251 -2.79 -0.59 -4.30
C GLU A 251 -2.95 -1.22 -2.90
N THR A 252 -3.89 -2.16 -2.75
CA THR A 252 -4.16 -2.75 -1.43
C THR A 252 -3.05 -3.68 -0.94
N LEU A 253 -2.15 -4.06 -1.84
CA LEU A 253 -0.97 -4.85 -1.47
C LEU A 253 0.19 -3.98 -0.99
N LYS A 254 0.02 -2.66 -1.03
CA LYS A 254 1.08 -1.72 -0.68
C LYS A 254 0.93 -1.24 0.76
N PRO A 255 1.99 -1.36 1.57
CA PRO A 255 1.99 -0.72 2.88
C PRO A 255 1.85 0.79 2.72
N ALA A 256 1.43 1.49 3.78
CA ALA A 256 1.38 2.95 3.75
C ALA A 256 2.76 3.50 3.38
N SER A 257 2.77 4.45 2.43
CA SER A 257 3.98 5.12 1.93
C SER A 257 4.94 4.20 1.18
N TRP A 258 4.45 3.07 0.70
CA TRP A 258 5.30 2.11 -0.01
C TRP A 258 6.01 2.75 -1.20
N ASP A 259 5.27 3.49 -2.01
CA ASP A 259 5.82 4.06 -3.25
C ASP A 259 6.90 5.13 -3.04
N GLU A 260 6.99 5.66 -1.82
N GLU A 260 7.02 5.68 -1.84
CA GLU A 260 8.02 6.64 -1.45
CA GLU A 260 8.09 6.63 -1.53
C GLU A 260 9.16 6.01 -0.63
C GLU A 260 9.21 6.01 -0.68
N LEU A 261 9.27 4.69 -0.63
CA LEU A 261 10.31 3.99 0.14
C LEU A 261 11.71 4.34 -0.35
N ALA A 262 11.86 4.55 -1.66
CA ALA A 262 13.15 4.98 -2.22
C ALA A 262 13.70 6.22 -1.49
N ASP A 263 12.83 7.19 -1.21
CA ASP A 263 13.24 8.42 -0.51
C ASP A 263 13.67 8.15 0.94
N GLU A 264 13.16 7.07 1.53
CA GLU A 264 13.45 6.72 2.92
C GLU A 264 14.59 5.73 3.06
N LYS A 265 15.05 5.16 1.95
CA LYS A 265 16.11 4.14 2.03
C LYS A 265 17.39 4.75 2.57
N PRO A 266 18.15 3.99 3.38
CA PRO A 266 19.40 4.51 3.93
C PRO A 266 20.38 4.81 2.81
N LYS A 267 21.15 5.89 2.95
CA LYS A 267 22.09 6.27 1.92
C LYS A 267 23.18 5.20 1.82
N LEU A 268 23.63 4.95 0.60
CA LEU A 268 24.77 4.07 0.35
C LEU A 268 25.66 4.76 -0.67
N ASP A 269 26.76 5.35 -0.21
CA ASP A 269 27.64 6.13 -1.09
C ASP A 269 28.46 5.23 -2.00
N SER A 270 28.75 4.02 -1.53
CA SER A 270 29.67 3.12 -2.22
C SER A 270 29.44 1.70 -1.75
N PHE A 271 29.66 0.73 -2.64
CA PHE A 271 29.66 -0.69 -2.24
C PHE A 271 30.76 -0.97 -1.22
N SER A 272 31.82 -0.15 -1.23
CA SER A 272 32.90 -0.29 -0.25
C SER A 272 32.47 0.00 1.20
N ASP A 273 31.31 0.63 1.38
CA ASP A 273 30.79 0.92 2.71
C ASP A 273 29.92 -0.21 3.29
N ILE A 274 29.77 -1.31 2.55
CA ILE A 274 28.85 -2.37 2.95
C ILE A 274 29.40 -3.21 4.10
N THR A 275 28.56 -3.45 5.11
CA THR A 275 28.77 -4.55 6.06
C THR A 275 27.51 -5.40 6.09
N ILE A 276 27.68 -6.71 6.25
CA ILE A 276 26.58 -7.67 6.14
C ILE A 276 26.38 -8.49 7.41
N TYR A 277 25.10 -8.66 7.77
CA TYR A 277 24.66 -9.42 8.93
C TYR A 277 23.71 -10.50 8.45
N GLU A 278 24.08 -11.76 8.61
CA GLU A 278 23.34 -12.89 8.04
C GLU A 278 22.38 -13.50 9.04
N LEU A 279 21.07 -13.44 8.73
CA LEU A 279 20.00 -13.70 9.69
C LEU A 279 18.88 -14.55 9.11
N HIS A 280 18.41 -15.52 9.89
CA HIS A 280 17.28 -16.37 9.54
C HIS A 280 16.01 -15.75 10.12
N ILE A 281 14.97 -15.63 9.30
CA ILE A 281 13.71 -14.99 9.68
C ILE A 281 13.07 -15.63 10.93
N ARG A 282 12.99 -16.96 10.97
CA ARG A 282 12.44 -17.61 12.15
C ARG A 282 13.33 -17.45 13.40
N ASP A 283 14.63 -17.64 13.26
CA ASP A 283 15.59 -17.47 14.37
C ASP A 283 15.40 -16.12 15.05
N PHE A 284 15.19 -15.09 14.24
CA PHE A 284 15.11 -13.71 14.71
C PHE A 284 14.07 -13.50 15.80
N SER A 285 12.91 -14.13 15.68
CA SER A 285 11.80 -13.85 16.60
C SER A 285 11.13 -15.06 17.27
N ALA A 286 11.56 -16.28 16.92
CA ALA A 286 10.95 -17.50 17.45
C ALA A 286 10.91 -17.54 18.98
N HIS A 287 11.93 -16.97 19.62
CA HIS A 287 12.05 -16.96 21.08
C HIS A 287 11.82 -15.59 21.73
N ASP A 288 11.39 -14.60 20.94
CA ASP A 288 11.34 -13.24 21.43
C ASP A 288 10.02 -12.97 22.14
N GLY A 289 10.07 -12.96 23.47
CA GLY A 289 8.89 -12.73 24.30
C GLY A 289 8.28 -11.33 24.16
N THR A 290 9.05 -10.38 23.63
CA THR A 290 8.56 -9.02 23.40
C THR A 290 7.70 -8.91 22.13
N VAL A 291 7.72 -9.97 21.32
CA VAL A 291 6.82 -10.10 20.18
C VAL A 291 5.61 -10.93 20.65
N ASP A 292 4.42 -10.60 20.16
N ASP A 292 4.42 -10.61 20.15
CA ASP A 292 3.21 -11.33 20.52
CA ASP A 292 3.20 -11.34 20.51
C ASP A 292 3.29 -12.77 20.02
C ASP A 292 3.31 -12.78 20.03
N SER A 293 2.85 -13.72 20.87
CA SER A 293 2.97 -15.16 20.60
C SER A 293 2.49 -15.61 19.22
N ASP A 294 1.39 -15.01 18.76
CA ASP A 294 0.79 -15.36 17.47
C ASP A 294 1.53 -14.74 16.28
N SER A 295 2.53 -13.91 16.54
CA SER A 295 3.26 -13.20 15.49
C SER A 295 4.76 -13.47 15.50
N ARG A 296 5.18 -14.58 16.12
CA ARG A 296 6.61 -14.93 16.18
C ARG A 296 7.03 -15.80 14.99
N GLY A 297 8.23 -15.56 14.49
CA GLY A 297 8.87 -16.44 13.52
C GLY A 297 8.78 -16.04 12.06
N GLY A 298 8.17 -14.90 11.76
CA GLY A 298 7.83 -14.57 10.38
C GLY A 298 8.09 -13.12 9.99
N PHE A 299 7.50 -12.72 8.86
CA PHE A 299 7.68 -11.39 8.31
C PHE A 299 7.19 -10.30 9.27
N ARG A 300 6.01 -10.52 9.87
CA ARG A 300 5.38 -9.51 10.75
C ARG A 300 6.24 -9.10 11.93
N ALA A 301 7.07 -10.01 12.43
CA ALA A 301 7.90 -9.74 13.60
C ALA A 301 8.82 -8.54 13.41
N PHE A 302 9.17 -8.24 12.16
CA PHE A 302 10.03 -7.11 11.86
C PHE A 302 9.29 -5.78 12.02
N ALA A 303 7.96 -5.81 12.04
CA ALA A 303 7.17 -4.61 12.33
C ALA A 303 7.15 -4.21 13.81
N TYR A 304 7.58 -5.10 14.70
CA TYR A 304 7.66 -4.82 16.14
C TYR A 304 8.93 -4.02 16.47
N GLN A 305 8.89 -2.70 16.24
CA GLN A 305 10.07 -1.85 16.42
C GLN A 305 10.65 -1.84 17.82
N ALA A 306 9.78 -1.90 18.81
CA ALA A 306 10.19 -1.88 20.22
C ALA A 306 10.57 -3.25 20.73
N SER A 307 10.48 -4.28 19.88
CA SER A 307 10.88 -5.62 20.27
C SER A 307 12.38 -5.63 20.58
N ALA A 308 12.79 -6.57 21.43
CA ALA A 308 14.20 -6.74 21.74
C ALA A 308 15.01 -7.00 20.48
N GLY A 309 14.44 -7.79 19.56
CA GLY A 309 15.11 -8.11 18.29
C GLY A 309 15.35 -6.92 17.42
N MET A 310 14.31 -6.11 17.20
CA MET A 310 14.45 -4.90 16.38
C MET A 310 15.29 -3.84 17.06
N GLU A 311 15.25 -3.78 18.40
CA GLU A 311 16.14 -2.88 19.14
C GLU A 311 17.60 -3.34 18.97
N HIS A 312 17.81 -4.65 18.93
CA HIS A 312 19.15 -5.20 18.67
C HIS A 312 19.67 -4.79 17.29
N LEU A 313 18.86 -4.98 16.25
CA LEU A 313 19.25 -4.57 14.89
C LEU A 313 19.42 -3.05 14.77
N ARG A 314 18.60 -2.29 15.49
CA ARG A 314 18.75 -0.83 15.54
C ARG A 314 20.12 -0.44 16.09
N LYS A 315 20.53 -1.13 17.16
CA LYS A 315 21.82 -0.91 17.81
C LYS A 315 22.96 -1.15 16.83
N LEU A 316 22.89 -2.25 16.09
CA LEU A 316 23.95 -2.57 15.11
C LEU A 316 23.94 -1.59 13.96
N SER A 317 22.75 -1.25 13.47
CA SER A 317 22.58 -0.29 12.39
C SER A 317 23.15 1.07 12.75
N ASP A 318 22.86 1.51 13.97
CA ASP A 318 23.35 2.79 14.48
C ASP A 318 24.88 2.79 14.59
N ALA A 319 25.47 1.64 14.91
CA ALA A 319 26.93 1.52 15.00
C ALA A 319 27.60 1.53 13.62
N GLY A 320 26.82 1.22 12.58
CA GLY A 320 27.31 1.34 11.22
C GLY A 320 26.95 0.20 10.26
N LEU A 321 26.39 -0.89 10.77
CA LEU A 321 25.96 -2.01 9.92
C LEU A 321 25.02 -1.52 8.82
N THR A 322 25.26 -1.96 7.58
CA THR A 322 24.47 -1.45 6.45
C THR A 322 23.44 -2.43 5.87
N HIS A 323 23.75 -3.73 5.88
CA HIS A 323 22.89 -4.74 5.24
C HIS A 323 22.58 -5.93 6.13
N VAL A 324 21.31 -6.34 6.07
CA VAL A 324 20.88 -7.61 6.66
C VAL A 324 20.58 -8.59 5.53
N HIS A 325 21.26 -9.73 5.57
CA HIS A 325 21.09 -10.81 4.61
C HIS A 325 20.14 -11.82 5.25
N LEU A 326 18.95 -11.98 4.66
CA LEU A 326 17.94 -12.89 5.16
C LEU A 326 18.04 -14.23 4.45
N LEU A 327 18.07 -15.31 5.23
CA LEU A 327 18.06 -16.65 4.65
C LEU A 327 16.78 -16.86 3.82
N PRO A 328 16.78 -17.89 2.95
CA PRO A 328 15.74 -18.05 1.94
C PRO A 328 14.33 -17.72 2.39
N SER A 329 13.66 -16.84 1.65
CA SER A 329 12.34 -16.32 2.04
C SER A 329 11.31 -16.40 0.91
N PHE A 330 11.63 -17.16 -0.13
CA PHE A 330 10.75 -17.45 -1.26
C PHE A 330 10.05 -18.79 -0.96
N HIS A 331 9.25 -19.29 -1.90
CA HIS A 331 8.51 -20.53 -1.68
C HIS A 331 9.44 -21.75 -1.77
N PHE A 332 9.79 -22.28 -0.59
CA PHE A 332 10.65 -23.46 -0.45
C PHE A 332 9.91 -24.59 0.25
N ALA A 333 10.36 -25.82 0.01
CA ALA A 333 9.80 -27.02 0.66
C ALA A 333 10.50 -27.31 1.99
N GLY A 334 9.82 -28.07 2.84
CA GLY A 334 10.39 -28.51 4.11
C GLY A 334 9.80 -27.83 5.33
N VAL A 335 8.93 -26.85 5.11
CA VAL A 335 8.11 -26.28 6.17
C VAL A 335 6.70 -26.14 5.60
N ASP A 336 5.73 -26.69 6.33
CA ASP A 336 4.32 -26.60 5.96
C ASP A 336 3.86 -25.16 6.18
N ASP A 337 3.18 -24.58 5.20
CA ASP A 337 2.61 -23.23 5.34
C ASP A 337 1.44 -23.18 6.32
N ILE A 338 0.84 -24.35 6.60
CA ILE A 338 -0.34 -24.44 7.45
C ILE A 338 0.10 -24.62 8.91
N LYS A 339 -0.04 -23.58 9.71
CA LYS A 339 0.50 -23.54 11.07
C LYS A 339 -0.10 -24.58 12.02
N SER A 340 -1.34 -25.01 11.76
CA SER A 340 -1.98 -26.03 12.60
C SER A 340 -1.32 -27.41 12.51
N ASN A 341 -0.45 -27.60 11.51
CA ASN A 341 0.34 -28.81 11.37
C ASN A 341 1.69 -28.76 12.07
N TRP A 342 2.04 -27.58 12.61
CA TRP A 342 3.33 -27.40 13.26
C TRP A 342 3.42 -28.13 14.59
N LYS A 343 4.56 -28.76 14.82
CA LYS A 343 4.83 -29.45 16.06
C LYS A 343 6.08 -28.89 16.72
N PHE A 344 6.12 -29.03 18.04
CA PHE A 344 7.11 -28.38 18.89
C PHE A 344 7.59 -29.35 19.96
N VAL A 345 8.82 -29.15 20.42
CA VAL A 345 9.32 -29.90 21.57
C VAL A 345 8.73 -29.33 22.86
N ASP A 346 8.72 -30.15 23.90
CA ASP A 346 8.36 -29.71 25.25
C ASP A 346 9.57 -28.96 25.82
N GLU A 347 9.55 -27.63 25.68
CA GLU A 347 10.71 -26.80 26.02
C GLU A 347 11.10 -26.89 27.50
N CYS A 348 10.11 -27.02 28.37
CA CYS A 348 10.36 -27.11 29.80
C CYS A 348 11.03 -28.44 30.17
N GLU A 349 10.57 -29.54 29.59
CA GLU A 349 11.20 -30.86 29.78
C GLU A 349 12.65 -30.87 29.32
N LEU A 350 12.86 -30.47 28.06
CA LEU A 350 14.21 -30.43 27.50
C LEU A 350 15.18 -29.57 28.31
N ALA A 351 14.66 -28.52 28.94
CA ALA A 351 15.47 -27.65 29.81
C ALA A 351 16.03 -28.38 31.04
N THR A 352 15.38 -29.48 31.44
CA THR A 352 15.82 -30.27 32.59
C THR A 352 16.89 -31.30 32.27
N PHE A 353 17.07 -31.63 30.98
CA PHE A 353 18.06 -32.63 30.58
C PHE A 353 19.49 -32.09 30.72
N PRO A 354 20.47 -32.98 30.97
CA PRO A 354 21.85 -32.53 31.10
C PRO A 354 22.43 -31.90 29.83
N PRO A 355 23.44 -31.04 29.98
CA PRO A 355 23.97 -30.27 28.85
C PRO A 355 24.68 -31.09 27.78
N GLY A 356 25.15 -32.28 28.13
CA GLY A 356 25.79 -33.19 27.18
C GLY A 356 24.96 -34.44 26.87
N SER A 357 23.68 -34.40 27.21
CA SER A 357 22.78 -35.52 26.95
C SER A 357 22.42 -35.58 25.47
N ASP A 358 22.02 -36.77 25.02
CA ASP A 358 21.56 -36.98 23.63
C ASP A 358 20.03 -36.95 23.52
N MET A 359 19.35 -36.65 24.63
CA MET A 359 17.90 -36.69 24.67
C MET A 359 17.26 -35.48 23.98
N GLN A 360 17.90 -34.32 24.10
CA GLN A 360 17.37 -33.11 23.48
C GLN A 360 17.27 -33.29 21.96
N GLN A 361 18.35 -33.75 21.35
CA GLN A 361 18.37 -33.97 19.90
C GLN A 361 17.39 -35.07 19.47
N ALA A 362 17.19 -36.08 20.31
CA ALA A 362 16.22 -37.13 20.01
C ALA A 362 14.80 -36.57 19.90
N ALA A 363 14.46 -35.64 20.80
CA ALA A 363 13.15 -35.01 20.79
C ALA A 363 12.98 -34.08 19.58
N VAL A 364 14.03 -33.33 19.27
CA VAL A 364 14.02 -32.43 18.11
C VAL A 364 13.86 -33.23 16.82
N VAL A 365 14.64 -34.30 16.68
CA VAL A 365 14.62 -35.12 15.48
C VAL A 365 13.27 -35.83 15.30
N ALA A 366 12.62 -36.17 16.41
CA ALA A 366 11.29 -36.78 16.37
C ALA A 366 10.24 -35.91 15.67
N ILE A 367 10.42 -34.59 15.69
CA ILE A 367 9.47 -33.66 15.08
C ILE A 367 10.07 -32.80 13.96
N GLN A 368 11.33 -33.02 13.60
CA GLN A 368 12.02 -32.09 12.69
C GLN A 368 11.42 -32.00 11.29
N GLU A 369 10.73 -33.06 10.85
CA GLU A 369 10.08 -33.05 9.54
C GLU A 369 8.72 -32.33 9.56
N GLU A 370 8.21 -32.03 10.76
CA GLU A 370 6.88 -31.43 10.92
C GLU A 370 6.88 -30.15 11.76
N ASP A 371 8.05 -29.59 12.05
CA ASP A 371 8.14 -28.37 12.84
C ASP A 371 8.16 -27.15 11.91
N PRO A 372 8.15 -25.92 12.48
CA PRO A 372 8.15 -24.74 11.61
C PRO A 372 9.52 -24.39 11.02
N TYR A 373 10.51 -25.26 11.18
CA TYR A 373 11.89 -24.87 10.98
C TYR A 373 12.59 -25.49 9.78
N ASN A 374 13.18 -24.64 8.96
CA ASN A 374 14.16 -25.03 7.96
C ASN A 374 14.89 -23.80 7.44
N TRP A 375 16.18 -23.91 7.14
CA TRP A 375 16.90 -22.79 6.51
C TRP A 375 16.24 -22.36 5.21
N GLY A 376 15.72 -23.33 4.46
CA GLY A 376 14.91 -23.04 3.27
C GLY A 376 15.63 -23.17 1.93
N TYR A 377 16.77 -23.86 1.92
CA TYR A 377 17.50 -24.08 0.67
C TYR A 377 16.90 -25.22 -0.18
N ASN A 378 15.57 -25.23 -0.33
CA ASN A 378 14.82 -26.28 -1.06
C ASN A 378 13.82 -25.65 -2.04
N PRO A 379 14.31 -25.10 -3.17
CA PRO A 379 13.45 -24.24 -3.98
C PRO A 379 12.30 -24.90 -4.75
N VAL A 380 11.14 -24.28 -4.70
CA VAL A 380 9.99 -24.71 -5.49
C VAL A 380 9.61 -23.60 -6.47
N LEU A 381 9.20 -22.45 -5.94
CA LEU A 381 8.94 -21.26 -6.76
C LEU A 381 9.68 -20.03 -6.21
N TRP A 382 10.55 -19.46 -7.04
CA TRP A 382 11.46 -18.40 -6.61
C TRP A 382 10.79 -17.04 -6.38
N GLY A 383 9.68 -16.77 -7.07
CA GLY A 383 9.10 -15.42 -7.09
C GLY A 383 8.05 -15.09 -6.05
N VAL A 384 7.80 -16.00 -5.12
CA VAL A 384 6.71 -15.87 -4.16
C VAL A 384 7.27 -15.92 -2.74
N PRO A 385 6.86 -14.99 -1.85
CA PRO A 385 7.25 -15.08 -0.44
C PRO A 385 6.79 -16.38 0.21
N LYS A 386 7.61 -16.93 1.11
CA LYS A 386 7.27 -18.16 1.82
C LYS A 386 6.02 -17.99 2.69
N GLY A 387 5.03 -18.86 2.46
CA GLY A 387 3.76 -18.79 3.17
C GLY A 387 3.83 -19.02 4.67
N SER A 388 4.74 -19.89 5.11
CA SER A 388 4.88 -20.18 6.53
C SER A 388 5.30 -18.95 7.35
N TYR A 389 5.93 -17.97 6.69
CA TYR A 389 6.37 -16.74 7.34
C TYR A 389 5.32 -15.62 7.29
N ALA A 390 4.20 -15.87 6.60
CA ALA A 390 3.07 -14.95 6.55
C ALA A 390 2.08 -15.28 7.66
N SER A 391 1.25 -14.31 8.04
CA SER A 391 0.20 -14.54 9.02
C SER A 391 -0.88 -15.49 8.48
N ASP A 392 -1.14 -15.42 7.18
CA ASP A 392 -2.14 -16.25 6.51
C ASP A 392 -1.59 -16.66 5.14
N PRO A 393 -1.38 -17.97 4.90
CA PRO A 393 -0.75 -18.39 3.65
C PRO A 393 -1.68 -18.33 2.43
N ASP A 394 -2.97 -18.09 2.64
CA ASP A 394 -3.92 -17.85 1.56
C ASP A 394 -4.16 -16.34 1.44
N GLY A 395 -4.25 -15.83 0.22
CA GLY A 395 -4.55 -14.42 0.02
C GLY A 395 -3.31 -13.52 0.13
N PRO A 396 -3.52 -12.22 0.43
CA PRO A 396 -2.48 -11.20 0.24
C PRO A 396 -1.46 -10.99 1.35
N SER A 397 -1.63 -11.60 2.54
CA SER A 397 -0.77 -11.27 3.68
C SER A 397 0.71 -11.53 3.41
N ARG A 398 1.04 -12.58 2.67
CA ARG A 398 2.45 -12.88 2.38
C ARG A 398 3.13 -11.77 1.56
N ILE A 399 2.38 -11.12 0.68
CA ILE A 399 2.92 -10.01 -0.12
C ILE A 399 3.08 -8.75 0.74
N ILE A 400 2.00 -8.33 1.39
CA ILE A 400 2.04 -7.06 2.14
C ILE A 400 3.03 -7.15 3.30
N GLU A 401 3.05 -8.29 3.98
CA GLU A 401 3.90 -8.45 5.16
C GLU A 401 5.39 -8.52 4.79
N TYR A 402 5.69 -9.08 3.62
CA TYR A 402 7.06 -9.06 3.12
C TYR A 402 7.51 -7.62 2.88
N ARG A 403 6.63 -6.83 2.25
CA ARG A 403 6.93 -5.43 1.99
C ARG A 403 7.08 -4.62 3.28
N GLN A 404 6.23 -4.89 4.26
CA GLN A 404 6.33 -4.23 5.56
C GLN A 404 7.65 -4.55 6.26
N MET A 405 8.17 -5.76 6.04
CA MET A 405 9.45 -6.18 6.60
C MET A 405 10.59 -5.38 6.00
N VAL A 406 10.61 -5.30 4.67
CA VAL A 406 11.65 -4.53 3.96
C VAL A 406 11.57 -3.06 4.40
N GLN A 407 10.37 -2.52 4.40
CA GLN A 407 10.14 -1.15 4.82
C GLN A 407 10.66 -0.87 6.24
N ALA A 408 10.34 -1.76 7.18
CA ALA A 408 10.73 -1.58 8.58
C ALA A 408 12.25 -1.65 8.77
N LEU A 409 12.89 -2.60 8.09
CA LEU A 409 14.35 -2.69 8.14
C LEU A 409 15.01 -1.44 7.52
N ASN A 410 14.54 -1.02 6.35
CA ASN A 410 15.04 0.21 5.74
C ASN A 410 14.89 1.39 6.71
N ARG A 411 13.78 1.43 7.45
CA ARG A 411 13.51 2.56 8.34
C ARG A 411 14.40 2.64 9.57
N ILE A 412 15.01 1.53 9.98
CA ILE A 412 16.02 1.57 11.06
C ILE A 412 17.44 1.61 10.48
N GLY A 413 17.56 1.86 9.18
CA GLY A 413 18.84 2.13 8.53
C GLY A 413 19.53 0.93 7.91
N LEU A 414 18.78 -0.12 7.63
CA LEU A 414 19.35 -1.37 7.11
C LEU A 414 18.78 -1.70 5.74
N ARG A 415 19.67 -1.98 4.80
CA ARG A 415 19.28 -2.49 3.49
C ARG A 415 19.10 -4.00 3.58
N VAL A 416 18.25 -4.55 2.72
CA VAL A 416 17.87 -5.96 2.79
C VAL A 416 18.44 -6.75 1.63
N VAL A 417 19.18 -7.81 1.96
CA VAL A 417 19.72 -8.74 0.99
C VAL A 417 18.94 -10.06 1.07
N MET A 418 18.53 -10.57 -0.08
CA MET A 418 17.87 -11.88 -0.14
C MET A 418 18.86 -12.97 -0.52
N ASP A 419 18.75 -14.11 0.17
CA ASP A 419 19.53 -15.29 -0.14
C ASP A 419 18.80 -16.06 -1.24
N VAL A 420 19.35 -16.01 -2.46
CA VAL A 420 18.69 -16.59 -3.62
C VAL A 420 19.36 -17.90 -4.00
N VAL A 421 18.54 -18.87 -4.36
CA VAL A 421 18.99 -20.25 -4.51
C VAL A 421 18.57 -20.75 -5.90
N TYR A 422 19.35 -20.36 -6.90
CA TYR A 422 18.99 -20.61 -8.29
C TYR A 422 19.68 -21.86 -8.85
N ASN A 423 20.46 -22.51 -8.00
CA ASN A 423 21.35 -23.59 -8.42
C ASN A 423 20.73 -24.99 -8.42
N HIS A 424 19.60 -25.16 -7.76
CA HIS A 424 18.92 -26.46 -7.73
C HIS A 424 17.45 -26.34 -7.36
N LEU A 425 16.69 -27.40 -7.59
CA LEU A 425 15.27 -27.46 -7.21
C LEU A 425 15.05 -28.53 -6.15
N ASP A 426 14.05 -28.31 -5.29
CA ASP A 426 13.69 -29.31 -4.29
C ASP A 426 13.35 -30.65 -4.92
N SER A 427 12.57 -30.60 -5.99
CA SER A 427 12.04 -31.80 -6.61
C SER A 427 12.05 -31.70 -8.13
N SER A 428 11.96 -32.85 -8.78
CA SER A 428 11.82 -32.94 -10.22
C SER A 428 10.76 -33.98 -10.54
N GLY A 429 10.45 -34.14 -11.83
CA GLY A 429 9.52 -35.16 -12.28
C GLY A 429 8.07 -34.69 -12.36
N PRO A 430 7.17 -35.59 -12.81
CA PRO A 430 5.78 -35.28 -13.09
C PRO A 430 4.84 -35.25 -11.89
N CYS A 431 5.29 -35.73 -10.73
CA CYS A 431 4.43 -35.88 -9.57
C CYS A 431 4.83 -34.98 -8.40
N GLY A 432 3.84 -34.58 -7.63
CA GLY A 432 4.09 -33.93 -6.36
C GLY A 432 3.94 -32.42 -6.38
N ILE A 433 3.51 -31.90 -5.24
CA ILE A 433 3.29 -30.47 -5.05
C ILE A 433 4.58 -29.64 -5.18
N SER A 434 5.72 -30.25 -4.84
CA SER A 434 7.00 -29.55 -4.80
C SER A 434 7.76 -29.49 -6.12
N SER A 435 7.25 -30.17 -7.14
CA SER A 435 7.83 -30.11 -8.48
C SER A 435 6.96 -29.23 -9.37
N VAL A 436 7.55 -28.17 -9.93
CA VAL A 436 6.85 -27.27 -10.85
C VAL A 436 7.58 -27.18 -12.18
N LEU A 437 8.81 -26.69 -12.16
CA LEU A 437 9.54 -26.42 -13.41
C LEU A 437 9.72 -27.66 -14.26
N ASP A 438 10.19 -28.74 -13.64
CA ASP A 438 10.47 -29.99 -14.35
C ASP A 438 9.20 -30.76 -14.69
N LYS A 439 8.07 -30.39 -14.07
CA LYS A 439 6.77 -30.97 -14.40
C LYS A 439 6.37 -30.52 -15.81
N ILE A 440 6.62 -29.24 -16.08
CA ILE A 440 6.14 -28.56 -17.27
C ILE A 440 7.01 -28.82 -18.51
N VAL A 441 8.32 -28.62 -18.37
CA VAL A 441 9.28 -28.92 -19.44
C VAL A 441 10.33 -29.88 -18.90
N PRO A 442 10.02 -31.18 -18.84
CA PRO A 442 10.97 -32.12 -18.24
C PRO A 442 12.33 -32.16 -18.95
N GLY A 443 13.39 -32.29 -18.16
CA GLY A 443 14.76 -32.41 -18.67
C GLY A 443 15.38 -31.13 -19.20
N TYR A 444 14.78 -29.98 -18.91
CA TYR A 444 15.25 -28.70 -19.45
C TYR A 444 15.78 -27.73 -18.39
N TYR A 445 14.98 -27.48 -17.36
CA TYR A 445 15.38 -26.57 -16.28
C TYR A 445 16.46 -27.20 -15.41
N VAL A 446 16.56 -28.52 -15.44
CA VAL A 446 17.55 -29.27 -14.67
C VAL A 446 18.74 -29.68 -15.53
N ARG A 447 19.94 -29.63 -14.95
CA ARG A 447 21.16 -30.10 -15.61
C ARG A 447 21.23 -31.62 -15.53
N ARG A 448 21.76 -32.24 -16.59
CA ARG A 448 21.85 -33.70 -16.68
C ARG A 448 23.26 -34.13 -17.09
N ASP A 449 23.62 -35.37 -16.76
CA ASP A 449 24.93 -35.91 -17.14
C ASP A 449 24.88 -36.45 -18.56
N THR A 450 25.99 -37.02 -19.03
CA THR A 450 26.06 -37.51 -20.42
C THR A 450 25.19 -38.74 -20.71
N ASN A 451 24.70 -39.41 -19.66
CA ASN A 451 23.72 -40.48 -19.81
C ASN A 451 22.28 -40.00 -19.69
N GLY A 452 22.10 -38.71 -19.43
CA GLY A 452 20.76 -38.13 -19.30
C GLY A 452 20.21 -38.09 -17.87
N GLN A 453 20.97 -38.60 -16.91
CA GLN A 453 20.53 -38.58 -15.52
C GLN A 453 20.74 -37.19 -14.91
N ILE A 454 19.76 -36.73 -14.14
CA ILE A 454 19.82 -35.41 -13.50
C ILE A 454 21.04 -35.32 -12.58
N GLU A 455 21.76 -34.20 -12.68
CA GLU A 455 22.91 -33.88 -11.83
C GLU A 455 22.44 -33.43 -10.45
N ASN A 456 23.15 -33.86 -9.40
CA ASN A 456 22.74 -33.63 -8.01
C ASN A 456 23.79 -32.97 -7.10
N SER A 457 24.92 -32.54 -7.65
CA SER A 457 26.03 -32.01 -6.84
C SER A 457 25.69 -30.83 -5.92
N ALA A 458 24.71 -29.99 -6.30
CA ALA A 458 24.31 -28.86 -5.47
C ALA A 458 23.55 -29.32 -4.21
N ALA A 459 22.84 -30.43 -4.36
CA ALA A 459 22.07 -31.10 -3.29
C ALA A 459 21.21 -32.17 -3.95
N MET A 460 20.43 -31.73 -4.93
CA MET A 460 19.62 -32.58 -5.79
C MET A 460 19.01 -31.69 -6.87
N ASN A 461 18.82 -32.23 -8.07
CA ASN A 461 18.11 -31.50 -9.13
C ASN A 461 18.75 -30.16 -9.46
N ASN A 462 20.06 -30.19 -9.73
CA ASN A 462 20.79 -29.02 -10.19
C ASN A 462 20.09 -28.37 -11.37
N THR A 463 20.03 -27.04 -11.36
CA THR A 463 19.48 -26.31 -12.49
C THR A 463 20.53 -26.17 -13.60
N ALA A 464 20.08 -25.77 -14.78
CA ALA A 464 20.97 -25.52 -15.90
C ALA A 464 20.78 -24.09 -16.39
N SER A 465 21.39 -23.14 -15.68
CA SER A 465 21.36 -21.74 -16.09
C SER A 465 22.00 -21.49 -17.45
N GLU A 466 22.78 -22.45 -17.94
CA GLU A 466 23.32 -22.40 -19.31
C GLU A 466 22.23 -22.40 -20.39
N HIS A 467 21.03 -22.86 -20.04
CA HIS A 467 19.90 -22.88 -20.96
C HIS A 467 19.14 -21.54 -20.91
N PHE A 468 18.72 -21.06 -22.07
CA PHE A 468 18.18 -19.71 -22.25
C PHE A 468 17.02 -19.34 -21.30
N MET A 469 16.02 -20.20 -21.20
CA MET A 469 14.82 -19.86 -20.41
C MET A 469 15.04 -20.00 -18.90
N VAL A 470 16.07 -20.74 -18.52
CA VAL A 470 16.47 -20.84 -17.11
C VAL A 470 17.17 -19.54 -16.73
N ASP A 471 18.11 -19.14 -17.58
CA ASP A 471 18.78 -17.85 -17.46
C ASP A 471 17.73 -16.74 -17.41
N ARG A 472 16.73 -16.82 -18.27
CA ARG A 472 15.67 -15.82 -18.28
C ARG A 472 14.90 -15.78 -16.96
N LEU A 473 14.51 -16.96 -16.47
CA LEU A 473 13.73 -17.05 -15.24
C LEU A 473 14.51 -16.48 -14.05
N ILE A 474 15.81 -16.77 -14.00
CA ILE A 474 16.66 -16.27 -12.93
C ILE A 474 16.69 -14.74 -12.92
N VAL A 475 16.95 -14.13 -14.07
CA VAL A 475 17.01 -12.68 -14.15
C VAL A 475 15.64 -12.06 -13.89
N ASP A 476 14.59 -12.65 -14.46
CA ASP A 476 13.22 -12.15 -14.23
C ASP A 476 12.84 -12.20 -12.75
N ASP A 477 13.26 -13.25 -12.06
CA ASP A 477 12.98 -13.35 -10.63
C ASP A 477 13.68 -12.25 -9.84
N LEU A 478 14.96 -12.03 -10.12
CA LEU A 478 15.72 -10.97 -9.45
C LEU A 478 15.06 -9.61 -9.62
N LEU A 479 14.61 -9.32 -10.84
CA LEU A 479 13.94 -8.05 -11.11
C LEU A 479 12.59 -7.97 -10.38
N ASN A 480 11.90 -9.09 -10.27
CA ASN A 480 10.69 -9.18 -9.44
C ASN A 480 10.96 -8.71 -8.01
N TRP A 481 11.98 -9.29 -7.37
CA TRP A 481 12.27 -8.94 -5.99
C TRP A 481 12.77 -7.50 -5.86
N ALA A 482 13.60 -7.05 -6.81
CA ALA A 482 14.11 -5.68 -6.80
C ALA A 482 13.01 -4.64 -6.95
N VAL A 483 12.09 -4.86 -7.89
CA VAL A 483 11.06 -3.88 -8.22
C VAL A 483 9.80 -4.03 -7.35
N ASN A 484 9.27 -5.24 -7.27
CA ASN A 484 8.02 -5.47 -6.52
C ASN A 484 8.18 -5.44 -5.00
N TYR A 485 9.39 -5.73 -4.51
CA TYR A 485 9.65 -5.77 -3.06
C TYR A 485 10.80 -4.83 -2.62
N LYS A 486 11.37 -4.09 -3.57
CA LYS A 486 12.39 -3.09 -3.29
C LYS A 486 13.57 -3.65 -2.48
N VAL A 487 13.95 -4.88 -2.82
CA VAL A 487 15.08 -5.57 -2.18
C VAL A 487 16.41 -4.93 -2.63
N ASP A 488 17.36 -4.85 -1.71
CA ASP A 488 18.57 -4.03 -1.89
C ASP A 488 19.81 -4.80 -2.35
N GLY A 489 19.73 -6.12 -2.37
CA GLY A 489 20.89 -6.92 -2.76
C GLY A 489 20.59 -8.39 -2.73
N PHE A 490 21.52 -9.19 -3.24
CA PHE A 490 21.29 -10.61 -3.40
C PHE A 490 22.56 -11.40 -3.11
N ARG A 491 22.43 -12.44 -2.31
CA ARG A 491 23.50 -13.40 -2.03
C ARG A 491 23.18 -14.68 -2.79
N PHE A 492 24.08 -15.09 -3.69
CA PHE A 492 23.82 -16.23 -4.57
C PHE A 492 24.40 -17.53 -3.99
N ASP A 493 23.50 -18.38 -3.50
CA ASP A 493 23.84 -19.72 -3.06
C ASP A 493 24.46 -20.49 -4.24
N LEU A 494 25.55 -21.20 -3.97
CA LEU A 494 26.32 -21.92 -4.99
C LEU A 494 26.38 -21.20 -6.34
N MET A 495 26.95 -20.00 -6.30
CA MET A 495 27.15 -19.18 -7.49
C MET A 495 28.02 -19.86 -8.54
N GLY A 496 28.92 -20.74 -8.10
CA GLY A 496 29.73 -21.53 -9.00
C GLY A 496 28.95 -22.49 -9.89
N HIS A 497 27.71 -22.78 -9.53
CA HIS A 497 26.82 -23.62 -10.33
C HIS A 497 25.97 -22.81 -11.31
N ILE A 498 26.10 -21.49 -11.26
CA ILE A 498 25.41 -20.59 -12.16
C ILE A 498 26.41 -20.12 -13.21
N MET A 499 25.95 -19.95 -14.44
CA MET A 499 26.82 -19.45 -15.50
C MET A 499 27.23 -18.02 -15.20
N LYS A 500 28.49 -17.70 -15.47
CA LYS A 500 28.96 -16.32 -15.38
C LYS A 500 28.11 -15.38 -16.21
N ARG A 501 27.73 -15.78 -17.42
CA ARG A 501 26.91 -14.92 -18.27
C ARG A 501 25.58 -14.56 -17.62
N THR A 502 25.00 -15.51 -16.88
CA THR A 502 23.76 -15.24 -16.15
C THR A 502 23.99 -14.18 -15.06
N MET A 503 25.06 -14.35 -14.30
CA MET A 503 25.40 -13.42 -13.22
C MET A 503 25.59 -11.99 -13.76
N MET A 504 26.29 -11.86 -14.88
CA MET A 504 26.60 -10.55 -15.44
C MET A 504 25.37 -9.89 -16.07
N ARG A 505 24.55 -10.69 -16.75
CA ARG A 505 23.31 -10.17 -17.34
C ARG A 505 22.37 -9.69 -16.23
N ALA A 506 22.31 -10.46 -15.15
CA ALA A 506 21.54 -10.07 -13.96
C ALA A 506 22.05 -8.77 -13.34
N LYS A 507 23.37 -8.71 -13.14
CA LYS A 507 24.00 -7.53 -12.57
C LYS A 507 23.65 -6.28 -13.37
N SER A 508 23.77 -6.38 -14.69
CA SER A 508 23.50 -5.25 -15.58
C SER A 508 22.04 -4.81 -15.49
N ALA A 509 21.13 -5.77 -15.56
CA ALA A 509 19.68 -5.49 -15.50
C ALA A 509 19.28 -4.85 -14.18
N LEU A 510 19.80 -5.38 -13.08
CA LEU A 510 19.49 -4.85 -11.76
C LEU A 510 20.03 -3.45 -11.56
N GLN A 511 21.28 -3.21 -11.96
CA GLN A 511 21.93 -1.95 -11.67
C GLN A 511 21.50 -0.79 -12.58
N SER A 512 20.72 -1.08 -13.62
CA SER A 512 20.17 -0.06 -14.52
CA SER A 512 20.17 -0.07 -14.52
C SER A 512 18.74 0.35 -14.14
N LEU A 513 18.18 -0.26 -13.10
CA LEU A 513 16.85 0.14 -12.62
C LEU A 513 16.94 1.55 -12.03
N THR A 514 15.92 2.37 -12.27
CA THR A 514 15.85 3.73 -11.77
C THR A 514 14.56 3.98 -10.99
N THR A 515 14.59 4.97 -10.10
CA THR A 515 13.44 5.36 -9.30
C THR A 515 12.31 5.87 -10.18
N ASP A 516 12.66 6.61 -11.23
CA ASP A 516 11.65 7.18 -12.12
C ASP A 516 10.88 6.11 -12.89
N ALA A 517 11.61 5.11 -13.42
CA ALA A 517 10.98 4.07 -14.23
C ALA A 517 10.46 2.90 -13.39
N HIS A 518 11.18 2.55 -12.33
CA HIS A 518 10.91 1.32 -11.57
C HIS A 518 10.69 1.48 -10.07
N GLY A 519 10.92 2.67 -9.52
CA GLY A 519 10.70 2.94 -8.10
C GLY A 519 11.85 2.58 -7.18
N VAL A 520 12.99 2.17 -7.74
CA VAL A 520 14.18 1.82 -6.97
C VAL A 520 15.44 2.24 -7.70
N ASP A 521 16.46 2.65 -6.94
CA ASP A 521 17.75 3.01 -7.52
C ASP A 521 18.61 1.77 -7.64
N GLY A 522 18.61 1.19 -8.84
CA GLY A 522 19.36 -0.04 -9.11
C GLY A 522 20.87 0.07 -8.92
N SER A 523 21.40 1.28 -9.08
CA SER A 523 22.85 1.49 -8.92
C SER A 523 23.36 1.11 -7.52
N LYS A 524 22.45 1.05 -6.55
CA LYS A 524 22.79 0.68 -5.17
C LYS A 524 22.65 -0.80 -4.87
N ILE A 525 22.18 -1.60 -5.83
CA ILE A 525 21.92 -3.01 -5.60
C ILE A 525 23.22 -3.81 -5.74
N TYR A 526 23.57 -4.54 -4.68
CA TYR A 526 24.85 -5.25 -4.60
C TYR A 526 24.63 -6.77 -4.69
N LEU A 527 25.47 -7.44 -5.47
CA LEU A 527 25.42 -8.90 -5.63
C LEU A 527 26.69 -9.55 -5.09
N TYR A 528 26.53 -10.69 -4.42
CA TYR A 528 27.66 -11.53 -4.00
C TYR A 528 27.20 -12.98 -3.87
N GLY A 529 28.14 -13.90 -3.70
CA GLY A 529 27.75 -15.30 -3.59
C GLY A 529 28.85 -16.28 -3.28
N GLU A 530 28.46 -17.55 -3.22
CA GLU A 530 29.39 -18.66 -2.97
C GLU A 530 30.01 -19.12 -4.27
N GLY A 531 31.25 -18.72 -4.53
CA GLY A 531 31.91 -19.08 -5.78
C GLY A 531 32.64 -20.41 -5.75
N TRP A 532 32.09 -21.39 -5.03
CA TRP A 532 32.75 -22.70 -4.92
C TRP A 532 32.71 -23.40 -6.28
N ASP A 533 33.79 -24.12 -6.57
CA ASP A 533 33.99 -24.71 -7.88
C ASP A 533 34.25 -26.21 -7.74
N PHE A 534 33.24 -27.02 -8.01
CA PHE A 534 33.34 -28.47 -7.88
C PHE A 534 32.37 -29.21 -8.79
N ALA A 535 32.50 -30.54 -8.81
CA ALA A 535 31.62 -31.43 -9.58
C ALA A 535 31.59 -31.07 -11.08
N GLU A 536 30.42 -31.14 -11.70
CA GLU A 536 30.31 -31.11 -13.17
C GLU A 536 30.58 -29.74 -13.78
N VAL A 537 30.51 -28.67 -12.99
CA VAL A 537 30.81 -27.32 -13.47
C VAL A 537 32.29 -26.93 -13.37
N ALA A 538 33.10 -27.78 -12.74
CA ALA A 538 34.55 -27.54 -12.63
C ALA A 538 35.24 -27.54 -14.00
N ARG A 539 36.37 -26.84 -14.09
CA ARG A 539 37.11 -26.64 -15.34
C ARG A 539 36.25 -26.09 -16.48
N ASN A 540 35.30 -25.23 -16.12
CA ASN A 540 34.39 -24.62 -17.09
C ASN A 540 33.73 -25.64 -18.03
N GLN A 541 33.44 -26.83 -17.52
CA GLN A 541 32.98 -27.94 -18.37
C GLN A 541 31.57 -27.71 -18.96
N ARG A 542 30.75 -26.92 -18.25
CA ARG A 542 29.42 -26.57 -18.76
C ARG A 542 29.36 -25.11 -19.21
N GLY A 543 30.53 -24.49 -19.36
CA GLY A 543 30.62 -23.08 -19.66
C GLY A 543 31.38 -22.37 -18.56
N ILE A 544 31.67 -21.08 -18.77
CA ILE A 544 32.34 -20.30 -17.75
C ILE A 544 31.34 -20.08 -16.63
N ASN A 545 31.61 -20.69 -15.48
CA ASN A 545 30.70 -20.65 -14.33
C ASN A 545 31.11 -19.59 -13.32
N GLY A 546 30.24 -19.31 -12.36
CA GLY A 546 30.45 -18.24 -11.39
C GLY A 546 31.40 -18.57 -10.24
N SER A 547 32.52 -19.18 -10.58
CA SER A 547 33.53 -19.53 -9.59
C SER A 547 34.28 -18.29 -9.11
N GLN A 548 34.99 -18.43 -8.00
CA GLN A 548 35.83 -17.34 -7.48
C GLN A 548 36.77 -16.77 -8.54
N LEU A 549 37.52 -17.63 -9.23
CA LEU A 549 38.48 -17.14 -10.23
C LEU A 549 37.78 -16.50 -11.41
N ASN A 550 36.67 -17.06 -11.86
CA ASN A 550 35.95 -16.54 -13.03
C ASN A 550 35.25 -15.21 -12.74
N MET A 551 34.89 -14.98 -11.48
CA MET A 551 34.21 -13.73 -11.11
C MET A 551 35.20 -12.60 -10.78
N SER A 552 36.49 -12.88 -10.87
CA SER A 552 37.49 -11.82 -10.72
C SER A 552 37.30 -10.78 -11.82
N GLY A 553 37.17 -9.51 -11.43
CA GLY A 553 36.98 -8.42 -12.38
C GLY A 553 35.54 -8.17 -12.78
N THR A 554 34.59 -8.74 -12.04
CA THR A 554 33.15 -8.58 -12.33
C THR A 554 32.42 -7.61 -11.39
N GLY A 555 33.06 -7.25 -10.28
CA GLY A 555 32.41 -6.43 -9.27
C GLY A 555 31.37 -7.17 -8.42
N ILE A 556 31.30 -8.49 -8.58
CA ILE A 556 30.39 -9.33 -7.81
C ILE A 556 31.20 -10.02 -6.72
N GLY A 557 30.76 -9.90 -5.48
CA GLY A 557 31.46 -10.47 -4.34
C GLY A 557 31.42 -11.98 -4.26
N SER A 558 32.46 -12.55 -3.68
CA SER A 558 32.46 -13.95 -3.30
C SER A 558 33.12 -14.17 -1.93
N PHE A 559 32.64 -15.19 -1.24
CA PHE A 559 33.11 -15.53 0.09
C PHE A 559 34.57 -15.92 0.06
N ASN A 560 35.34 -15.30 0.94
CA ASN A 560 36.77 -15.57 1.04
C ASN A 560 37.00 -16.70 2.04
N ASP A 561 37.08 -17.93 1.52
CA ASP A 561 37.33 -19.10 2.37
C ASP A 561 38.77 -19.18 2.89
N ARG A 562 39.69 -18.47 2.24
CA ARG A 562 41.09 -18.49 2.66
C ARG A 562 41.27 -17.82 4.02
N ILE A 563 40.74 -16.60 4.18
CA ILE A 563 40.83 -15.92 5.48
C ILE A 563 40.03 -16.66 6.57
N ARG A 564 38.88 -17.21 6.19
CA ARG A 564 38.03 -17.95 7.11
C ARG A 564 38.81 -19.08 7.77
N ASP A 565 39.45 -19.90 6.95
CA ASP A 565 40.16 -21.07 7.44
C ASP A 565 41.52 -20.74 8.06
N ALA A 566 42.17 -19.69 7.56
CA ALA A 566 43.43 -19.24 8.15
C ALA A 566 43.22 -18.75 9.59
N ILE A 567 42.10 -18.06 9.84
CA ILE A 567 41.80 -17.57 11.19
C ILE A 567 41.36 -18.69 12.13
N ASN A 568 40.40 -19.50 11.68
CA ASN A 568 39.81 -20.54 12.51
C ASN A 568 40.65 -21.80 12.60
N GLY A 569 41.33 -22.11 11.50
CA GLY A 569 42.13 -23.33 11.40
C GLY A 569 41.41 -24.45 10.68
N GLY A 570 42.16 -25.25 9.94
CA GLY A 570 41.60 -26.41 9.25
C GLY A 570 40.64 -26.03 8.15
N ASN A 571 39.62 -26.85 7.96
CA ASN A 571 38.63 -26.61 6.91
C ASN A 571 37.33 -27.36 7.23
N PRO A 572 36.25 -27.08 6.48
CA PRO A 572 34.96 -27.71 6.78
C PRO A 572 34.97 -29.24 6.76
N PHE A 573 35.97 -29.83 6.10
CA PHE A 573 36.06 -31.28 5.92
C PHE A 573 37.23 -31.91 6.68
N GLY A 574 38.01 -31.09 7.38
CA GLY A 574 39.20 -31.58 8.09
C GLY A 574 38.94 -32.01 9.52
N ASN A 575 40.00 -32.35 10.24
CA ASN A 575 39.89 -32.69 11.67
C ASN A 575 39.40 -31.45 12.43
N PRO A 576 38.34 -31.60 13.24
CA PRO A 576 37.83 -30.47 14.01
C PRO A 576 38.88 -29.78 14.90
N LEU A 577 39.90 -30.52 15.33
CA LEU A 577 40.90 -29.96 16.25
C LEU A 577 42.04 -29.19 15.58
N GLN A 578 42.08 -29.15 14.25
CA GLN A 578 43.15 -28.42 13.56
C GLN A 578 43.08 -26.92 13.87
N GLN A 579 44.16 -26.40 14.45
CA GLN A 579 44.18 -25.02 14.94
C GLN A 579 44.57 -24.03 13.86
N GLY A 580 44.16 -22.78 14.07
CA GLY A 580 44.49 -21.69 13.17
C GLY A 580 45.06 -20.49 13.90
N PHE A 581 45.20 -19.39 13.18
CA PHE A 581 45.84 -18.19 13.69
C PHE A 581 45.17 -17.70 14.98
N ASN A 582 43.84 -17.75 15.03
CA ASN A 582 43.08 -17.27 16.18
C ASN A 582 42.52 -18.38 17.08
N THR A 583 42.99 -19.61 16.93
CA THR A 583 42.55 -20.68 17.82
C THR A 583 43.71 -21.45 18.46
N GLY A 584 44.89 -20.84 18.46
CA GLY A 584 45.99 -21.30 19.30
C GLY A 584 47.10 -22.07 18.61
N LEU A 585 47.07 -22.13 17.28
CA LEU A 585 48.12 -22.84 16.55
C LEU A 585 49.49 -22.33 16.97
N PHE A 586 50.37 -23.25 17.38
CA PHE A 586 51.73 -22.96 17.87
C PHE A 586 51.78 -22.23 19.21
N LEU A 587 51.04 -21.14 19.34
CA LEU A 587 51.08 -20.30 20.54
C LEU A 587 50.48 -20.98 21.77
N GLU A 588 49.41 -21.73 21.55
CA GLU A 588 48.67 -22.40 22.61
C GLU A 588 48.17 -23.73 22.09
N PRO A 589 49.08 -24.71 21.94
CA PRO A 589 48.69 -25.98 21.34
C PRO A 589 47.61 -26.70 22.13
N ASN A 590 46.70 -27.37 21.43
CA ASN A 590 45.59 -28.06 22.07
C ASN A 590 45.79 -29.55 22.34
N GLY A 591 46.96 -30.07 22.01
CA GLY A 591 47.24 -31.50 22.22
C GLY A 591 47.03 -32.38 21.00
N PHE A 592 46.30 -31.90 19.99
CA PHE A 592 46.19 -32.61 18.70
C PHE A 592 47.51 -32.43 17.98
N TYR A 593 48.10 -33.52 17.48
CA TYR A 593 49.41 -33.45 16.85
C TYR A 593 49.34 -32.80 15.48
N GLN A 594 50.10 -31.72 15.31
CA GLN A 594 50.09 -30.92 14.08
C GLN A 594 51.51 -30.63 13.61
N GLY A 595 52.43 -31.55 13.90
CA GLY A 595 53.84 -31.38 13.56
C GLY A 595 54.63 -30.94 14.78
N ASN A 596 55.94 -30.74 14.61
CA ASN A 596 56.75 -30.25 15.71
C ASN A 596 56.56 -28.74 15.87
N GLU A 597 57.29 -28.13 16.80
CA GLU A 597 57.11 -26.71 17.07
C GLU A 597 57.47 -25.84 15.87
N ALA A 598 58.51 -26.22 15.12
CA ALA A 598 58.86 -25.51 13.89
C ALA A 598 57.76 -25.63 12.84
N ASP A 599 57.13 -26.79 12.75
CA ASP A 599 56.03 -27.01 11.81
C ASP A 599 54.85 -26.10 12.12
N THR A 600 54.44 -26.06 13.38
CA THR A 600 53.28 -25.25 13.76
C THR A 600 53.55 -23.75 13.67
N ARG A 601 54.79 -23.33 13.96
CA ARG A 601 55.18 -21.93 13.82
C ARG A 601 55.13 -21.52 12.34
N ARG A 602 55.58 -22.41 11.47
CA ARG A 602 55.57 -22.15 10.03
C ARG A 602 54.13 -22.14 9.50
N SER A 603 53.30 -23.05 9.99
CA SER A 603 51.89 -23.12 9.60
C SER A 603 51.16 -21.84 10.03
N LEU A 604 51.49 -21.37 11.24
CA LEU A 604 50.93 -20.14 11.77
C LEU A 604 51.31 -18.95 10.89
N ALA A 605 52.58 -18.87 10.51
CA ALA A 605 53.06 -17.78 9.68
C ALA A 605 52.44 -17.81 8.29
N THR A 606 52.25 -19.00 7.75
CA THR A 606 51.63 -19.18 6.45
C THR A 606 50.18 -18.68 6.50
N TYR A 607 49.45 -19.09 7.52
CA TYR A 607 48.11 -18.57 7.76
C TYR A 607 48.12 -17.05 7.88
N ALA A 608 49.08 -16.49 8.60
CA ALA A 608 49.18 -15.03 8.74
C ALA A 608 49.35 -14.33 7.37
N ASP A 609 50.14 -14.94 6.47
CA ASP A 609 50.25 -14.43 5.10
C ASP A 609 48.88 -14.37 4.42
N GLN A 610 48.13 -15.47 4.53
CA GLN A 610 46.84 -15.59 3.88
C GLN A 610 45.84 -14.59 4.47
N ILE A 611 45.89 -14.42 5.78
CA ILE A 611 45.04 -13.44 6.46
C ILE A 611 45.34 -12.04 5.97
N GLN A 612 46.63 -11.71 5.89
CA GLN A 612 47.04 -10.37 5.48
C GLN A 612 46.67 -10.03 4.03
N ILE A 613 46.79 -11.00 3.12
CA ILE A 613 46.25 -10.82 1.77
C ILE A 613 44.75 -10.54 1.86
N GLY A 614 44.04 -11.31 2.69
CA GLY A 614 42.60 -11.10 2.88
C GLY A 614 42.26 -9.74 3.48
N LEU A 615 43.01 -9.33 4.50
CA LEU A 615 42.80 -8.03 5.14
C LEU A 615 43.01 -6.87 4.16
N ALA A 616 43.85 -7.11 3.14
CA ALA A 616 44.09 -6.15 2.06
C ALA A 616 43.17 -6.36 0.85
N GLY A 617 41.98 -6.95 1.08
CA GLY A 617 40.96 -7.09 0.03
C GLY A 617 41.08 -8.32 -0.86
N ASN A 618 41.98 -9.23 -0.49
CA ASN A 618 42.19 -10.50 -1.19
C ASN A 618 42.45 -10.35 -2.69
N LEU A 619 43.36 -9.44 -2.99
CA LEU A 619 43.68 -9.02 -4.35
C LEU A 619 44.80 -9.87 -4.96
N ARG A 620 44.66 -10.15 -6.26
CA ARG A 620 45.70 -10.84 -7.02
C ARG A 620 47.05 -10.11 -6.99
N ASP A 621 47.00 -8.79 -7.08
CA ASP A 621 48.17 -7.97 -7.38
C ASP A 621 48.81 -7.31 -6.16
N TYR A 622 48.18 -7.43 -4.99
CA TYR A 622 48.75 -6.86 -3.78
C TYR A 622 50.03 -7.61 -3.39
N VAL A 623 51.09 -6.85 -3.13
CA VAL A 623 52.40 -7.43 -2.82
C VAL A 623 52.65 -7.47 -1.32
N LEU A 624 52.87 -8.67 -0.79
CA LEU A 624 53.16 -8.86 0.62
C LEU A 624 54.55 -9.47 0.78
N ILE A 625 55.28 -9.01 1.80
CA ILE A 625 56.50 -9.70 2.23
C ILE A 625 56.04 -10.97 2.95
N SER A 626 56.17 -12.10 2.26
CA SER A 626 55.69 -13.38 2.80
C SER A 626 56.55 -13.86 3.96
N HIS A 627 56.14 -14.96 4.58
CA HIS A 627 56.80 -15.48 5.78
C HIS A 627 58.20 -16.02 5.50
N THR A 628 58.53 -16.29 4.25
CA THR A 628 59.89 -16.69 3.88
C THR A 628 60.82 -15.49 3.71
N GLY A 629 60.24 -14.29 3.64
CA GLY A 629 60.98 -13.07 3.34
C GLY A 629 60.79 -12.64 1.90
N GLU A 630 60.33 -13.58 1.07
CA GLU A 630 60.12 -13.31 -0.35
C GLU A 630 58.87 -12.47 -0.56
N ALA A 631 59.01 -11.37 -1.30
CA ALA A 631 57.87 -10.56 -1.70
C ALA A 631 57.02 -11.35 -2.70
N LYS A 632 55.73 -11.47 -2.42
CA LYS A 632 54.81 -12.23 -3.26
C LYS A 632 53.51 -11.48 -3.47
N LYS A 633 53.01 -11.51 -4.70
CA LYS A 633 51.67 -11.03 -5.00
C LYS A 633 50.65 -11.96 -4.35
N GLY A 634 49.44 -11.46 -4.12
CA GLY A 634 48.39 -12.28 -3.54
C GLY A 634 48.10 -13.54 -4.35
N SER A 635 48.21 -13.42 -5.68
CA SER A 635 48.01 -14.56 -6.58
C SER A 635 49.17 -15.56 -6.54
N GLU A 636 50.33 -15.12 -6.07
CA GLU A 636 51.53 -15.97 -6.02
C GLU A 636 51.66 -16.75 -4.71
N ILE A 637 50.85 -16.39 -3.73
CA ILE A 637 50.68 -17.19 -2.52
C ILE A 637 49.52 -18.15 -2.81
N HIS A 638 49.76 -19.45 -2.65
CA HIS A 638 48.83 -20.48 -3.11
C HIS A 638 48.21 -21.26 -1.97
N THR A 639 47.02 -21.81 -2.22
CA THR A 639 46.33 -22.65 -1.26
C THR A 639 46.12 -24.05 -1.86
N PHE A 640 45.10 -24.77 -1.40
CA PHE A 640 44.74 -26.08 -1.95
C PHE A 640 44.69 -26.06 -3.49
N ASP A 641 45.18 -27.14 -4.09
CA ASP A 641 45.21 -27.29 -5.56
C ASP A 641 46.03 -26.20 -6.26
N GLY A 642 46.95 -25.57 -5.55
CA GLY A 642 47.83 -24.54 -6.11
C GLY A 642 47.13 -23.28 -6.60
N LEU A 643 45.92 -23.04 -6.08
CA LEU A 643 45.12 -21.90 -6.51
C LEU A 643 45.56 -20.63 -5.78
N PRO A 644 45.35 -19.45 -6.38
CA PRO A 644 45.79 -18.21 -5.75
C PRO A 644 44.98 -17.90 -4.50
N VAL A 645 45.66 -17.51 -3.41
CA VAL A 645 44.97 -17.08 -2.21
C VAL A 645 44.19 -15.79 -2.51
N GLY A 646 44.90 -14.76 -2.96
CA GLY A 646 44.27 -13.53 -3.43
C GLY A 646 43.88 -13.65 -4.89
N TYR A 647 42.59 -13.56 -5.18
CA TYR A 647 42.07 -13.80 -6.54
C TYR A 647 41.23 -12.65 -7.13
N THR A 648 41.00 -11.58 -6.38
CA THR A 648 40.10 -10.52 -6.86
C THR A 648 40.84 -9.40 -7.57
N ALA A 649 40.07 -8.59 -8.30
CA ALA A 649 40.57 -7.40 -8.99
C ALA A 649 40.23 -6.11 -8.23
N SER A 650 39.34 -6.23 -7.25
CA SER A 650 38.83 -5.10 -6.47
C SER A 650 38.39 -5.59 -5.09
N PRO A 651 38.49 -4.74 -4.05
CA PRO A 651 38.04 -5.14 -2.72
C PRO A 651 36.55 -5.46 -2.61
N ILE A 652 35.71 -4.86 -3.46
CA ILE A 652 34.27 -5.14 -3.44
C ILE A 652 33.94 -6.54 -3.98
N GLU A 653 34.94 -7.24 -4.50
CA GLU A 653 34.78 -8.63 -4.92
C GLU A 653 35.05 -9.61 -3.77
N THR A 654 35.44 -9.09 -2.61
CA THR A 654 35.78 -9.93 -1.47
C THR A 654 34.78 -9.80 -0.34
N ILE A 655 34.17 -10.93 0.02
CA ILE A 655 33.35 -11.05 1.22
C ILE A 655 34.18 -11.78 2.27
N ASN A 656 34.69 -11.01 3.24
CA ASN A 656 35.55 -11.56 4.29
C ASN A 656 34.69 -12.04 5.44
N TYR A 657 34.86 -13.31 5.81
CA TYR A 657 34.09 -13.91 6.88
C TYR A 657 34.85 -15.00 7.63
N VAL A 658 34.43 -15.24 8.87
CA VAL A 658 34.93 -16.34 9.69
C VAL A 658 33.80 -17.23 10.18
N SER A 659 32.55 -16.89 9.83
CA SER A 659 31.37 -17.59 10.31
C SER A 659 30.17 -17.30 9.43
N ALA A 660 29.27 -18.26 9.36
CA ALA A 660 28.04 -18.13 8.57
C ALA A 660 27.08 -19.18 9.08
N HIS A 661 25.90 -19.27 8.46
CA HIS A 661 24.92 -20.26 8.90
C HIS A 661 25.48 -21.68 8.75
N ASP A 662 26.23 -21.93 7.66
CA ASP A 662 26.87 -23.22 7.43
C ASP A 662 28.00 -23.47 8.42
N ASN A 663 28.15 -24.71 8.86
CA ASN A 663 29.22 -25.12 9.78
C ASN A 663 29.06 -24.54 11.18
N GLU A 664 30.11 -24.64 12.00
CA GLU A 664 30.02 -24.27 13.41
C GLU A 664 29.94 -22.77 13.57
N THR A 665 29.24 -22.31 14.60
CA THR A 665 29.22 -20.89 14.91
C THR A 665 30.62 -20.46 15.34
N LEU A 666 30.88 -19.16 15.30
CA LEU A 666 32.16 -18.62 15.73
C LEU A 666 32.49 -19.03 17.16
N PHE A 667 31.52 -18.87 18.07
CA PHE A 667 31.75 -19.26 19.46
C PHE A 667 32.09 -20.76 19.56
N ASP A 668 31.35 -21.57 18.81
CA ASP A 668 31.52 -23.02 18.90
C ASP A 668 32.86 -23.49 18.33
N VAL A 669 33.26 -22.94 17.18
CA VAL A 669 34.53 -23.35 16.57
C VAL A 669 35.72 -22.98 17.48
N ILE A 670 35.64 -21.81 18.12
CA ILE A 670 36.63 -21.37 19.08
C ILE A 670 36.65 -22.30 20.30
N SER A 671 35.47 -22.68 20.79
CA SER A 671 35.34 -23.59 21.93
C SER A 671 35.90 -24.99 21.64
N VAL A 672 35.83 -25.42 20.39
CA VAL A 672 36.33 -26.74 20.00
C VAL A 672 37.85 -26.75 19.87
N LYS A 673 38.41 -25.72 19.23
CA LYS A 673 39.81 -25.73 18.79
C LYS A 673 40.82 -25.22 19.81
N THR A 674 40.40 -24.27 20.65
CA THR A 674 41.31 -23.73 21.67
C THR A 674 41.56 -24.78 22.76
N PRO A 675 42.67 -24.63 23.50
CA PRO A 675 42.88 -25.55 24.63
C PRO A 675 41.69 -25.55 25.59
N MET A 676 41.33 -26.74 26.09
CA MET A 676 40.18 -26.88 27.00
C MET A 676 40.33 -26.02 28.27
N ILE A 677 41.56 -25.79 28.72
CA ILE A 677 41.80 -25.09 29.99
C ILE A 677 41.61 -23.55 29.91
N LEU A 678 41.41 -23.01 28.72
CA LEU A 678 41.12 -21.58 28.61
C LEU A 678 39.81 -21.26 29.32
N SER A 679 39.74 -20.10 29.95
CA SER A 679 38.50 -19.62 30.57
C SER A 679 37.56 -19.12 29.49
N VAL A 680 36.27 -19.03 29.82
CA VAL A 680 35.29 -18.44 28.90
C VAL A 680 35.61 -16.96 28.66
N ASP A 681 36.15 -16.29 29.67
CA ASP A 681 36.59 -14.89 29.53
C ASP A 681 37.64 -14.75 28.44
N GLU A 682 38.62 -15.64 28.45
CA GLU A 682 39.66 -15.66 27.42
C GLU A 682 39.05 -15.93 26.03
N ARG A 683 38.18 -16.93 25.95
CA ARG A 683 37.53 -17.27 24.67
C ARG A 683 36.66 -16.12 24.17
N CYS A 684 36.04 -15.37 25.08
CA CYS A 684 35.28 -14.19 24.66
C CYS A 684 36.17 -13.17 23.94
N ARG A 685 37.38 -12.94 24.47
CA ARG A 685 38.33 -12.05 23.81
C ARG A 685 38.69 -12.59 22.42
N ILE A 686 38.83 -13.91 22.32
CA ILE A 686 39.16 -14.56 21.04
C ILE A 686 38.03 -14.39 20.03
N ASN A 687 36.79 -14.52 20.48
CA ASN A 687 35.62 -14.22 19.63
C ASN A 687 35.70 -12.82 19.05
N HIS A 688 36.00 -11.85 19.92
CA HIS A 688 36.16 -10.47 19.51
C HIS A 688 37.28 -10.27 18.50
N LEU A 689 38.40 -10.95 18.69
CA LEU A 689 39.51 -10.84 17.75
C LEU A 689 39.09 -11.24 16.34
N ALA A 690 38.33 -12.34 16.23
CA ALA A 690 37.91 -12.86 14.93
C ALA A 690 36.99 -11.87 14.21
N SER A 691 35.96 -11.40 14.91
CA SER A 691 35.02 -10.48 14.30
CA SER A 691 35.01 -10.46 14.33
C SER A 691 35.66 -9.12 13.98
N SER A 692 36.65 -8.72 14.79
CA SER A 692 37.39 -7.46 14.55
C SER A 692 38.30 -7.54 13.33
N MET A 693 38.91 -8.70 13.10
CA MET A 693 39.66 -8.92 11.85
C MET A 693 38.75 -8.75 10.63
N MET A 694 37.49 -9.16 10.73
CA MET A 694 36.54 -8.94 9.67
C MET A 694 36.15 -7.46 9.58
N ALA A 695 35.79 -6.89 10.73
CA ALA A 695 35.29 -5.52 10.79
C ALA A 695 36.31 -4.46 10.37
N LEU A 696 37.60 -4.76 10.50
CA LEU A 696 38.64 -3.80 10.13
C LEU A 696 39.39 -4.19 8.86
N SER A 697 38.81 -5.11 8.09
CA SER A 697 39.42 -5.57 6.84
C SER A 697 39.02 -4.68 5.67
N GLN A 698 39.90 -4.59 4.68
CA GLN A 698 39.55 -4.05 3.37
C GLN A 698 38.66 -5.08 2.69
N GLY A 699 37.78 -4.61 1.81
CA GLY A 699 36.75 -5.48 1.25
C GLY A 699 35.47 -5.37 2.07
N ILE A 700 34.61 -6.36 1.96
CA ILE A 700 33.28 -6.29 2.58
C ILE A 700 33.16 -7.31 3.73
N PRO A 701 33.06 -6.80 4.98
CA PRO A 701 32.91 -7.71 6.12
C PRO A 701 31.54 -8.34 6.21
N PHE A 702 31.53 -9.62 6.56
CA PHE A 702 30.33 -10.42 6.67
C PHE A 702 30.31 -11.06 8.05
N PHE A 703 29.20 -10.86 8.75
CA PHE A 703 29.02 -11.37 10.11
C PHE A 703 27.82 -12.31 10.15
N HIS A 704 27.97 -13.40 10.88
CA HIS A 704 26.86 -14.32 11.13
C HIS A 704 26.06 -13.79 12.31
N ALA A 705 24.74 -13.73 12.17
CA ALA A 705 23.88 -13.28 13.26
C ALA A 705 24.20 -14.09 14.51
N GLY A 706 24.63 -13.39 15.55
CA GLY A 706 25.03 -14.04 16.79
C GLY A 706 26.51 -13.99 17.10
N ASP A 707 27.34 -13.67 16.10
CA ASP A 707 28.78 -13.40 16.33
C ASP A 707 28.97 -12.44 17.48
N GLU A 708 28.12 -11.42 17.51
CA GLU A 708 28.21 -10.31 18.46
C GLU A 708 27.70 -10.65 19.87
N ILE A 709 27.00 -11.77 20.00
CA ILE A 709 26.49 -12.23 21.30
C ILE A 709 26.87 -13.68 21.63
N LEU A 710 28.01 -14.13 21.10
CA LEU A 710 28.57 -15.44 21.48
C LEU A 710 27.65 -16.63 21.15
N ARG A 711 26.82 -16.47 20.12
CA ARG A 711 25.81 -17.46 19.77
C ARG A 711 26.40 -18.86 19.58
N SER A 712 25.78 -19.84 20.22
CA SER A 712 26.14 -21.25 20.10
C SER A 712 24.98 -22.05 19.50
N LYS A 713 25.30 -23.15 18.84
CA LYS A 713 24.32 -24.15 18.44
C LYS A 713 24.63 -25.48 19.14
N SER A 714 25.32 -25.38 20.29
CA SER A 714 25.88 -26.54 20.98
C SER A 714 26.69 -27.41 20.00
N ILE A 715 27.48 -26.73 19.17
CA ILE A 715 28.46 -27.34 18.26
C ILE A 715 27.83 -28.10 17.08
N ASP A 716 26.57 -27.82 16.78
CA ASP A 716 25.93 -28.34 15.57
C ASP A 716 26.65 -27.79 14.32
N ARG A 717 27.10 -28.68 13.44
CA ARG A 717 27.83 -28.26 12.24
C ARG A 717 26.92 -28.01 11.03
N ASP A 718 25.65 -28.39 11.13
CA ASP A 718 24.73 -28.25 10.00
C ASP A 718 23.31 -28.21 10.53
N SER A 719 22.90 -27.04 11.01
CA SER A 719 21.70 -26.91 11.85
C SER A 719 20.42 -26.62 11.07
N TYR A 720 20.46 -26.84 9.75
CA TYR A 720 19.36 -26.54 8.82
C TYR A 720 18.00 -27.10 9.22
N ASN A 721 18.03 -28.25 9.89
CA ASN A 721 16.81 -28.94 10.31
C ASN A 721 16.81 -29.25 11.81
N SER A 722 17.64 -28.53 12.57
CA SER A 722 17.81 -28.78 14.01
C SER A 722 16.86 -27.95 14.87
N GLY A 723 15.89 -27.29 14.23
CA GLY A 723 14.78 -26.65 14.92
C GLY A 723 15.16 -25.39 15.69
N ASP A 724 14.16 -24.84 16.38
CA ASP A 724 14.36 -23.66 17.21
C ASP A 724 15.24 -23.95 18.43
N TRP A 725 15.24 -25.20 18.88
CA TRP A 725 16.02 -25.58 20.07
C TRP A 725 17.52 -25.32 19.89
N PHE A 726 18.08 -25.80 18.79
CA PHE A 726 19.52 -25.68 18.56
C PHE A 726 19.91 -24.38 17.88
N ASN A 727 18.95 -23.69 17.27
CA ASN A 727 19.21 -22.43 16.54
C ASN A 727 18.80 -21.17 17.30
N LYS A 728 18.50 -21.30 18.58
CA LYS A 728 18.02 -20.18 19.40
C LYS A 728 18.89 -18.93 19.34
N LEU A 729 18.25 -17.80 19.02
CA LEU A 729 18.86 -16.47 19.07
C LEU A 729 18.19 -15.74 20.23
N ASP A 730 18.92 -15.54 21.32
CA ASP A 730 18.31 -15.04 22.55
C ASP A 730 18.60 -13.57 22.78
N PHE A 731 17.63 -12.71 22.45
CA PHE A 731 17.83 -11.26 22.57
C PHE A 731 17.51 -10.73 23.98
N THR A 732 17.25 -11.61 24.95
CA THR A 732 17.29 -11.24 26.37
C THR A 732 18.73 -11.27 26.87
N TYR A 733 19.61 -11.90 26.09
CA TYR A 733 21.04 -12.02 26.39
C TYR A 733 21.34 -12.85 27.65
N GLU A 734 20.37 -13.62 28.11
CA GLU A 734 20.53 -14.42 29.33
C GLU A 734 21.31 -15.71 29.05
N THR A 735 21.20 -16.20 27.82
CA THR A 735 21.88 -17.42 27.37
C THR A 735 22.46 -17.24 25.97
N ASN A 736 23.46 -18.06 25.63
CA ASN A 736 23.98 -18.12 24.26
C ASN A 736 23.64 -19.43 23.56
N ASN A 737 22.95 -20.33 24.27
CA ASN A 737 22.53 -21.64 23.78
C ASN A 737 23.66 -22.68 23.75
N TRP A 738 24.73 -22.42 24.50
CA TRP A 738 25.75 -23.43 24.75
C TRP A 738 25.24 -24.38 25.83
N GLY A 739 25.52 -25.67 25.65
CA GLY A 739 25.17 -26.69 26.64
C GLY A 739 23.69 -27.03 26.70
N VAL A 740 23.08 -27.20 25.53
CA VAL A 740 21.65 -27.56 25.47
C VAL A 740 21.46 -28.96 24.88
N GLY A 741 22.48 -29.80 25.04
CA GLY A 741 22.49 -31.17 24.53
C GLY A 741 23.42 -31.36 23.36
N LEU A 742 23.83 -32.61 23.13
CA LEU A 742 24.58 -32.95 21.91
C LEU A 742 23.70 -32.63 20.70
N PRO A 743 24.29 -32.07 19.63
CA PRO A 743 23.47 -31.76 18.46
C PRO A 743 23.08 -33.00 17.65
N PRO A 744 22.07 -32.88 16.78
CA PRO A 744 21.47 -34.02 16.08
C PRO A 744 22.48 -35.00 15.47
N SER A 745 22.21 -36.29 15.67
CA SER A 745 23.16 -37.35 15.36
C SER A 745 23.51 -37.49 13.87
N GLU A 746 22.55 -37.22 12.99
CA GLU A 746 22.74 -37.46 11.56
C GLU A 746 24.02 -36.78 11.04
N LYS A 747 24.19 -35.50 11.38
CA LYS A 747 25.34 -34.73 10.89
C LYS A 747 26.48 -34.58 11.91
N ASN A 748 26.26 -35.03 13.15
CA ASN A 748 27.21 -34.73 14.25
C ASN A 748 27.73 -35.91 15.07
N GLU A 749 27.10 -37.08 14.98
CA GLU A 749 27.42 -38.18 15.90
C GLU A 749 28.90 -38.57 15.93
N ASP A 750 29.56 -38.53 14.78
CA ASP A 750 31.00 -38.84 14.71
C ASP A 750 31.86 -37.96 15.63
N ASN A 751 31.41 -36.73 15.90
CA ASN A 751 32.13 -35.80 16.77
C ASN A 751 31.56 -35.68 18.19
N TRP A 752 30.51 -36.44 18.50
CA TRP A 752 29.91 -36.44 19.84
C TRP A 752 30.92 -36.64 20.98
N PRO A 753 31.93 -37.52 20.79
CA PRO A 753 32.94 -37.69 21.84
C PRO A 753 33.73 -36.43 22.21
N LEU A 754 34.09 -35.60 21.23
CA LEU A 754 34.79 -34.34 21.53
C LEU A 754 33.84 -33.30 22.11
N MET A 755 32.58 -33.33 21.68
CA MET A 755 31.59 -32.35 22.13
C MET A 755 31.18 -32.54 23.58
N LYS A 756 30.88 -33.78 23.95
CA LYS A 756 30.27 -34.09 25.25
C LYS A 756 30.99 -33.47 26.47
N PRO A 757 32.31 -33.71 26.62
CA PRO A 757 32.99 -33.15 27.79
C PRO A 757 33.02 -31.61 27.82
N ARG A 758 33.04 -30.99 26.65
CA ARG A 758 33.02 -29.53 26.54
C ARG A 758 31.63 -28.98 26.89
N LEU A 759 30.58 -29.59 26.35
CA LEU A 759 29.20 -29.18 26.63
C LEU A 759 28.86 -29.34 28.12
N GLU A 760 29.44 -30.37 28.75
CA GLU A 760 29.22 -30.66 30.16
C GLU A 760 30.00 -29.76 31.11
N ASN A 761 31.08 -29.17 30.62
CA ASN A 761 31.97 -28.36 31.47
C ASN A 761 31.37 -26.98 31.73
N PRO A 762 31.00 -26.69 33.00
CA PRO A 762 30.37 -25.39 33.29
C PRO A 762 31.24 -24.17 32.98
N SER A 763 32.56 -24.35 32.98
CA SER A 763 33.48 -23.26 32.69
C SER A 763 33.45 -22.81 31.21
N PHE A 764 32.86 -23.62 30.34
CA PHE A 764 32.72 -23.27 28.93
C PHE A 764 31.55 -22.31 28.65
N LYS A 765 30.60 -22.22 29.58
CA LYS A 765 29.35 -21.50 29.33
C LYS A 765 29.44 -20.02 29.75
N PRO A 766 29.16 -19.10 28.82
CA PRO A 766 29.14 -17.70 29.22
C PRO A 766 27.83 -17.30 29.91
N ALA A 767 27.93 -16.34 30.82
CA ALA A 767 26.79 -15.72 31.46
C ALA A 767 26.44 -14.40 30.75
N LYS A 768 25.35 -13.79 31.19
CA LYS A 768 24.83 -12.55 30.61
C LYS A 768 25.90 -11.46 30.52
N GLY A 769 26.70 -11.31 31.58
CA GLY A 769 27.78 -10.34 31.59
C GLY A 769 28.70 -10.49 30.39
N HIS A 770 29.09 -11.73 30.08
CA HIS A 770 29.96 -11.99 28.94
C HIS A 770 29.28 -11.61 27.62
N ILE A 771 28.02 -11.98 27.51
CA ILE A 771 27.25 -11.78 26.28
C ILE A 771 27.13 -10.28 25.98
N LEU A 772 26.77 -9.50 27.00
CA LEU A 772 26.64 -8.05 26.85
C LEU A 772 27.98 -7.38 26.53
N ALA A 773 29.05 -7.87 27.14
CA ALA A 773 30.39 -7.34 26.88
C ALA A 773 30.81 -7.63 25.43
N ALA A 774 30.48 -8.83 24.93
CA ALA A 774 30.75 -9.14 23.52
C ALA A 774 29.99 -8.21 22.58
N LEU A 775 28.72 -7.92 22.91
CA LEU A 775 27.93 -7.00 22.11
C LEU A 775 28.50 -5.59 22.12
N ASP A 776 28.90 -5.13 23.30
CA ASP A 776 29.45 -3.79 23.43
C ASP A 776 30.74 -3.62 22.60
N SER A 777 31.63 -4.62 22.65
CA SER A 777 32.88 -4.53 21.91
CA SER A 777 32.88 -4.60 21.91
C SER A 777 32.65 -4.66 20.39
N PHE A 778 31.64 -5.42 19.98
CA PHE A 778 31.30 -5.57 18.57
C PHE A 778 30.76 -4.25 17.99
N VAL A 779 29.85 -3.61 18.71
CA VAL A 779 29.34 -2.28 18.33
C VAL A 779 30.50 -1.28 18.18
N ASP A 780 31.44 -1.31 19.11
CA ASP A 780 32.59 -0.39 19.06
C ASP A 780 33.50 -0.59 17.86
N ILE A 781 33.77 -1.83 17.47
CA ILE A 781 34.66 -2.06 16.31
CA ILE A 781 34.66 -2.05 16.32
C ILE A 781 33.96 -1.64 15.02
N LEU A 782 32.64 -1.81 14.95
CA LEU A 782 31.88 -1.32 13.82
C LEU A 782 32.05 0.20 13.76
N LYS A 783 31.88 0.85 14.91
CA LYS A 783 32.07 2.31 15.00
C LYS A 783 33.46 2.73 14.52
N ILE A 784 34.48 1.94 14.87
CA ILE A 784 35.84 2.22 14.42
C ILE A 784 35.94 2.12 12.89
N ARG A 785 35.37 1.06 12.29
CA ARG A 785 35.38 0.91 10.83
C ARG A 785 34.81 2.14 10.14
N TYR A 786 33.70 2.64 10.68
CA TYR A 786 32.99 3.75 10.03
C TYR A 786 33.48 5.12 10.50
N SER A 787 34.51 5.13 11.34
CA SER A 787 35.13 6.37 11.80
C SER A 787 36.15 6.91 10.80
N SER A 788 36.61 6.06 9.87
CA SER A 788 37.63 6.46 8.89
C SER A 788 37.40 5.79 7.55
N PRO A 789 37.37 6.59 6.46
CA PRO A 789 37.32 6.00 5.12
C PRO A 789 38.52 5.12 4.78
N LEU A 790 39.59 5.19 5.56
CA LEU A 790 40.80 4.41 5.29
C LEU A 790 40.61 2.89 5.46
N PHE A 791 39.63 2.49 6.26
CA PHE A 791 39.30 1.06 6.41
C PHE A 791 38.50 0.50 5.23
N ARG A 792 37.99 1.38 4.37
CA ARG A 792 37.07 1.00 3.30
C ARG A 792 37.52 1.56 1.95
N LEU A 793 38.78 1.31 1.58
CA LEU A 793 39.33 1.84 0.33
C LEU A 793 38.60 1.22 -0.87
N SER A 794 38.32 2.03 -1.88
CA SER A 794 37.41 1.61 -2.94
C SER A 794 38.06 0.86 -4.10
N THR A 795 39.39 0.96 -4.25
CA THR A 795 40.08 0.30 -5.37
C THR A 795 41.35 -0.43 -4.95
N ALA A 796 41.79 -1.34 -5.81
CA ALA A 796 43.03 -2.08 -5.58
C ALA A 796 44.23 -1.14 -5.59
N ASN A 797 44.24 -0.17 -6.50
CA ASN A 797 45.28 0.86 -6.55
C ASN A 797 45.44 1.60 -5.23
N ASP A 798 44.32 1.98 -4.62
CA ASP A 798 44.34 2.65 -3.33
C ASP A 798 44.96 1.74 -2.27
N ILE A 799 44.55 0.48 -2.26
CA ILE A 799 45.04 -0.48 -1.27
C ILE A 799 46.54 -0.75 -1.46
N LYS A 800 46.97 -0.90 -2.71
CA LYS A 800 48.38 -1.12 -3.00
C LYS A 800 49.25 0.07 -2.55
N GLN A 801 48.73 1.27 -2.73
CA GLN A 801 49.45 2.49 -2.36
C GLN A 801 49.47 2.75 -0.84
N ARG A 802 48.38 2.42 -0.16
CA ARG A 802 48.16 2.87 1.22
C ARG A 802 48.30 1.82 2.33
N VAL A 803 48.07 0.54 2.01
CA VAL A 803 48.04 -0.51 3.03
C VAL A 803 49.38 -1.25 3.12
N ARG A 804 49.96 -1.24 4.32
CA ARG A 804 51.25 -1.88 4.57
CA ARG A 804 51.26 -1.89 4.57
C ARG A 804 51.18 -2.77 5.80
N PHE A 805 51.80 -3.95 5.72
CA PHE A 805 51.92 -4.83 6.88
C PHE A 805 53.34 -4.76 7.42
N HIS A 806 53.46 -4.74 8.74
CA HIS A 806 54.71 -4.36 9.40
C HIS A 806 55.38 -5.42 10.27
N ASN A 807 54.75 -6.59 10.39
CA ASN A 807 55.33 -7.75 11.08
C ASN A 807 55.33 -8.94 10.13
N THR A 808 56.40 -9.03 9.33
CA THR A 808 56.50 -9.99 8.23
C THR A 808 57.84 -10.72 8.23
N GLY A 809 57.96 -11.73 7.37
CA GLY A 809 59.24 -12.42 7.15
C GLY A 809 59.51 -13.58 8.09
N PRO A 810 60.64 -14.27 7.90
CA PRO A 810 60.92 -15.48 8.68
C PRO A 810 61.10 -15.21 10.17
N SER A 811 61.49 -13.99 10.52
CA SER A 811 61.68 -13.63 11.92
C SER A 811 60.52 -12.80 12.47
N LEU A 812 59.34 -12.91 11.85
CA LEU A 812 58.16 -12.21 12.37
C LEU A 812 57.85 -12.67 13.79
N VAL A 813 57.21 -11.79 14.55
CA VAL A 813 56.76 -12.08 15.89
C VAL A 813 55.49 -12.92 15.77
N PRO A 814 55.51 -14.19 16.23
CA PRO A 814 54.32 -15.03 16.04
C PRO A 814 53.08 -14.49 16.75
N GLY A 815 51.93 -14.57 16.08
CA GLY A 815 50.64 -14.24 16.69
C GLY A 815 50.29 -12.77 16.68
N VAL A 816 50.99 -11.97 15.87
CA VAL A 816 50.70 -10.55 15.76
C VAL A 816 50.65 -10.12 14.30
N ILE A 817 49.62 -9.37 13.95
CA ILE A 817 49.50 -8.74 12.63
C ILE A 817 49.47 -7.24 12.86
N VAL A 818 50.31 -6.50 12.15
CA VAL A 818 50.37 -5.04 12.26
C VAL A 818 50.04 -4.45 10.90
N MET A 819 48.92 -3.74 10.82
CA MET A 819 48.39 -3.24 9.57
C MET A 819 48.30 -1.72 9.61
N GLY A 820 49.07 -1.07 8.74
CA GLY A 820 49.07 0.39 8.63
C GLY A 820 48.36 0.85 7.38
N ILE A 821 47.61 1.95 7.50
CA ILE A 821 46.92 2.53 6.37
C ILE A 821 47.24 4.03 6.31
N GLU A 822 47.81 4.45 5.20
CA GLU A 822 48.33 5.79 5.02
C GLU A 822 47.31 6.71 4.33
N ASP A 823 47.28 7.97 4.76
CA ASP A 823 46.55 9.01 4.06
C ASP A 823 47.51 10.15 3.70
N ALA A 824 47.03 11.09 2.89
CA ALA A 824 47.84 12.25 2.49
C ALA A 824 48.33 13.01 3.72
N ARG A 825 49.61 13.36 3.71
CA ARG A 825 50.20 14.17 4.77
C ARG A 825 51.39 14.97 4.27
N GLY A 826 51.77 15.99 5.03
CA GLY A 826 52.79 16.94 4.61
C GLY A 826 52.32 17.79 3.43
N GLU A 827 53.16 18.75 3.03
CA GLU A 827 52.91 19.51 1.81
C GLU A 827 53.38 18.65 0.64
N SER A 828 52.75 18.85 -0.51
CA SER A 828 53.05 18.07 -1.73
C SER A 828 52.81 16.55 -1.57
N PRO A 829 51.54 16.15 -1.35
CA PRO A 829 51.24 14.71 -1.19
C PRO A 829 51.17 13.95 -2.52
N GLU A 830 51.50 12.66 -2.48
CA GLU A 830 51.40 11.77 -3.64
C GLU A 830 50.05 11.05 -3.73
N MET A 831 49.11 11.39 -2.84
CA MET A 831 47.79 10.76 -2.83
C MET A 831 46.72 11.75 -2.36
N ALA A 832 45.47 11.44 -2.70
CA ALA A 832 44.33 12.24 -2.24
C ALA A 832 44.18 12.14 -0.73
N GLN A 833 43.66 13.20 -0.12
CA GLN A 833 43.29 13.16 1.30
C GLN A 833 41.89 12.59 1.42
N LEU A 834 41.78 11.38 1.97
CA LEU A 834 40.50 10.71 2.14
C LEU A 834 39.90 10.94 3.53
N ASP A 835 40.73 11.26 4.51
CA ASP A 835 40.30 11.35 5.90
C ASP A 835 40.64 12.71 6.51
N THR A 836 39.61 13.48 6.85
CA THR A 836 39.78 14.82 7.41
C THR A 836 40.21 14.84 8.88
N ASN A 837 40.05 13.71 9.58
CA ASN A 837 40.39 13.62 11.00
C ASN A 837 41.74 12.98 11.29
N PHE A 838 42.10 11.98 10.47
CA PHE A 838 43.32 11.20 10.69
C PHE A 838 44.19 11.17 9.43
N SER A 839 45.50 11.20 9.60
CA SER A 839 46.44 11.10 8.48
C SER A 839 47.08 9.71 8.36
N TYR A 840 46.87 8.88 9.39
CA TYR A 840 47.44 7.52 9.41
C TYR A 840 46.66 6.71 10.43
N VAL A 841 46.45 5.43 10.11
CA VAL A 841 45.86 4.50 11.07
C VAL A 841 46.69 3.22 11.12
N VAL A 842 46.95 2.73 12.33
CA VAL A 842 47.66 1.46 12.52
C VAL A 842 46.82 0.56 13.44
N THR A 843 46.57 -0.66 12.99
CA THR A 843 45.85 -1.64 13.77
C THR A 843 46.78 -2.78 14.12
N VAL A 844 46.80 -3.17 15.39
CA VAL A 844 47.55 -4.34 15.83
C VAL A 844 46.58 -5.41 16.32
N PHE A 845 46.60 -6.57 15.64
CA PHE A 845 45.86 -7.73 16.08
C PHE A 845 46.82 -8.63 16.86
N ASN A 846 46.65 -8.71 18.17
CA ASN A 846 47.50 -9.57 19.00
C ASN A 846 46.73 -10.76 19.54
N VAL A 847 46.97 -11.95 18.99
CA VAL A 847 46.32 -13.17 19.47
C VAL A 847 47.12 -13.87 20.58
N CYS A 848 48.33 -13.36 20.87
CA CYS A 848 49.12 -13.91 21.96
C CYS A 848 48.40 -13.73 23.30
N PRO A 849 48.58 -14.69 24.23
CA PRO A 849 48.00 -14.57 25.57
C PRO A 849 48.84 -13.71 26.51
N HIS A 850 49.62 -12.79 25.93
CA HIS A 850 50.45 -11.88 26.71
C HIS A 850 50.58 -10.59 25.95
N GLU A 851 50.99 -9.55 26.66
CA GLU A 851 51.28 -8.26 26.07
C GLU A 851 52.41 -8.39 25.06
N VAL A 852 52.35 -7.62 23.99
CA VAL A 852 53.47 -7.52 23.05
C VAL A 852 53.84 -6.07 22.84
N SER A 853 55.10 -5.84 22.54
CA SER A 853 55.60 -4.53 22.15
C SER A 853 56.18 -4.65 20.76
N MET A 854 55.52 -4.00 19.80
CA MET A 854 55.90 -4.07 18.39
C MET A 854 56.59 -2.77 17.99
N ASP A 855 57.89 -2.84 17.73
CA ASP A 855 58.66 -1.67 17.30
C ASP A 855 58.62 -1.56 15.78
N ILE A 856 58.10 -0.44 15.28
CA ILE A 856 58.08 -0.14 13.85
C ILE A 856 58.77 1.21 13.62
N PRO A 857 60.10 1.18 13.39
CA PRO A 857 60.90 2.40 13.17
C PRO A 857 60.34 3.35 12.11
N ALA A 858 59.77 2.80 11.04
CA ALA A 858 59.16 3.61 9.98
C ALA A 858 57.96 4.42 10.47
N LEU A 859 57.38 4.02 11.60
CA LEU A 859 56.28 4.77 12.22
C LEU A 859 56.71 5.48 13.51
N ALA A 860 58.01 5.68 13.68
CA ALA A 860 58.51 6.44 14.82
C ALA A 860 58.33 7.94 14.59
N SER A 861 58.37 8.71 15.67
CA SER A 861 58.29 10.17 15.63
C SER A 861 57.02 10.67 14.91
N MET A 862 55.90 10.04 15.20
CA MET A 862 54.61 10.42 14.63
C MET A 862 53.59 10.68 15.74
N GLY A 863 52.41 11.16 15.38
CA GLY A 863 51.43 11.60 16.37
C GLY A 863 50.39 10.56 16.77
N PHE A 864 50.78 9.28 16.81
CA PHE A 864 49.82 8.22 17.10
C PHE A 864 49.30 8.27 18.53
N GLU A 865 48.00 8.02 18.66
CA GLU A 865 47.35 7.85 19.94
C GLU A 865 46.26 6.82 19.76
N LEU A 866 45.79 6.26 20.88
CA LEU A 866 44.74 5.25 20.84
C LEU A 866 43.45 5.86 20.28
N HIS A 867 42.73 5.07 19.48
CA HIS A 867 41.45 5.49 18.92
C HIS A 867 40.52 5.95 20.04
N PRO A 868 39.81 7.08 19.86
CA PRO A 868 38.95 7.56 20.96
C PRO A 868 37.90 6.55 21.43
N VAL A 869 37.36 5.74 20.51
CA VAL A 869 36.44 4.65 20.88
C VAL A 869 37.10 3.69 21.88
N GLN A 870 38.36 3.35 21.64
CA GLN A 870 39.05 2.44 22.55
C GLN A 870 39.49 3.12 23.85
N VAL A 871 39.86 4.40 23.76
CA VAL A 871 40.12 5.22 24.94
C VAL A 871 38.92 5.16 25.90
N ASN A 872 37.71 5.13 25.34
CA ASN A 872 36.48 5.15 26.13
C ASN A 872 35.77 3.79 26.23
N SER A 873 36.50 2.73 25.90
CA SER A 873 35.92 1.38 25.88
C SER A 873 35.50 0.91 27.27
N SER A 874 34.43 0.12 27.33
CA SER A 874 34.04 -0.54 28.57
C SER A 874 35.03 -1.66 28.92
N ASP A 875 35.78 -2.13 27.91
CA ASP A 875 36.88 -3.07 28.16
C ASP A 875 38.08 -2.31 28.70
N THR A 876 38.41 -2.55 29.96
CA THR A 876 39.51 -1.83 30.61
C THR A 876 40.90 -2.20 30.06
N LEU A 877 41.01 -3.39 29.45
CA LEU A 877 42.30 -3.88 28.97
C LEU A 877 42.79 -3.11 27.75
N VAL A 878 41.93 -2.96 26.74
CA VAL A 878 42.29 -2.24 25.51
C VAL A 878 42.73 -0.79 25.78
N ARG A 879 42.18 -0.16 26.82
CA ARG A 879 42.58 1.21 27.22
C ARG A 879 44.07 1.36 27.54
N LYS A 880 44.71 0.26 27.94
CA LYS A 880 46.13 0.27 28.31
C LYS A 880 47.07 0.29 27.09
N SER A 881 46.52 0.05 25.90
CA SER A 881 47.29 0.14 24.66
C SER A 881 48.02 1.48 24.56
N ALA A 882 49.26 1.44 24.09
CA ALA A 882 50.08 2.66 24.06
C ALA A 882 51.06 2.71 22.89
N TYR A 883 51.47 3.94 22.56
CA TYR A 883 52.45 4.20 21.52
C TYR A 883 53.60 5.03 22.10
N GLU A 884 54.84 4.66 21.75
CA GLU A 884 56.03 5.41 22.15
C GLU A 884 56.69 5.97 20.89
N ALA A 885 56.80 7.29 20.82
CA ALA A 885 57.26 7.99 19.61
C ALA A 885 58.72 7.74 19.24
N ALA A 886 59.60 7.73 20.24
CA ALA A 886 61.05 7.64 20.00
C ALA A 886 61.47 6.38 19.26
N THR A 887 60.73 5.28 19.47
CA THR A 887 61.04 3.99 18.87
C THR A 887 59.97 3.48 17.91
N GLY A 888 58.81 4.13 17.89
CA GLY A 888 57.66 3.64 17.12
C GLY A 888 57.11 2.36 17.71
N ARG A 889 57.14 2.27 19.05
CA ARG A 889 56.67 1.08 19.75
C ARG A 889 55.19 1.13 20.03
N PHE A 890 54.48 0.10 19.59
CA PHE A 890 53.08 -0.08 19.89
C PHE A 890 52.96 -1.22 20.91
N THR A 891 52.50 -0.90 22.11
CA THR A 891 52.35 -1.89 23.17
C THR A 891 50.88 -2.29 23.28
N VAL A 892 50.62 -3.58 23.14
CA VAL A 892 49.26 -4.10 23.01
C VAL A 892 49.07 -5.27 23.98
N PRO A 893 48.02 -5.22 24.81
CA PRO A 893 47.74 -6.31 25.75
C PRO A 893 47.40 -7.63 25.05
N GLY A 894 47.45 -8.71 25.81
CA GLY A 894 47.11 -10.03 25.29
C GLY A 894 45.69 -10.11 24.76
N ARG A 895 45.52 -10.90 23.69
CA ARG A 895 44.21 -11.17 23.10
C ARG A 895 43.42 -9.89 22.86
N THR A 896 44.04 -8.94 22.18
CA THR A 896 43.47 -7.60 22.02
C THR A 896 43.74 -7.09 20.61
N VAL A 897 42.76 -6.36 20.06
CA VAL A 897 42.97 -5.56 18.85
C VAL A 897 43.01 -4.08 19.25
N SER A 898 44.11 -3.42 18.89
CA SER A 898 44.34 -2.04 19.23
C SER A 898 44.47 -1.19 17.98
N VAL A 899 43.69 -0.12 17.91
CA VAL A 899 43.70 0.77 16.76
C VAL A 899 44.27 2.11 17.19
N PHE A 900 45.32 2.54 16.48
CA PHE A 900 45.99 3.80 16.73
C PHE A 900 45.77 4.73 15.56
N VAL A 901 45.59 6.01 15.85
CA VAL A 901 45.31 7.00 14.83
C VAL A 901 46.26 8.19 14.99
N GLU A 902 46.63 8.79 13.87
CA GLU A 902 47.41 10.02 13.90
C GLU A 902 46.46 11.16 13.58
N PRO A 903 46.11 11.97 14.60
CA PRO A 903 45.21 13.09 14.32
C PRO A 903 45.87 14.13 13.41
N ARG A 904 45.05 14.86 12.65
CA ARG A 904 45.56 15.96 11.84
C ARG A 904 45.79 17.23 12.65
N CYS A 905 45.30 17.26 13.89
CA CYS A 905 45.58 18.36 14.82
C CYS A 905 46.94 18.16 15.49
N MET B 24 -33.98 -5.98 -14.08
CA MET B 24 -33.94 -5.58 -15.52
C MET B 24 -33.05 -6.54 -16.32
N PRO B 25 -33.61 -7.18 -17.37
CA PRO B 25 -32.93 -8.24 -18.12
C PRO B 25 -31.84 -7.72 -19.06
N ASP B 26 -31.38 -8.60 -19.94
CA ASP B 26 -30.27 -8.31 -20.84
C ASP B 26 -30.57 -7.17 -21.80
N ALA B 27 -29.77 -6.11 -21.74
CA ALA B 27 -29.84 -5.01 -22.68
C ALA B 27 -28.43 -4.48 -22.93
N ARG B 28 -27.69 -5.22 -23.77
CA ARG B 28 -26.28 -4.94 -24.06
C ARG B 28 -26.08 -4.04 -25.28
N ALA B 29 -27.18 -3.72 -25.99
CA ALA B 29 -27.11 -2.83 -27.15
C ALA B 29 -27.68 -1.46 -26.79
N TYR B 30 -27.28 -0.45 -27.54
CA TYR B 30 -27.68 0.94 -27.28
C TYR B 30 -28.26 1.58 -28.53
N TRP B 31 -29.45 2.16 -28.42
CA TRP B 31 -30.01 2.98 -29.49
C TRP B 31 -29.62 4.44 -29.22
N VAL B 32 -28.58 4.90 -29.91
CA VAL B 32 -27.90 6.16 -29.56
C VAL B 32 -28.41 7.39 -30.31
N THR B 33 -28.83 7.20 -31.56
CA THR B 33 -29.44 8.30 -32.34
C THR B 33 -30.59 7.72 -33.14
N SER B 34 -31.37 8.61 -33.77
CA SER B 34 -32.53 8.16 -34.57
C SER B 34 -32.17 7.09 -35.60
N ASP B 35 -30.96 7.18 -36.16
CA ASP B 35 -30.55 6.26 -37.23
C ASP B 35 -29.36 5.34 -36.89
N LEU B 36 -28.87 5.37 -35.65
CA LEU B 36 -27.73 4.52 -35.25
C LEU B 36 -27.96 3.73 -33.96
N ILE B 37 -27.56 2.46 -33.99
CA ILE B 37 -27.59 1.56 -32.84
C ILE B 37 -26.20 0.98 -32.63
N ALA B 38 -25.77 0.91 -31.36
CA ALA B 38 -24.44 0.42 -31.00
C ALA B 38 -24.56 -0.92 -30.26
N TRP B 39 -23.65 -1.84 -30.57
CA TRP B 39 -23.63 -3.16 -29.95
C TRP B 39 -22.24 -3.77 -30.11
N ASN B 40 -21.70 -4.32 -29.03
CA ASN B 40 -20.33 -4.84 -29.03
C ASN B 40 -20.26 -6.33 -29.39
N VAL B 41 -20.38 -6.61 -30.70
CA VAL B 41 -20.34 -7.99 -31.21
C VAL B 41 -19.13 -8.19 -32.12
N GLY B 42 -18.80 -9.46 -32.37
CA GLY B 42 -17.61 -9.81 -33.14
C GLY B 42 -17.80 -9.78 -34.64
N GLU B 43 -16.85 -10.40 -35.33
CA GLU B 43 -16.90 -10.59 -36.80
C GLU B 43 -18.20 -11.27 -37.23
N SER B 48 -24.66 -10.04 -40.06
CA SER B 48 -26.12 -10.05 -39.99
C SER B 48 -26.62 -9.69 -38.59
N VAL B 49 -27.38 -8.60 -38.51
CA VAL B 49 -28.03 -8.17 -37.27
C VAL B 49 -29.39 -7.58 -37.60
N CYS B 50 -30.42 -8.01 -36.86
CA CYS B 50 -31.79 -7.57 -37.10
C CYS B 50 -32.41 -6.92 -35.87
N LEU B 51 -33.34 -6.00 -36.10
CA LEU B 51 -34.07 -5.29 -35.05
C LEU B 51 -35.54 -5.73 -35.05
N TYR B 52 -35.94 -6.36 -33.94
CA TYR B 52 -37.32 -6.85 -33.77
C TYR B 52 -38.12 -5.91 -32.87
N ALA B 53 -39.41 -5.78 -33.15
CA ALA B 53 -40.30 -4.93 -32.35
C ALA B 53 -41.67 -5.57 -32.16
N SER B 54 -42.16 -5.55 -30.92
CA SER B 54 -43.52 -5.98 -30.60
C SER B 54 -44.17 -4.94 -29.68
N ARG B 55 -45.27 -4.36 -30.13
CA ARG B 55 -45.97 -3.32 -29.36
C ARG B 55 -46.62 -3.90 -28.10
N ALA B 56 -47.21 -5.09 -28.23
CA ALA B 56 -47.89 -5.74 -27.11
C ALA B 56 -46.92 -6.55 -26.24
N ALA B 57 -45.62 -6.49 -26.54
CA ALA B 57 -44.58 -7.18 -25.78
C ALA B 57 -44.75 -8.69 -25.80
N ALA B 58 -45.01 -9.23 -26.99
CA ALA B 58 -45.39 -10.63 -27.16
C ALA B 58 -44.28 -11.50 -27.78
N MET B 59 -43.04 -11.04 -27.71
CA MET B 59 -41.93 -11.79 -28.31
C MET B 59 -41.44 -12.90 -27.37
N SER B 60 -40.90 -13.96 -27.96
CA SER B 60 -40.56 -15.18 -27.22
C SER B 60 -39.13 -15.64 -27.50
N ILE B 68 -36.49 -15.18 -33.37
CA ILE B 68 -37.49 -14.45 -32.59
C ILE B 68 -38.89 -14.66 -33.19
N GLN B 69 -39.88 -14.67 -32.30
CA GLN B 69 -41.27 -14.97 -32.66
C GLN B 69 -42.16 -13.90 -32.05
N GLY B 70 -43.39 -13.79 -32.54
CA GLY B 70 -44.38 -12.86 -31.99
C GLY B 70 -44.07 -11.39 -32.20
N TYR B 71 -43.12 -11.08 -33.08
CA TYR B 71 -42.77 -9.70 -33.39
C TYR B 71 -43.76 -9.12 -34.40
N ASP B 72 -44.06 -7.84 -34.26
CA ASP B 72 -44.94 -7.14 -35.20
C ASP B 72 -44.16 -6.86 -36.48
N SER B 73 -42.90 -6.46 -36.33
CA SER B 73 -42.05 -6.09 -37.45
C SER B 73 -40.61 -6.52 -37.23
N LYS B 74 -39.89 -6.69 -38.33
CA LYS B 74 -38.46 -6.99 -38.31
C LYS B 74 -37.79 -6.19 -39.41
N VAL B 75 -36.57 -5.72 -39.14
CA VAL B 75 -35.79 -4.97 -40.11
C VAL B 75 -34.31 -5.29 -39.95
N GLU B 76 -33.62 -5.45 -41.08
CA GLU B 76 -32.17 -5.67 -41.06
C GLU B 76 -31.47 -4.36 -40.76
N LEU B 77 -30.41 -4.43 -39.94
CA LEU B 77 -29.61 -3.25 -39.63
C LEU B 77 -28.28 -3.31 -40.39
N GLN B 78 -28.19 -2.49 -41.42
CA GLN B 78 -26.97 -2.35 -42.21
C GLN B 78 -25.82 -1.80 -41.36
N PRO B 79 -24.67 -2.52 -41.30
CA PRO B 79 -23.49 -1.99 -40.63
C PRO B 79 -23.07 -0.61 -41.14
N GLU B 80 -22.76 0.29 -40.20
CA GLU B 80 -22.32 1.65 -40.53
C GLU B 80 -20.80 1.72 -40.39
N SER B 81 -20.10 1.61 -41.51
CA SER B 81 -18.63 1.62 -41.53
C SER B 81 -18.03 2.95 -41.07
N ALA B 82 -18.77 4.04 -41.25
CA ALA B 82 -18.36 5.35 -40.74
C ALA B 82 -18.29 5.40 -39.21
N GLY B 83 -18.91 4.42 -38.55
CA GLY B 83 -18.78 4.26 -37.11
C GLY B 83 -19.64 5.22 -36.31
N LEU B 84 -19.37 5.30 -35.01
CA LEU B 84 -20.15 6.14 -34.10
C LEU B 84 -19.74 7.60 -34.24
N PRO B 85 -20.71 8.52 -34.39
CA PRO B 85 -20.33 9.93 -34.50
C PRO B 85 -19.76 10.50 -33.20
N GLU B 86 -18.86 11.47 -33.35
CA GLU B 86 -18.26 12.21 -32.24
C GLU B 86 -19.21 12.56 -31.09
N THR B 87 -20.43 13.00 -31.43
CA THR B 87 -21.40 13.40 -30.41
C THR B 87 -21.84 12.23 -29.54
N VAL B 88 -21.92 11.05 -30.14
CA VAL B 88 -22.28 9.83 -29.42
C VAL B 88 -21.15 9.39 -28.48
N THR B 89 -19.92 9.40 -28.99
CA THR B 89 -18.77 8.91 -28.21
C THR B 89 -18.32 9.91 -27.13
N GLN B 90 -18.64 11.19 -27.32
CA GLN B 90 -18.42 12.21 -26.30
C GLN B 90 -19.45 12.08 -25.18
N LYS B 91 -20.69 11.78 -25.56
CA LYS B 91 -21.78 11.62 -24.61
C LYS B 91 -21.71 10.28 -23.86
N PHE B 92 -21.34 9.22 -24.58
CA PHE B 92 -21.18 7.90 -23.97
C PHE B 92 -19.77 7.35 -24.23
N PRO B 93 -18.76 7.89 -23.52
CA PRO B 93 -17.37 7.45 -23.69
C PRO B 93 -17.16 5.94 -23.52
N PHE B 94 -17.96 5.34 -22.62
CA PHE B 94 -17.80 3.92 -22.28
C PHE B 94 -18.19 2.94 -23.39
N ILE B 95 -18.87 3.40 -24.43
CA ILE B 95 -19.22 2.54 -25.58
C ILE B 95 -18.51 2.96 -26.87
N SER B 96 -17.42 3.71 -26.75
CA SER B 96 -16.70 4.24 -27.92
C SER B 96 -16.17 3.14 -28.86
N SER B 97 -15.90 1.95 -28.30
CA SER B 97 -15.40 0.81 -29.09
C SER B 97 -16.50 -0.02 -29.76
N TYR B 98 -17.76 0.33 -29.54
CA TYR B 98 -18.90 -0.46 -30.05
C TYR B 98 -19.08 -0.25 -31.56
N ARG B 99 -19.68 -1.25 -32.20
CA ARG B 99 -19.88 -1.24 -33.66
C ARG B 99 -21.18 -0.47 -33.94
N ALA B 100 -21.20 0.29 -35.02
CA ALA B 100 -22.38 1.08 -35.38
C ALA B 100 -23.24 0.36 -36.43
N PHE B 101 -24.57 0.44 -36.25
CA PHE B 101 -25.52 -0.18 -37.17
C PHE B 101 -26.59 0.83 -37.56
N ARG B 102 -26.86 0.93 -38.86
CA ARG B 102 -27.80 1.93 -39.36
C ARG B 102 -29.24 1.41 -39.34
N VAL B 103 -30.12 2.20 -38.73
CA VAL B 103 -31.57 1.95 -38.76
C VAL B 103 -32.07 2.64 -40.03
N PRO B 104 -32.66 1.87 -40.97
CA PRO B 104 -33.09 2.50 -42.22
C PRO B 104 -34.20 3.52 -42.02
N SER B 105 -34.31 4.48 -42.95
CA SER B 105 -35.32 5.53 -42.86
C SER B 105 -36.75 5.03 -43.05
N SER B 106 -36.91 3.75 -43.36
CA SER B 106 -38.22 3.11 -43.42
C SER B 106 -38.85 2.90 -42.04
N VAL B 107 -38.01 2.84 -41.00
CA VAL B 107 -38.48 2.57 -39.64
C VAL B 107 -39.14 3.79 -39.01
N ASP B 108 -40.31 3.58 -38.41
CA ASP B 108 -40.98 4.61 -37.63
C ASP B 108 -40.43 4.58 -36.21
N VAL B 109 -39.40 5.38 -35.96
CA VAL B 109 -38.66 5.35 -34.70
C VAL B 109 -39.51 5.81 -33.51
N ALA B 110 -40.32 6.84 -33.72
CA ALA B 110 -41.25 7.32 -32.70
C ALA B 110 -42.18 6.20 -32.21
N SER B 111 -42.64 5.36 -33.15
CA SER B 111 -43.50 4.23 -32.82
C SER B 111 -42.72 3.08 -32.16
N LEU B 112 -41.51 2.82 -32.66
CA LEU B 112 -40.73 1.67 -32.20
C LEU B 112 -40.21 1.80 -30.76
N VAL B 113 -39.83 3.01 -30.36
CA VAL B 113 -39.34 3.22 -28.98
C VAL B 113 -40.43 2.97 -27.93
N LYS B 114 -41.68 2.86 -28.36
CA LYS B 114 -42.79 2.48 -27.48
C LYS B 114 -42.98 0.96 -27.36
N CYS B 115 -42.22 0.20 -28.15
CA CYS B 115 -42.38 -1.25 -28.21
C CYS B 115 -41.40 -2.00 -27.33
N GLN B 116 -41.68 -3.28 -27.12
CA GLN B 116 -40.67 -4.22 -26.67
C GLN B 116 -39.71 -4.39 -27.84
N LEU B 117 -38.41 -4.28 -27.57
CA LEU B 117 -37.39 -4.33 -28.62
C LEU B 117 -36.26 -5.27 -28.26
N VAL B 118 -35.79 -6.01 -29.26
CA VAL B 118 -34.57 -6.79 -29.14
C VAL B 118 -33.77 -6.74 -30.44
N VAL B 119 -32.46 -6.95 -30.33
CA VAL B 119 -31.60 -7.14 -31.49
C VAL B 119 -30.98 -8.53 -31.38
N ALA B 120 -30.72 -9.16 -32.53
CA ALA B 120 -30.27 -10.56 -32.54
C ALA B 120 -29.23 -10.86 -33.62
N SER B 121 -28.72 -12.08 -33.57
CA SER B 121 -27.83 -12.60 -34.61
C SER B 121 -27.92 -14.13 -34.68
N VAL B 129 -27.18 -17.49 -32.01
CA VAL B 129 -28.35 -17.08 -31.23
C VAL B 129 -27.95 -16.16 -30.07
N ASP B 130 -27.77 -14.88 -30.39
CA ASP B 130 -27.43 -13.86 -29.41
C ASP B 130 -28.47 -12.75 -29.47
N VAL B 131 -29.34 -12.68 -28.45
CA VAL B 131 -30.45 -11.73 -28.42
C VAL B 131 -30.32 -10.82 -27.20
N THR B 132 -30.51 -9.51 -27.40
CA THR B 132 -30.46 -8.56 -26.29
C THR B 132 -31.36 -7.34 -26.51
N GLY B 133 -31.74 -6.70 -25.41
CA GLY B 133 -32.57 -5.50 -25.46
C GLY B 133 -31.78 -4.26 -25.78
N LEU B 134 -32.48 -3.13 -25.88
CA LEU B 134 -31.88 -1.86 -26.28
C LEU B 134 -31.99 -0.79 -25.19
N GLN B 135 -30.86 -0.18 -24.85
CA GLN B 135 -30.84 0.96 -23.95
C GLN B 135 -31.09 2.22 -24.78
N LEU B 136 -32.20 2.90 -24.49
CA LEU B 136 -32.74 3.95 -25.36
C LEU B 136 -32.39 5.42 -25.06
N PRO B 137 -31.74 5.73 -23.92
CA PRO B 137 -31.53 7.17 -23.64
C PRO B 137 -30.97 8.02 -24.79
N GLY B 138 -29.97 7.51 -25.49
CA GLY B 138 -29.38 8.25 -26.62
C GLY B 138 -30.41 8.67 -27.65
N VAL B 139 -31.19 7.72 -28.16
CA VAL B 139 -32.21 8.01 -29.17
C VAL B 139 -33.35 8.87 -28.61
N LEU B 140 -33.72 8.66 -27.35
CA LEU B 140 -34.77 9.47 -26.73
C LEU B 140 -34.37 10.94 -26.65
N ASP B 141 -33.12 11.20 -26.32
CA ASP B 141 -32.60 12.57 -26.28
C ASP B 141 -32.47 13.16 -27.69
N ASP B 142 -31.99 12.35 -28.63
CA ASP B 142 -31.81 12.80 -30.01
C ASP B 142 -33.12 13.29 -30.64
N MET B 143 -34.22 12.58 -30.36
CA MET B 143 -35.51 12.86 -30.99
C MET B 143 -36.45 13.69 -30.14
N PHE B 144 -36.42 13.51 -28.82
CA PHE B 144 -37.45 14.08 -27.93
C PHE B 144 -36.90 14.93 -26.77
N ALA B 145 -35.65 15.38 -26.86
CA ALA B 145 -35.15 16.40 -25.93
C ALA B 145 -36.11 17.57 -25.99
N TYR B 146 -36.61 18.00 -24.84
CA TYR B 146 -37.76 18.92 -24.77
C TYR B 146 -37.49 20.03 -23.77
N THR B 147 -37.72 21.26 -24.21
CA THR B 147 -37.48 22.44 -23.40
C THR B 147 -38.77 23.20 -23.05
N GLY B 148 -39.91 22.70 -23.53
CA GLY B 148 -41.20 23.34 -23.27
C GLY B 148 -41.70 23.09 -21.86
N PRO B 149 -42.91 23.58 -21.55
CA PRO B 149 -43.42 23.48 -20.18
C PRO B 149 -43.64 22.04 -19.73
N LEU B 150 -43.29 21.75 -18.48
CA LEU B 150 -43.60 20.47 -17.85
C LEU B 150 -44.32 20.72 -16.53
N GLY B 151 -45.17 19.77 -16.15
CA GLY B 151 -46.00 19.91 -14.96
C GLY B 151 -47.24 20.75 -15.25
N ALA B 152 -47.69 21.50 -14.25
CA ALA B 152 -48.90 22.30 -14.37
C ALA B 152 -48.61 23.75 -14.78
N VAL B 153 -49.36 24.25 -15.76
CA VAL B 153 -49.32 25.67 -16.15
C VAL B 153 -50.68 26.28 -15.91
N PHE B 154 -50.71 27.36 -15.14
CA PHE B 154 -51.94 28.08 -14.85
C PHE B 154 -51.97 29.36 -15.65
N SER B 155 -53.09 29.57 -16.36
CA SER B 155 -53.39 30.86 -16.99
C SER B 155 -54.74 31.29 -16.48
N GLU B 156 -55.14 32.53 -16.81
CA GLU B 156 -56.39 33.10 -16.31
C GLU B 156 -57.61 32.19 -16.54
N ASP B 157 -57.65 31.53 -17.70
CA ASP B 157 -58.83 30.77 -18.13
C ASP B 157 -58.65 29.25 -18.10
N SER B 158 -57.48 28.75 -17.71
CA SER B 158 -57.22 27.31 -17.84
C SER B 158 -56.10 26.77 -16.96
N VAL B 159 -56.04 25.45 -16.88
CA VAL B 159 -54.92 24.71 -16.32
C VAL B 159 -54.53 23.64 -17.33
N SER B 160 -53.24 23.53 -17.62
CA SER B 160 -52.74 22.49 -18.51
C SER B 160 -51.67 21.66 -17.82
N LEU B 161 -51.58 20.38 -18.19
CA LEU B 161 -50.60 19.46 -17.64
C LEU B 161 -49.72 18.95 -18.78
N HIS B 162 -48.43 18.79 -18.50
CA HIS B 162 -47.47 18.32 -19.49
C HIS B 162 -46.55 17.29 -18.87
N LEU B 163 -46.39 16.15 -19.53
CA LEU B 163 -45.56 15.07 -19.05
C LEU B 163 -44.68 14.55 -20.17
N TRP B 164 -43.37 14.45 -19.91
CA TRP B 164 -42.44 13.87 -20.86
C TRP B 164 -42.41 12.36 -20.68
N ALA B 165 -42.85 11.64 -21.70
CA ALA B 165 -42.89 10.18 -21.66
C ALA B 165 -42.91 9.64 -23.09
N PRO B 166 -41.78 9.77 -23.80
CA PRO B 166 -41.73 9.41 -25.22
C PRO B 166 -41.90 7.93 -25.53
N THR B 167 -41.62 7.06 -24.55
CA THR B 167 -41.78 5.61 -24.72
C THR B 167 -43.17 5.10 -24.34
N ALA B 168 -43.99 5.94 -23.70
CA ALA B 168 -45.33 5.52 -23.25
C ALA B 168 -46.29 5.32 -24.43
N GLN B 169 -47.12 4.29 -24.35
CA GLN B 169 -48.14 4.02 -25.37
C GLN B 169 -49.41 4.84 -25.13
N GLY B 170 -49.64 5.22 -23.87
CA GLY B 170 -50.76 6.08 -23.50
C GLY B 170 -50.56 6.76 -22.16
N VAL B 171 -51.15 7.96 -22.04
CA VAL B 171 -51.12 8.71 -20.79
C VAL B 171 -52.47 9.37 -20.58
N SER B 172 -53.05 9.12 -19.41
CA SER B 172 -54.23 9.86 -18.96
C SER B 172 -53.96 10.44 -17.60
N VAL B 173 -54.79 11.38 -17.18
CA VAL B 173 -54.73 11.93 -15.83
C VAL B 173 -56.00 11.53 -15.07
N CYS B 174 -55.80 11.03 -13.84
CA CYS B 174 -56.90 10.70 -12.95
CA CYS B 174 -56.90 10.71 -12.97
C CYS B 174 -57.05 11.81 -11.93
N PHE B 175 -58.23 12.40 -11.87
CA PHE B 175 -58.52 13.45 -10.90
C PHE B 175 -59.24 12.91 -9.69
N PHE B 176 -58.86 13.45 -8.53
CA PHE B 176 -59.53 13.16 -7.27
C PHE B 176 -59.94 14.51 -6.66
N ASP B 177 -61.08 14.50 -5.97
CA ASP B 177 -61.44 15.59 -5.08
C ASP B 177 -60.95 15.21 -3.69
N GLY B 178 -59.88 15.84 -3.25
CA GLY B 178 -59.30 15.58 -1.94
C GLY B 178 -58.20 14.52 -1.99
N PRO B 179 -57.40 14.45 -0.92
CA PRO B 179 -56.29 13.51 -0.84
C PRO B 179 -56.72 12.05 -0.62
N ALA B 180 -57.95 11.85 -0.16
CA ALA B 180 -58.45 10.51 0.19
C ALA B 180 -59.66 10.04 -0.63
N GLY B 181 -60.30 10.95 -1.37
CA GLY B 181 -61.51 10.61 -2.11
C GLY B 181 -61.30 9.70 -3.30
N PRO B 182 -62.40 9.15 -3.84
CA PRO B 182 -62.34 8.29 -5.02
C PRO B 182 -62.07 9.08 -6.29
N ALA B 183 -61.67 8.39 -7.34
CA ALA B 183 -61.43 9.03 -8.64
C ALA B 183 -62.71 9.74 -9.11
N LEU B 184 -62.55 10.98 -9.57
CA LEU B 184 -63.67 11.79 -10.07
C LEU B 184 -63.86 11.60 -11.57
N GLU B 185 -62.76 11.59 -12.30
CA GLU B 185 -62.78 11.37 -13.74
C GLU B 185 -61.36 11.10 -14.23
N THR B 186 -61.27 10.47 -15.40
CA THR B 186 -60.00 10.30 -16.08
C THR B 186 -60.08 11.03 -17.42
N VAL B 187 -59.02 11.77 -17.76
CA VAL B 187 -58.96 12.54 -18.99
C VAL B 187 -57.71 12.12 -19.77
N GLN B 188 -57.87 11.87 -21.07
CA GLN B 188 -56.74 11.42 -21.90
C GLN B 188 -55.86 12.60 -22.29
N LEU B 189 -54.54 12.37 -22.26
CA LEU B 189 -53.59 13.36 -22.76
C LEU B 189 -53.24 13.01 -24.19
N LYS B 190 -52.86 14.02 -24.97
CA LYS B 190 -52.43 13.85 -26.36
C LYS B 190 -50.93 14.04 -26.46
N GLU B 191 -50.29 13.21 -27.27
CA GLU B 191 -48.85 13.28 -27.45
C GLU B 191 -48.47 14.19 -28.63
N SER B 192 -47.47 15.03 -28.40
CA SER B 192 -46.83 15.79 -29.48
C SER B 192 -45.35 15.84 -29.16
N ASN B 193 -44.54 15.22 -30.01
CA ASN B 193 -43.08 15.17 -29.83
C ASN B 193 -42.66 14.52 -28.50
N GLY B 194 -43.28 13.38 -28.18
CA GLY B 194 -42.95 12.63 -26.97
C GLY B 194 -43.50 13.22 -25.68
N VAL B 195 -44.13 14.39 -25.78
CA VAL B 195 -44.67 15.09 -24.63
C VAL B 195 -46.19 14.99 -24.64
N TRP B 196 -46.74 14.52 -23.52
CA TRP B 196 -48.16 14.34 -23.36
C TRP B 196 -48.74 15.55 -22.65
N SER B 197 -49.83 16.09 -23.19
CA SER B 197 -50.45 17.28 -22.62
C SER B 197 -51.96 17.32 -22.75
N VAL B 198 -52.58 18.10 -21.88
CA VAL B 198 -54.01 18.38 -21.96
C VAL B 198 -54.29 19.72 -21.28
N THR B 199 -55.32 20.41 -21.75
CA THR B 199 -55.77 21.66 -21.15
C THR B 199 -57.19 21.51 -20.64
N GLY B 200 -57.43 22.02 -19.44
CA GLY B 200 -58.76 21.99 -18.84
C GLY B 200 -59.14 23.35 -18.26
N PRO B 201 -60.35 23.46 -17.69
CA PRO B 201 -60.80 24.70 -17.10
C PRO B 201 -60.02 25.08 -15.83
N ARG B 202 -60.13 26.34 -15.42
CA ARG B 202 -59.44 26.82 -14.22
C ARG B 202 -59.91 26.09 -12.95
N GLU B 203 -61.10 25.51 -13.03
CA GLU B 203 -61.68 24.74 -11.91
C GLU B 203 -60.89 23.46 -11.57
N TRP B 204 -59.98 23.05 -12.46
CA TRP B 204 -59.04 21.95 -12.16
C TRP B 204 -58.10 22.30 -11.00
N GLU B 205 -57.85 23.60 -10.80
CA GLU B 205 -56.97 24.07 -9.73
C GLU B 205 -57.34 23.45 -8.39
N ASN B 206 -56.32 22.98 -7.66
CA ASN B 206 -56.46 22.38 -6.32
C ASN B 206 -57.09 20.99 -6.27
N ARG B 207 -57.33 20.38 -7.44
CA ARG B 207 -57.62 18.95 -7.50
C ARG B 207 -56.35 18.21 -7.15
N TYR B 208 -56.52 16.95 -6.75
CA TYR B 208 -55.39 16.03 -6.62
C TYR B 208 -55.38 15.14 -7.87
N TYR B 209 -54.21 14.66 -8.27
CA TYR B 209 -54.12 13.83 -9.46
C TYR B 209 -52.94 12.86 -9.51
N LEU B 210 -53.08 11.89 -10.41
CA LEU B 210 -52.02 10.96 -10.80
C LEU B 210 -52.12 10.75 -12.31
N TYR B 211 -51.01 10.40 -12.93
CA TYR B 211 -51.01 10.00 -14.33
C TYR B 211 -51.14 8.49 -14.44
N GLU B 212 -51.97 8.03 -15.38
CA GLU B 212 -51.99 6.62 -15.75
C GLU B 212 -51.13 6.47 -16.98
N VAL B 213 -50.01 5.77 -16.85
CA VAL B 213 -49.02 5.67 -17.91
C VAL B 213 -48.88 4.22 -18.34
N ASP B 214 -49.26 3.94 -19.59
CA ASP B 214 -49.08 2.63 -20.18
C ASP B 214 -47.71 2.58 -20.85
N VAL B 215 -46.79 1.82 -20.28
CA VAL B 215 -45.42 1.81 -20.77
C VAL B 215 -44.73 0.47 -20.57
N TYR B 216 -43.89 0.10 -21.54
CA TYR B 216 -43.10 -1.11 -21.47
C TYR B 216 -42.00 -0.98 -20.41
N HIS B 217 -42.03 -1.90 -19.45
CA HIS B 217 -41.02 -1.96 -18.39
C HIS B 217 -40.10 -3.17 -18.59
N PRO B 218 -38.82 -2.93 -18.90
CA PRO B 218 -37.85 -4.03 -19.06
C PRO B 218 -37.84 -5.04 -17.92
N THR B 219 -37.89 -4.55 -16.68
CA THR B 219 -37.80 -5.40 -15.49
C THR B 219 -38.88 -6.49 -15.44
N LYS B 220 -40.07 -6.20 -15.95
CA LYS B 220 -41.17 -7.16 -15.99
C LYS B 220 -41.40 -7.74 -17.38
N ALA B 221 -40.70 -7.23 -18.39
CA ALA B 221 -40.90 -7.61 -19.80
C ALA B 221 -42.38 -7.55 -20.20
N GLN B 222 -43.04 -6.46 -19.80
CA GLN B 222 -44.46 -6.26 -20.03
C GLN B 222 -44.77 -4.79 -20.23
N VAL B 223 -45.85 -4.50 -20.96
CA VAL B 223 -46.45 -3.18 -20.97
C VAL B 223 -47.41 -3.11 -19.78
N LEU B 224 -47.18 -2.14 -18.90
CA LEU B 224 -47.92 -2.04 -17.64
C LEU B 224 -48.56 -0.68 -17.48
N LYS B 225 -49.76 -0.67 -16.89
CA LYS B 225 -50.44 0.56 -16.51
C LYS B 225 -49.93 1.00 -15.15
N CYS B 226 -49.11 2.05 -15.14
CA CYS B 226 -48.53 2.56 -13.91
C CYS B 226 -49.24 3.82 -13.46
N LEU B 227 -49.43 3.94 -12.15
CA LEU B 227 -50.04 5.13 -11.55
C LEU B 227 -48.92 5.96 -10.93
N ALA B 228 -48.61 7.09 -11.58
CA ALA B 228 -47.41 7.86 -11.24
C ALA B 228 -47.68 9.32 -10.87
N GLY B 229 -46.91 9.79 -9.89
CA GLY B 229 -46.89 11.22 -9.55
C GLY B 229 -46.25 12.03 -10.66
N ASP B 230 -46.32 13.35 -10.53
CA ASP B 230 -45.74 14.26 -11.52
C ASP B 230 -44.30 14.57 -11.10
N PRO B 231 -43.32 14.29 -11.99
CA PRO B 231 -41.95 14.68 -11.67
C PRO B 231 -41.80 16.17 -11.36
N TYR B 232 -42.68 16.99 -11.91
CA TYR B 232 -42.66 18.43 -11.70
C TYR B 232 -43.67 18.88 -10.65
N ALA B 233 -44.07 17.96 -9.78
CA ALA B 233 -44.93 18.29 -8.65
C ALA B 233 -44.37 19.45 -7.84
N ARG B 234 -45.26 20.32 -7.38
CA ARG B 234 -44.89 21.34 -6.41
C ARG B 234 -45.58 21.12 -5.05
N SER B 235 -46.59 20.27 -5.01
CA SER B 235 -47.06 19.73 -3.74
C SER B 235 -47.73 18.38 -3.90
N LEU B 236 -47.88 17.70 -2.77
CA LEU B 236 -48.36 16.33 -2.73
C LEU B 236 -49.28 16.12 -1.54
N SER B 237 -50.10 15.07 -1.61
CA SER B 237 -50.80 14.57 -0.45
C SER B 237 -49.79 13.81 0.41
N ALA B 238 -50.22 13.36 1.59
CA ALA B 238 -49.32 12.61 2.49
C ALA B 238 -48.64 11.48 1.72
N ASN B 239 -47.32 11.39 1.90
CA ASN B 239 -46.49 10.32 1.33
C ASN B 239 -46.40 10.31 -0.19
N GLY B 240 -46.80 11.42 -0.81
CA GLY B 240 -46.76 11.53 -2.26
C GLY B 240 -47.72 10.60 -2.98
N ALA B 241 -48.77 10.15 -2.28
CA ALA B 241 -49.74 9.22 -2.86
C ALA B 241 -50.45 9.87 -4.04
N ARG B 242 -50.72 11.17 -3.91
CA ARG B 242 -51.30 11.96 -5.00
C ARG B 242 -50.59 13.30 -5.14
N THR B 243 -50.69 13.89 -6.33
CA THR B 243 -50.11 15.19 -6.62
C THR B 243 -51.19 16.25 -6.46
N TRP B 244 -50.87 17.34 -5.76
CA TRP B 244 -51.79 18.44 -5.59
C TRP B 244 -51.57 19.49 -6.65
N LEU B 245 -52.64 19.84 -7.37
CA LEU B 245 -52.55 20.73 -8.53
C LEU B 245 -52.66 22.18 -8.07
N VAL B 246 -51.66 22.60 -7.30
CA VAL B 246 -51.67 23.92 -6.68
C VAL B 246 -50.88 24.91 -7.53
N ASP B 247 -51.31 26.17 -7.51
CA ASP B 247 -50.58 27.25 -8.18
C ASP B 247 -49.55 27.78 -7.19
N ILE B 248 -48.27 27.52 -7.45
CA ILE B 248 -47.20 27.90 -6.52
C ILE B 248 -47.12 29.42 -6.29
N ASN B 249 -47.65 30.20 -7.23
CA ASN B 249 -47.64 31.66 -7.15
C ASN B 249 -48.87 32.27 -6.45
N ASN B 250 -49.73 31.41 -5.89
CA ASN B 250 -50.95 31.87 -5.22
C ASN B 250 -50.62 32.70 -3.98
N GLU B 251 -51.36 33.79 -3.78
CA GLU B 251 -51.08 34.74 -2.70
C GLU B 251 -51.21 34.12 -1.31
N THR B 252 -52.10 33.13 -1.17
CA THR B 252 -52.37 32.50 0.12
C THR B 252 -51.21 31.65 0.64
N LEU B 253 -50.28 31.31 -0.25
CA LEU B 253 -49.10 30.52 0.12
C LEU B 253 -47.91 31.38 0.55
N LYS B 254 -48.07 32.69 0.54
CA LYS B 254 -46.99 33.61 0.87
C LYS B 254 -47.08 34.02 2.34
N PRO B 255 -45.97 33.88 3.09
CA PRO B 255 -45.91 34.45 4.43
C PRO B 255 -46.03 35.98 4.39
N ALA B 256 -46.35 36.58 5.53
CA ALA B 256 -46.31 38.04 5.64
C ALA B 256 -44.96 38.54 5.14
N SER B 257 -44.99 39.62 4.34
CA SER B 257 -43.78 40.28 3.83
C SER B 257 -42.89 39.40 2.92
N TRP B 258 -43.45 38.33 2.36
CA TRP B 258 -42.68 37.36 1.56
C TRP B 258 -41.99 37.99 0.35
N ASP B 259 -42.73 38.74 -0.45
CA ASP B 259 -42.16 39.37 -1.65
C ASP B 259 -41.05 40.39 -1.33
N GLU B 260 -40.95 40.82 -0.08
CA GLU B 260 -39.90 41.75 0.35
C GLU B 260 -38.73 41.06 1.08
N LEU B 261 -38.66 39.72 1.03
CA LEU B 261 -37.59 39.02 1.73
C LEU B 261 -36.20 39.38 1.21
N ALA B 262 -36.07 39.59 -0.10
CA ALA B 262 -34.79 40.01 -0.68
C ALA B 262 -34.18 41.23 0.03
N ASP B 263 -35.02 42.17 0.44
CA ASP B 263 -34.56 43.37 1.17
C ASP B 263 -34.14 43.06 2.60
N GLU B 264 -34.67 41.97 3.16
CA GLU B 264 -34.39 41.57 4.54
C GLU B 264 -33.24 40.58 4.66
N LYS B 265 -32.84 39.98 3.55
CA LYS B 265 -31.78 38.96 3.58
C LYS B 265 -30.47 39.55 4.11
N PRO B 266 -29.70 38.75 4.86
CA PRO B 266 -28.42 39.26 5.37
C PRO B 266 -27.44 39.55 4.23
N LYS B 267 -26.71 40.64 4.35
CA LYS B 267 -25.71 41.02 3.37
C LYS B 267 -24.69 39.91 3.21
N LEU B 268 -24.26 39.68 1.97
CA LEU B 268 -23.15 38.80 1.68
C LEU B 268 -22.26 39.50 0.65
N ASP B 269 -21.18 40.10 1.13
CA ASP B 269 -20.28 40.87 0.28
C ASP B 269 -19.50 39.97 -0.67
N SER B 270 -19.09 38.81 -0.17
CA SER B 270 -18.25 37.88 -0.92
C SER B 270 -18.48 36.45 -0.43
N PHE B 271 -18.35 35.48 -1.34
CA PHE B 271 -18.40 34.06 -0.97
C PHE B 271 -17.28 33.70 0.00
N SER B 272 -16.19 34.46 -0.03
CA SER B 272 -15.09 34.28 0.94
C SER B 272 -15.49 34.55 2.38
N ASP B 273 -16.63 35.21 2.61
CA ASP B 273 -17.12 35.47 3.95
C ASP B 273 -18.00 34.35 4.51
N ILE B 274 -18.20 33.27 3.75
CA ILE B 274 -19.14 32.22 4.15
C ILE B 274 -18.55 31.34 5.27
N THR B 275 -19.38 31.07 6.28
CA THR B 275 -19.19 29.95 7.20
C THR B 275 -20.48 29.13 7.19
N ILE B 276 -20.36 27.81 7.36
CA ILE B 276 -21.48 26.89 7.20
C ILE B 276 -21.69 26.05 8.45
N TYR B 277 -22.95 25.91 8.85
CA TYR B 277 -23.38 25.14 10.01
C TYR B 277 -24.39 24.08 9.53
N GLU B 278 -24.03 22.81 9.67
CA GLU B 278 -24.82 21.71 9.09
C GLU B 278 -25.79 21.11 10.10
N LEU B 279 -27.08 21.27 9.84
CA LEU B 279 -28.14 20.99 10.80
C LEU B 279 -29.28 20.16 10.19
N HIS B 280 -29.76 19.18 10.95
CA HIS B 280 -30.92 18.37 10.59
C HIS B 280 -32.16 19.01 11.21
N ILE B 281 -33.21 19.15 10.41
CA ILE B 281 -34.44 19.84 10.82
C ILE B 281 -35.09 19.21 12.05
N ARG B 282 -35.16 17.89 12.12
CA ARG B 282 -35.72 17.25 13.30
C ARG B 282 -34.81 17.39 14.53
N ASP B 283 -33.51 17.16 14.35
CA ASP B 283 -32.55 17.30 15.45
C ASP B 283 -32.70 18.65 16.12
N PHE B 284 -32.93 19.68 15.31
CA PHE B 284 -33.00 21.05 15.81
C PHE B 284 -34.01 21.24 16.95
N SER B 285 -35.19 20.64 16.83
CA SER B 285 -36.29 20.94 17.75
C SER B 285 -36.98 19.74 18.39
N ALA B 286 -36.60 18.52 18.03
CA ALA B 286 -37.26 17.33 18.58
C ALA B 286 -37.29 17.33 20.12
N HIS B 287 -36.20 17.79 20.74
CA HIS B 287 -36.05 17.80 22.19
C HIS B 287 -36.18 19.18 22.84
N ASP B 288 -36.56 20.20 22.07
CA ASP B 288 -36.56 21.57 22.57
C ASP B 288 -37.88 21.87 23.30
N GLY B 289 -37.84 21.83 24.62
CA GLY B 289 -39.02 22.05 25.46
C GLY B 289 -39.58 23.45 25.41
N THR B 290 -38.80 24.41 24.89
CA THR B 290 -39.26 25.79 24.73
C THR B 290 -40.15 25.96 23.48
N VAL B 291 -40.26 24.90 22.66
CA VAL B 291 -41.23 24.83 21.58
C VAL B 291 -42.35 23.90 22.05
N ASP B 292 -43.61 24.27 21.83
CA ASP B 292 -44.70 23.42 22.32
C ASP B 292 -44.69 22.05 21.63
N SER B 293 -45.15 21.05 22.39
CA SER B 293 -45.06 19.63 22.02
C SER B 293 -45.55 19.29 20.61
N ASP B 294 -46.63 19.95 20.18
CA ASP B 294 -47.23 19.65 18.88
C ASP B 294 -46.52 20.31 17.69
N SER B 295 -45.52 21.14 17.96
CA SER B 295 -44.85 21.91 16.91
C SER B 295 -43.35 21.63 16.85
N ARG B 296 -42.93 20.48 17.37
CA ARG B 296 -41.51 20.12 17.39
C ARG B 296 -41.16 19.17 16.26
N GLY B 297 -39.96 19.35 15.70
CA GLY B 297 -39.38 18.41 14.75
C GLY B 297 -39.42 18.80 13.28
N GLY B 298 -40.09 19.90 12.95
CA GLY B 298 -40.35 20.28 11.55
C GLY B 298 -40.08 21.74 11.22
N PHE B 299 -40.66 22.19 10.12
CA PHE B 299 -40.47 23.55 9.62
C PHE B 299 -40.97 24.59 10.62
N ARG B 300 -42.11 24.31 11.24
CA ARG B 300 -42.77 25.26 12.16
C ARG B 300 -41.90 25.70 13.35
N ALA B 301 -41.03 24.81 13.83
CA ALA B 301 -40.20 25.10 15.00
C ALA B 301 -39.32 26.34 14.79
N PHE B 302 -38.91 26.60 13.55
CA PHE B 302 -38.06 27.75 13.25
C PHE B 302 -38.79 29.09 13.44
N ALA B 303 -40.12 29.07 13.44
CA ALA B 303 -40.93 30.26 13.69
C ALA B 303 -41.00 30.66 15.17
N TYR B 304 -40.46 29.83 16.06
CA TYR B 304 -40.42 30.14 17.49
C TYR B 304 -39.19 30.98 17.81
N GLN B 305 -39.30 32.28 17.53
CA GLN B 305 -38.15 33.21 17.56
C GLN B 305 -37.39 33.27 18.89
N ALA B 306 -38.08 32.98 19.99
CA ALA B 306 -37.49 33.04 21.34
C ALA B 306 -37.18 31.66 21.92
N SER B 307 -37.18 30.62 21.08
CA SER B 307 -36.87 29.27 21.53
C SER B 307 -35.39 29.16 21.88
N ALA B 308 -35.02 28.17 22.68
CA ALA B 308 -33.61 27.89 22.97
C ALA B 308 -32.84 27.61 21.70
N GLY B 309 -33.46 26.89 20.76
CA GLY B 309 -32.84 26.58 19.47
C GLY B 309 -32.55 27.81 18.65
N MET B 310 -33.54 28.69 18.50
CA MET B 310 -33.35 29.89 17.69
C MET B 310 -32.40 30.88 18.35
N GLU B 311 -32.41 30.93 19.68
CA GLU B 311 -31.47 31.79 20.41
C GLU B 311 -30.05 31.27 20.22
N HIS B 312 -29.90 29.95 20.16
CA HIS B 312 -28.62 29.33 19.92
C HIS B 312 -28.08 29.73 18.55
N LEU B 313 -28.90 29.55 17.51
CA LEU B 313 -28.52 29.96 16.16
C LEU B 313 -28.26 31.47 16.05
N ARG B 314 -29.06 32.27 16.74
CA ARG B 314 -28.88 33.72 16.73
C ARG B 314 -27.52 34.11 17.33
N LYS B 315 -27.14 33.44 18.41
CA LYS B 315 -25.87 33.67 19.09
C LYS B 315 -24.72 33.35 18.14
N LEU B 316 -24.81 32.22 17.44
CA LEU B 316 -23.80 31.87 16.44
C LEU B 316 -23.78 32.88 15.28
N SER B 317 -24.97 33.25 14.81
CA SER B 317 -25.10 34.22 13.72
C SER B 317 -24.50 35.59 14.08
N ASP B 318 -24.82 36.07 15.27
CA ASP B 318 -24.24 37.32 15.80
C ASP B 318 -22.72 37.28 15.81
N ALA B 319 -22.15 36.14 16.20
CA ALA B 319 -20.71 35.96 16.23
C ALA B 319 -20.09 36.00 14.84
N GLY B 320 -20.88 35.69 13.81
CA GLY B 320 -20.43 35.79 12.42
C GLY B 320 -20.85 34.68 11.47
N LEU B 321 -21.38 33.57 12.00
CA LEU B 321 -21.90 32.50 11.15
C LEU B 321 -22.83 33.06 10.08
N THR B 322 -22.62 32.66 8.83
CA THR B 322 -23.42 33.19 7.71
C THR B 322 -24.49 32.25 7.16
N HIS B 323 -24.20 30.95 7.13
CA HIS B 323 -25.06 29.98 6.43
C HIS B 323 -25.42 28.77 7.29
N VAL B 324 -26.68 28.36 7.20
CA VAL B 324 -27.14 27.11 7.76
C VAL B 324 -27.53 26.14 6.64
N HIS B 325 -26.85 25.00 6.64
CA HIS B 325 -27.05 23.93 5.67
C HIS B 325 -28.01 22.96 6.34
N LEU B 326 -29.22 22.85 5.78
CA LEU B 326 -30.23 21.94 6.29
C LEU B 326 -30.17 20.61 5.55
N LEU B 327 -30.22 19.52 6.31
CA LEU B 327 -30.25 18.17 5.72
C LEU B 327 -31.54 18.00 4.89
N PRO B 328 -31.59 16.98 4.01
CA PRO B 328 -32.65 16.87 3.00
C PRO B 328 -34.05 17.22 3.49
N SER B 329 -34.71 18.12 2.76
CA SER B 329 -36.00 18.63 3.19
C SER B 329 -37.05 18.61 2.07
N PHE B 330 -36.73 17.90 0.99
CA PHE B 330 -37.67 17.63 -0.10
C PHE B 330 -38.36 16.29 0.19
N HIS B 331 -39.20 15.84 -0.75
CA HIS B 331 -39.94 14.58 -0.57
C HIS B 331 -39.03 13.36 -0.69
N PHE B 332 -38.68 12.81 0.47
CA PHE B 332 -37.87 11.60 0.56
C PHE B 332 -38.64 10.47 1.26
N ALA B 333 -38.25 9.24 0.97
CA ALA B 333 -38.85 8.06 1.59
C ALA B 333 -38.16 7.73 2.91
N GLY B 334 -38.85 6.98 3.76
CA GLY B 334 -38.26 6.47 5.00
C GLY B 334 -38.82 7.12 6.26
N VAL B 335 -39.65 8.13 6.07
CA VAL B 335 -40.44 8.69 7.16
C VAL B 335 -41.86 8.86 6.65
N ASP B 336 -42.81 8.34 7.41
CA ASP B 336 -44.22 8.49 7.11
C ASP B 336 -44.63 9.95 7.36
N ASP B 337 -45.28 10.55 6.38
CA ASP B 337 -45.84 11.90 6.53
C ASP B 337 -47.01 11.92 7.52
N ILE B 338 -47.64 10.77 7.72
CA ILE B 338 -48.83 10.67 8.58
C ILE B 338 -48.37 10.45 10.02
N LYS B 339 -48.52 11.48 10.84
CA LYS B 339 -47.94 11.51 12.19
C LYS B 339 -48.56 10.51 13.17
N SER B 340 -49.81 10.13 12.93
CA SER B 340 -50.47 9.14 13.78
C SER B 340 -49.82 7.76 13.65
N ASN B 341 -49.02 7.55 12.60
CA ASN B 341 -48.26 6.31 12.44
C ASN B 341 -46.90 6.31 13.14
N TRP B 342 -46.46 7.46 13.65
CA TRP B 342 -45.15 7.57 14.27
C TRP B 342 -45.04 6.82 15.60
N LYS B 343 -43.90 6.19 15.80
CA LYS B 343 -43.59 5.46 17.02
C LYS B 343 -42.42 6.11 17.75
N PHE B 344 -42.43 5.96 19.07
CA PHE B 344 -41.42 6.55 19.95
C PHE B 344 -40.97 5.52 20.99
N VAL B 345 -39.71 5.59 21.39
CA VAL B 345 -39.24 4.81 22.54
C VAL B 345 -39.71 5.47 23.83
N ASP B 346 -39.69 4.72 24.93
CA ASP B 346 -39.95 5.28 26.26
C ASP B 346 -38.65 5.94 26.73
N GLU B 347 -38.57 7.26 26.58
CA GLU B 347 -37.33 8.00 26.87
C GLU B 347 -36.94 7.93 28.35
N CYS B 348 -37.93 7.98 29.23
CA CYS B 348 -37.69 7.87 30.67
C CYS B 348 -37.11 6.50 31.04
N GLU B 349 -37.62 5.45 30.40
CA GLU B 349 -37.12 4.09 30.63
C GLU B 349 -35.70 3.93 30.12
N LEU B 350 -35.46 4.35 28.87
CA LEU B 350 -34.12 4.22 28.26
C LEU B 350 -33.05 4.98 29.04
N ALA B 351 -33.45 6.09 29.67
CA ALA B 351 -32.53 6.90 30.47
C ALA B 351 -31.95 6.15 31.68
N THR B 352 -32.67 5.16 32.19
CA THR B 352 -32.22 4.38 33.34
C THR B 352 -31.23 3.27 32.97
N PHE B 353 -31.13 2.93 31.68
CA PHE B 353 -30.21 1.87 31.26
C PHE B 353 -28.76 2.35 31.35
N PRO B 354 -27.82 1.42 31.60
CA PRO B 354 -26.40 1.78 31.72
C PRO B 354 -25.82 2.44 30.45
N PRO B 355 -24.79 3.28 30.61
CA PRO B 355 -24.26 4.07 29.48
C PRO B 355 -23.60 3.25 28.37
N GLY B 356 -23.17 2.03 28.69
CA GLY B 356 -22.56 1.14 27.71
C GLY B 356 -23.40 -0.09 27.39
N SER B 357 -24.68 -0.04 27.73
CA SER B 357 -25.61 -1.13 27.45
C SER B 357 -25.97 -1.18 25.97
N ASP B 358 -26.44 -2.34 25.51
CA ASP B 358 -26.95 -2.47 24.15
C ASP B 358 -28.49 -2.43 24.11
N MET B 359 -29.11 -2.12 25.25
CA MET B 359 -30.57 -2.13 25.36
C MET B 359 -31.22 -0.91 24.70
N GLN B 360 -30.56 0.24 24.75
CA GLN B 360 -31.10 1.47 24.16
C GLN B 360 -31.24 1.33 22.65
N GLN B 361 -30.18 0.84 22.00
CA GLN B 361 -30.21 0.66 20.55
C GLN B 361 -31.18 -0.44 20.11
N ALA B 362 -31.38 -1.44 20.96
CA ALA B 362 -32.38 -2.48 20.71
C ALA B 362 -33.77 -1.85 20.62
N ALA B 363 -34.08 -0.96 21.55
CA ALA B 363 -35.38 -0.29 21.58
C ALA B 363 -35.55 0.66 20.39
N VAL B 364 -34.48 1.37 20.05
CA VAL B 364 -34.48 2.27 18.89
C VAL B 364 -34.69 1.50 17.59
N VAL B 365 -33.88 0.46 17.38
CA VAL B 365 -33.95 -0.34 16.15
C VAL B 365 -35.31 -1.02 15.99
N ALA B 366 -35.91 -1.44 17.11
CA ALA B 366 -37.24 -2.07 17.08
C ALA B 366 -38.31 -1.20 16.44
N ILE B 367 -38.14 0.12 16.45
CA ILE B 367 -39.12 1.03 15.83
C ILE B 367 -38.52 1.99 14.79
N GLN B 368 -37.27 1.78 14.39
CA GLN B 368 -36.57 2.75 13.54
C GLN B 368 -37.21 2.91 12.14
N GLU B 369 -37.95 1.91 11.69
CA GLU B 369 -38.65 1.96 10.41
C GLU B 369 -40.00 2.67 10.49
N GLU B 370 -40.45 2.99 11.70
CA GLU B 370 -41.75 3.63 11.91
C GLU B 370 -41.69 4.87 12.78
N ASP B 371 -40.47 5.37 13.07
CA ASP B 371 -40.34 6.57 13.90
C ASP B 371 -40.32 7.81 12.99
N PRO B 372 -40.25 9.02 13.59
CA PRO B 372 -40.25 10.19 12.71
C PRO B 372 -38.90 10.51 12.06
N TYR B 373 -37.92 9.61 12.17
CA TYR B 373 -36.53 10.00 11.96
C TYR B 373 -35.82 9.39 10.75
N ASN B 374 -35.25 10.25 9.92
CA ASN B 374 -34.29 9.81 8.91
C ASN B 374 -33.54 11.03 8.40
N TRP B 375 -32.24 10.89 8.14
CA TRP B 375 -31.50 12.01 7.53
C TRP B 375 -32.18 12.48 6.26
N GLY B 376 -32.67 11.52 5.47
CA GLY B 376 -33.52 11.82 4.32
C GLY B 376 -32.87 11.68 2.96
N TYR B 377 -31.76 10.95 2.84
CA TYR B 377 -31.05 10.84 1.56
C TYR B 377 -31.68 9.73 0.67
N ASN B 378 -33.01 9.78 0.52
CA ASN B 378 -33.79 8.74 -0.18
C ASN B 378 -34.80 9.39 -1.13
N PRO B 379 -34.30 9.95 -2.25
CA PRO B 379 -35.17 10.85 -3.03
C PRO B 379 -36.35 10.22 -3.77
N VAL B 380 -37.51 10.85 -3.65
CA VAL B 380 -38.68 10.45 -4.41
C VAL B 380 -39.06 11.58 -5.38
N LEU B 381 -39.38 12.76 -4.85
CA LEU B 381 -39.61 13.94 -5.68
C LEU B 381 -38.87 15.15 -5.13
N TRP B 382 -38.00 15.71 -5.95
CA TRP B 382 -37.06 16.75 -5.52
C TRP B 382 -37.72 18.09 -5.23
N GLY B 383 -38.83 18.40 -5.91
CA GLY B 383 -39.39 19.76 -5.90
C GLY B 383 -40.45 20.08 -4.88
N VAL B 384 -40.72 19.15 -3.96
CA VAL B 384 -41.77 19.29 -2.95
C VAL B 384 -41.18 19.20 -1.56
N PRO B 385 -41.55 20.13 -0.65
CA PRO B 385 -41.14 20.01 0.75
C PRO B 385 -41.61 18.71 1.40
N LYS B 386 -40.79 18.16 2.30
CA LYS B 386 -41.14 16.92 3.01
C LYS B 386 -42.38 17.09 3.87
N GLY B 387 -43.37 16.24 3.65
CA GLY B 387 -44.65 16.33 4.34
C GLY B 387 -44.56 16.08 5.84
N SER B 388 -43.69 15.17 6.25
CA SER B 388 -43.51 14.85 7.67
C SER B 388 -43.06 16.05 8.51
N TYR B 389 -42.38 17.01 7.85
CA TYR B 389 -41.90 18.22 8.50
C TYR B 389 -42.91 19.37 8.52
N ALA B 390 -44.05 19.18 7.85
CA ALA B 390 -45.14 20.16 7.85
C ALA B 390 -46.17 19.84 8.95
N SER B 391 -46.95 20.85 9.36
CA SER B 391 -47.98 20.63 10.37
CA SER B 391 -47.99 20.63 10.37
C SER B 391 -49.07 19.68 9.85
N ASP B 392 -49.38 19.80 8.55
CA ASP B 392 -50.40 18.98 7.90
C ASP B 392 -49.90 18.58 6.51
N PRO B 393 -49.69 17.27 6.27
CA PRO B 393 -49.14 16.82 4.99
C PRO B 393 -50.08 16.93 3.78
N ASP B 394 -51.36 17.19 4.01
CA ASP B 394 -52.29 17.49 2.92
C ASP B 394 -52.54 18.99 2.94
N GLY B 395 -52.68 19.59 1.76
CA GLY B 395 -52.96 21.01 1.66
C GLY B 395 -51.71 21.87 1.64
N PRO B 396 -51.84 23.16 1.99
CA PRO B 396 -50.79 24.13 1.73
C PRO B 396 -49.68 24.30 2.78
N SER B 397 -49.81 23.66 3.94
CA SER B 397 -48.91 23.97 5.05
C SER B 397 -47.44 23.68 4.74
N ARG B 398 -47.17 22.65 3.94
CA ARG B 398 -45.78 22.30 3.68
C ARG B 398 -45.07 23.38 2.85
N ILE B 399 -45.84 24.11 2.03
CA ILE B 399 -45.30 25.19 1.20
C ILE B 399 -45.07 26.43 2.04
N ILE B 400 -46.12 26.91 2.70
CA ILE B 400 -46.01 28.16 3.47
C ILE B 400 -45.07 28.03 4.67
N GLU B 401 -45.08 26.88 5.34
CA GLU B 401 -44.20 26.69 6.50
C GLU B 401 -42.73 26.58 6.10
N TYR B 402 -42.45 26.00 4.93
CA TYR B 402 -41.08 25.97 4.40
C TYR B 402 -40.60 27.40 4.18
N ARG B 403 -41.45 28.22 3.56
CA ARG B 403 -41.12 29.61 3.31
C ARG B 403 -40.90 30.36 4.62
N GLN B 404 -41.75 30.10 5.61
CA GLN B 404 -41.62 30.73 6.92
C GLN B 404 -40.32 30.33 7.62
N MET B 405 -39.85 29.11 7.38
CA MET B 405 -38.55 28.67 7.91
C MET B 405 -37.40 29.45 7.30
N VAL B 406 -37.40 29.57 5.96
CA VAL B 406 -36.37 30.31 5.25
C VAL B 406 -36.35 31.76 5.73
N GLN B 407 -37.54 32.33 5.85
CA GLN B 407 -37.69 33.70 6.32
C GLN B 407 -37.18 33.88 7.74
N ALA B 408 -37.54 32.96 8.64
CA ALA B 408 -37.13 33.02 10.04
C ALA B 408 -35.61 32.97 10.20
N LEU B 409 -34.97 32.07 9.45
CA LEU B 409 -33.52 31.96 9.49
C LEU B 409 -32.84 33.21 8.94
N ASN B 410 -33.29 33.70 7.78
CA ASN B 410 -32.79 34.96 7.23
C ASN B 410 -32.88 36.09 8.26
N ARG B 411 -33.96 36.10 9.03
CA ARG B 411 -34.20 37.20 9.98
C ARG B 411 -33.33 37.16 11.23
N ILE B 412 -32.66 36.03 11.48
CA ILE B 412 -31.62 36.01 12.51
C ILE B 412 -30.22 36.07 11.91
N GLY B 413 -30.15 36.45 10.63
CA GLY B 413 -28.88 36.76 9.98
C GLY B 413 -28.21 35.57 9.31
N LEU B 414 -29.00 34.54 9.00
CA LEU B 414 -28.47 33.32 8.41
C LEU B 414 -29.09 33.04 7.06
N ARG B 415 -28.22 32.79 6.07
CA ARG B 415 -28.66 32.30 4.78
C ARG B 415 -28.89 30.79 4.86
N VAL B 416 -29.81 30.31 4.03
CA VAL B 416 -30.23 28.91 4.05
C VAL B 416 -29.72 28.12 2.85
N VAL B 417 -29.02 27.04 3.15
CA VAL B 417 -28.51 26.10 2.14
C VAL B 417 -29.34 24.82 2.21
N MET B 418 -29.76 24.33 1.05
CA MET B 418 -30.41 23.02 0.95
C MET B 418 -29.43 21.92 0.56
N ASP B 419 -29.58 20.77 1.21
CA ASP B 419 -28.85 19.55 0.87
C ASP B 419 -29.62 18.84 -0.23
N VAL B 420 -29.13 18.97 -1.46
CA VAL B 420 -29.80 18.42 -2.63
C VAL B 420 -29.16 17.09 -3.03
N VAL B 421 -30.01 16.13 -3.38
CA VAL B 421 -29.59 14.74 -3.59
C VAL B 421 -30.01 14.28 -4.98
N TYR B 422 -29.26 14.71 -5.99
CA TYR B 422 -29.62 14.44 -7.39
C TYR B 422 -28.97 13.18 -7.95
N ASN B 423 -28.16 12.52 -7.13
CA ASN B 423 -27.31 11.41 -7.58
C ASN B 423 -27.98 10.05 -7.62
N HIS B 424 -29.12 9.88 -6.95
CA HIS B 424 -29.80 8.59 -6.93
C HIS B 424 -31.26 8.73 -6.50
N LEU B 425 -32.02 7.66 -6.72
CA LEU B 425 -33.44 7.64 -6.38
C LEU B 425 -33.70 6.56 -5.33
N ASP B 426 -34.67 6.79 -4.46
CA ASP B 426 -35.02 5.79 -3.44
C ASP B 426 -35.45 4.48 -4.08
N SER B 427 -36.29 4.56 -5.11
CA SER B 427 -36.84 3.38 -5.75
C SER B 427 -36.85 3.52 -7.26
N SER B 428 -36.97 2.38 -7.93
CA SER B 428 -37.16 2.34 -9.38
C SER B 428 -38.22 1.29 -9.71
N GLY B 429 -38.56 1.16 -10.98
CA GLY B 429 -39.53 0.16 -11.43
C GLY B 429 -40.97 0.65 -11.49
N PRO B 430 -41.88 -0.24 -11.95
CA PRO B 430 -43.28 0.11 -12.23
C PRO B 430 -44.21 0.19 -11.03
N CYS B 431 -43.78 -0.30 -9.88
CA CYS B 431 -44.68 -0.48 -8.74
C CYS B 431 -44.23 0.31 -7.52
N GLY B 432 -45.20 0.78 -6.75
CA GLY B 432 -44.92 1.38 -5.45
C GLY B 432 -45.03 2.89 -5.41
N ILE B 433 -45.41 3.39 -4.25
CA ILE B 433 -45.57 4.83 -4.01
C ILE B 433 -44.26 5.62 -4.11
N SER B 434 -43.12 4.95 -3.87
CA SER B 434 -41.81 5.62 -3.83
C SER B 434 -41.07 5.72 -5.17
N SER B 435 -41.59 5.06 -6.20
CA SER B 435 -41.01 5.14 -7.54
C SER B 435 -41.84 6.06 -8.41
N VAL B 436 -41.25 7.14 -8.90
CA VAL B 436 -41.94 8.06 -9.79
C VAL B 436 -41.24 8.15 -11.15
N LEU B 437 -40.02 8.70 -11.16
CA LEU B 437 -39.31 8.96 -12.42
C LEU B 437 -39.18 7.69 -13.28
N ASP B 438 -38.67 6.62 -12.69
CA ASP B 438 -38.46 5.37 -13.41
C ASP B 438 -39.76 4.60 -13.70
N LYS B 439 -40.84 4.96 -13.01
CA LYS B 439 -42.16 4.43 -13.31
C LYS B 439 -42.65 4.95 -14.68
N ILE B 440 -42.34 6.22 -14.97
CA ILE B 440 -42.86 6.93 -16.16
C ILE B 440 -42.03 6.66 -17.41
N VAL B 441 -40.72 6.82 -17.30
CA VAL B 441 -39.79 6.53 -18.40
C VAL B 441 -38.74 5.53 -17.92
N PRO B 442 -39.10 4.23 -17.90
CA PRO B 442 -38.19 3.20 -17.36
C PRO B 442 -36.83 3.19 -18.06
N GLY B 443 -35.78 3.05 -17.27
CA GLY B 443 -34.42 2.92 -17.79
C GLY B 443 -33.82 4.19 -18.37
N TYR B 444 -34.37 5.35 -18.04
CA TYR B 444 -33.87 6.61 -18.59
C TYR B 444 -33.25 7.52 -17.53
N TYR B 445 -34.01 7.79 -16.46
CA TYR B 445 -33.52 8.67 -15.38
C TYR B 445 -32.44 8.03 -14.54
N VAL B 446 -32.34 6.70 -14.59
CA VAL B 446 -31.36 5.95 -13.80
C VAL B 446 -30.21 5.49 -14.69
N ARG B 447 -29.00 5.54 -14.14
CA ARG B 447 -27.81 5.07 -14.85
C ARG B 447 -27.75 3.54 -14.85
N ARG B 448 -27.30 2.95 -15.95
CA ARG B 448 -27.25 1.51 -16.10
C ARG B 448 -25.87 1.03 -16.53
N ASP B 449 -25.56 -0.22 -16.22
CA ASP B 449 -24.30 -0.81 -16.63
C ASP B 449 -24.44 -1.32 -18.06
N THR B 450 -23.38 -1.94 -18.59
CA THR B 450 -23.36 -2.37 -19.98
C THR B 450 -24.29 -3.55 -20.28
N ASN B 451 -24.75 -4.24 -19.24
CA ASN B 451 -25.76 -5.30 -19.38
C ASN B 451 -27.19 -4.76 -19.23
N GLY B 452 -27.32 -3.49 -18.87
CA GLY B 452 -28.63 -2.86 -18.71
C GLY B 452 -29.12 -2.79 -17.28
N GLN B 453 -28.38 -3.40 -16.35
CA GLN B 453 -28.77 -3.38 -14.94
C GLN B 453 -28.46 -2.03 -14.30
N ILE B 454 -29.39 -1.55 -13.47
CA ILE B 454 -29.27 -0.25 -12.81
C ILE B 454 -28.03 -0.18 -11.92
N GLU B 455 -27.30 0.94 -12.02
CA GLU B 455 -26.11 1.18 -11.20
C GLU B 455 -26.51 1.63 -9.80
N ASN B 456 -25.83 1.11 -8.78
CA ASN B 456 -26.21 1.36 -7.38
C ASN B 456 -25.12 1.98 -6.48
N SER B 457 -24.01 2.42 -7.05
CA SER B 457 -22.84 2.86 -6.25
C SER B 457 -23.11 4.03 -5.29
N ALA B 458 -24.07 4.89 -5.61
CA ALA B 458 -24.39 6.03 -4.73
C ALA B 458 -25.13 5.55 -3.48
N ALA B 459 -25.96 4.52 -3.66
CA ALA B 459 -26.69 3.83 -2.60
C ALA B 459 -27.57 2.79 -3.29
N MET B 460 -28.39 3.28 -4.20
CA MET B 460 -29.21 2.47 -5.09
C MET B 460 -29.86 3.40 -6.12
N ASN B 461 -30.11 2.89 -7.32
CA ASN B 461 -30.78 3.64 -8.37
C ASN B 461 -30.09 4.96 -8.69
N ASN B 462 -28.80 4.88 -8.97
CA ASN B 462 -28.02 6.03 -9.43
C ASN B 462 -28.72 6.72 -10.59
N THR B 463 -28.76 8.05 -10.59
CA THR B 463 -29.33 8.82 -11.69
C THR B 463 -28.32 8.95 -12.83
N ALA B 464 -28.81 9.36 -14.00
CA ALA B 464 -27.98 9.62 -15.17
C ALA B 464 -28.11 11.07 -15.61
N SER B 465 -27.42 11.97 -14.91
CA SER B 465 -27.46 13.40 -15.24
C SER B 465 -26.85 13.70 -16.62
N GLU B 466 -26.10 12.74 -17.14
CA GLU B 466 -25.61 12.80 -18.53
C GLU B 466 -26.74 12.82 -19.57
N HIS B 467 -27.93 12.36 -19.19
CA HIS B 467 -29.10 12.40 -20.08
C HIS B 467 -29.83 13.74 -19.98
N PHE B 468 -30.23 14.25 -21.14
CA PHE B 468 -30.78 15.61 -21.28
C PHE B 468 -31.90 15.96 -20.29
N MET B 469 -32.89 15.09 -20.15
CA MET B 469 -34.06 15.44 -19.33
C MET B 469 -33.81 15.23 -17.84
N VAL B 470 -32.79 14.45 -17.51
CA VAL B 470 -32.32 14.34 -16.11
C VAL B 470 -31.61 15.64 -15.74
N ASP B 471 -30.68 16.05 -16.60
CA ASP B 471 -30.00 17.33 -16.49
C ASP B 471 -31.01 18.46 -16.37
N ARG B 472 -32.03 18.46 -17.23
CA ARG B 472 -33.07 19.49 -17.17
C ARG B 472 -33.80 19.51 -15.83
N LEU B 473 -34.21 18.34 -15.36
CA LEU B 473 -34.97 18.23 -14.11
C LEU B 473 -34.16 18.75 -12.92
N ILE B 474 -32.86 18.46 -12.92
CA ILE B 474 -31.96 18.93 -11.86
C ILE B 474 -31.90 20.45 -11.83
N VAL B 475 -31.70 21.05 -13.00
CA VAL B 475 -31.58 22.51 -13.08
C VAL B 475 -32.92 23.17 -12.77
N ASP B 476 -34.01 22.66 -13.34
CA ASP B 476 -35.35 23.19 -13.04
C ASP B 476 -35.63 23.11 -11.54
N ASP B 477 -35.23 22.02 -10.90
CA ASP B 477 -35.48 21.85 -9.48
C ASP B 477 -34.73 22.90 -8.65
N LEU B 478 -33.45 23.13 -8.98
CA LEU B 478 -32.66 24.14 -8.30
C LEU B 478 -33.31 25.52 -8.43
N LEU B 479 -33.77 25.85 -9.62
CA LEU B 479 -34.44 27.11 -9.85
C LEU B 479 -35.74 27.22 -9.07
N ASN B 480 -36.48 26.12 -9.01
CA ASN B 480 -37.66 26.01 -8.15
C ASN B 480 -37.35 26.43 -6.71
N TRP B 481 -36.33 25.82 -6.10
CA TRP B 481 -36.01 26.16 -4.71
C TRP B 481 -35.46 27.59 -4.55
N ALA B 482 -34.66 28.04 -5.50
CA ALA B 482 -34.12 29.40 -5.47
C ALA B 482 -35.21 30.47 -5.61
N VAL B 483 -36.17 30.26 -6.51
CA VAL B 483 -37.17 31.28 -6.82
C VAL B 483 -38.42 31.14 -5.95
N ASN B 484 -39.01 29.94 -5.92
CA ASN B 484 -40.24 29.73 -5.16
C ASN B 484 -40.03 29.70 -3.65
N TYR B 485 -38.84 29.34 -3.20
CA TYR B 485 -38.55 29.28 -1.77
C TYR B 485 -37.40 30.19 -1.28
N LYS B 486 -36.80 30.93 -2.21
CA LYS B 486 -35.77 31.93 -1.89
C LYS B 486 -34.58 31.33 -1.12
N VAL B 487 -34.24 30.11 -1.49
CA VAL B 487 -33.12 29.40 -0.90
C VAL B 487 -31.80 30.00 -1.39
N ASP B 488 -30.84 30.11 -0.46
CA ASP B 488 -29.62 30.90 -0.68
C ASP B 488 -28.41 30.12 -1.16
N GLY B 489 -28.49 28.80 -1.16
CA GLY B 489 -27.35 28.00 -1.58
C GLY B 489 -27.69 26.52 -1.59
N PHE B 490 -26.79 25.72 -2.15
CA PHE B 490 -27.02 24.29 -2.33
C PHE B 490 -25.76 23.48 -2.05
N ARG B 491 -25.91 22.41 -1.26
CA ARG B 491 -24.86 21.42 -1.03
C ARG B 491 -25.21 20.16 -1.81
N PHE B 492 -24.32 19.76 -2.72
CA PHE B 492 -24.60 18.65 -3.62
C PHE B 492 -24.06 17.34 -3.08
N ASP B 493 -24.98 16.48 -2.63
CA ASP B 493 -24.66 15.13 -2.21
C ASP B 493 -24.03 14.38 -3.38
N LEU B 494 -22.94 13.66 -3.14
CA LEU B 494 -22.20 12.94 -4.18
C LEU B 494 -22.17 13.69 -5.52
N MET B 495 -21.56 14.86 -5.48
CA MET B 495 -21.41 15.73 -6.65
C MET B 495 -20.59 15.05 -7.76
N GLY B 496 -19.67 14.17 -7.36
CA GLY B 496 -18.90 13.38 -8.32
C GLY B 496 -19.71 12.39 -9.16
N HIS B 497 -20.95 12.12 -8.76
CA HIS B 497 -21.87 11.30 -9.56
C HIS B 497 -22.70 12.15 -10.54
N ILE B 498 -22.53 13.47 -10.45
CA ILE B 498 -23.23 14.41 -11.32
CA ILE B 498 -23.23 14.42 -11.32
C ILE B 498 -22.25 14.89 -12.39
N MET B 499 -22.75 15.08 -13.61
CA MET B 499 -21.92 15.60 -14.69
C MET B 499 -21.51 17.03 -14.40
N LYS B 500 -20.24 17.36 -14.67
CA LYS B 500 -19.75 18.74 -14.53
C LYS B 500 -20.59 19.71 -15.37
N ARG B 501 -21.00 19.30 -16.56
CA ARG B 501 -21.80 20.18 -17.42
C ARG B 501 -23.15 20.54 -16.77
N THR B 502 -23.71 19.60 -16.00
CA THR B 502 -24.93 19.87 -15.26
C THR B 502 -24.65 20.87 -14.14
N MET B 503 -23.58 20.64 -13.39
CA MET B 503 -23.17 21.56 -12.30
C MET B 503 -22.94 22.97 -12.82
N MET B 504 -22.29 23.10 -13.97
CA MET B 504 -21.97 24.42 -14.51
C MET B 504 -23.19 25.10 -15.14
N ARG B 505 -24.04 24.34 -15.81
CA ARG B 505 -25.27 24.90 -16.37
C ARG B 505 -26.17 25.41 -15.24
N ALA B 506 -26.26 24.63 -14.15
CA ALA B 506 -27.01 25.03 -12.98
C ALA B 506 -26.42 26.30 -12.34
N LYS B 507 -25.10 26.35 -12.23
CA LYS B 507 -24.43 27.52 -11.63
C LYS B 507 -24.78 28.81 -12.37
N SER B 508 -24.68 28.75 -13.69
CA SER B 508 -24.97 29.90 -14.54
CA SER B 508 -24.97 29.90 -14.54
C SER B 508 -26.44 30.33 -14.42
N ALA B 509 -27.35 29.35 -14.46
CA ALA B 509 -28.78 29.66 -14.38
C ALA B 509 -29.17 30.27 -13.03
N LEU B 510 -28.62 29.72 -11.95
CA LEU B 510 -28.86 30.23 -10.61
C LEU B 510 -28.29 31.63 -10.42
N GLN B 511 -27.02 31.83 -10.80
CA GLN B 511 -26.35 33.08 -10.51
C GLN B 511 -26.80 34.26 -11.39
N SER B 512 -27.58 33.98 -12.44
CA SER B 512 -28.15 35.03 -13.30
CA SER B 512 -28.16 35.02 -13.31
C SER B 512 -29.54 35.49 -12.83
N LEU B 513 -30.06 34.91 -11.76
CA LEU B 513 -31.35 35.33 -11.20
C LEU B 513 -31.23 36.73 -10.59
N THR B 514 -32.26 37.55 -10.78
CA THR B 514 -32.28 38.92 -10.25
C THR B 514 -33.53 39.18 -9.44
N THR B 515 -33.45 40.14 -8.52
CA THR B 515 -34.58 40.51 -7.68
C THR B 515 -35.69 41.11 -8.54
N ASP B 516 -35.30 41.87 -9.56
CA ASP B 516 -36.24 42.55 -10.42
C ASP B 516 -37.12 41.56 -11.18
N ALA B 517 -36.48 40.53 -11.74
CA ALA B 517 -37.18 39.55 -12.58
C ALA B 517 -37.66 38.31 -11.83
N HIS B 518 -36.94 37.92 -10.78
CA HIS B 518 -37.21 36.64 -10.10
C HIS B 518 -37.47 36.74 -8.58
N GLY B 519 -37.18 37.90 -7.99
CA GLY B 519 -37.41 38.12 -6.57
C GLY B 519 -36.25 37.76 -5.67
N VAL B 520 -35.13 37.32 -6.26
CA VAL B 520 -33.94 36.95 -5.50
C VAL B 520 -32.65 37.36 -6.21
N ASP B 521 -31.64 37.73 -5.43
CA ASP B 521 -30.33 38.07 -5.99
C ASP B 521 -29.52 36.80 -6.19
N GLY B 522 -29.54 36.29 -7.42
CA GLY B 522 -28.84 35.07 -7.79
C GLY B 522 -27.32 35.13 -7.62
N SER B 523 -26.76 36.34 -7.66
CA SER B 523 -25.31 36.50 -7.56
C SER B 523 -24.74 36.08 -6.20
N LYS B 524 -25.61 35.98 -5.19
CA LYS B 524 -25.22 35.57 -3.84
C LYS B 524 -25.41 34.08 -3.57
N ILE B 525 -25.95 33.34 -4.54
CA ILE B 525 -26.22 31.92 -4.36
C ILE B 525 -24.94 31.11 -4.49
N TYR B 526 -24.61 30.36 -3.44
CA TYR B 526 -23.37 29.60 -3.38
C TYR B 526 -23.62 28.10 -3.51
N LEU B 527 -22.76 27.45 -4.30
CA LEU B 527 -22.83 26.01 -4.55
CA LEU B 527 -22.83 26.01 -4.55
C LEU B 527 -21.57 25.31 -4.05
N TYR B 528 -21.76 24.17 -3.40
CA TYR B 528 -20.64 23.30 -3.01
C TYR B 528 -21.13 21.86 -2.92
N GLY B 529 -20.21 20.90 -2.86
CA GLY B 529 -20.63 19.51 -2.75
C GLY B 529 -19.55 18.51 -2.43
N GLU B 530 -19.96 17.25 -2.33
CA GLU B 530 -19.05 16.13 -2.17
C GLU B 530 -18.49 15.72 -3.53
N GLY B 531 -17.24 16.08 -3.78
CA GLY B 531 -16.60 15.73 -5.05
C GLY B 531 -15.89 14.39 -5.04
N TRP B 532 -16.45 13.40 -4.34
CA TRP B 532 -15.81 12.08 -4.25
C TRP B 532 -15.88 11.40 -5.63
N ASP B 533 -14.85 10.63 -5.93
CA ASP B 533 -14.67 10.06 -7.27
C ASP B 533 -14.46 8.56 -7.13
N PHE B 534 -15.52 7.78 -7.36
CA PHE B 534 -15.45 6.32 -7.25
C PHE B 534 -16.47 5.60 -8.15
N ALA B 535 -16.34 4.28 -8.21
CA ALA B 535 -17.25 3.44 -8.99
C ALA B 535 -17.28 3.82 -10.47
N GLU B 536 -18.46 3.80 -11.09
CA GLU B 536 -18.59 3.85 -12.54
C GLU B 536 -18.33 5.23 -13.18
N VAL B 537 -18.30 6.27 -12.34
CA VAL B 537 -18.03 7.64 -12.82
C VAL B 537 -16.54 8.00 -12.75
N ALA B 538 -15.75 7.16 -12.10
CA ALA B 538 -14.29 7.37 -12.00
C ALA B 538 -13.63 7.43 -13.38
N ARG B 539 -12.53 8.16 -13.47
CA ARG B 539 -11.77 8.33 -14.72
C ARG B 539 -12.64 8.87 -15.86
N ASN B 540 -13.63 9.70 -15.50
CA ASN B 540 -14.54 10.32 -16.45
C ASN B 540 -15.21 9.34 -17.41
N GLN B 541 -15.49 8.13 -16.94
CA GLN B 541 -16.00 7.06 -17.79
C GLN B 541 -17.40 7.32 -18.36
N ARG B 542 -18.19 8.14 -17.67
CA ARG B 542 -19.52 8.52 -18.17
C ARG B 542 -19.57 9.98 -18.62
N GLY B 543 -18.40 10.61 -18.74
CA GLY B 543 -18.30 12.04 -19.00
C GLY B 543 -17.51 12.71 -17.89
N ILE B 544 -17.18 13.99 -18.07
CA ILE B 544 -16.46 14.73 -17.04
C ILE B 544 -17.42 14.91 -15.85
N ASN B 545 -17.08 14.31 -14.72
CA ASN B 545 -17.94 14.31 -13.54
C ASN B 545 -17.53 15.36 -12.51
N GLY B 546 -18.42 15.64 -11.56
CA GLY B 546 -18.18 16.70 -10.58
C GLY B 546 -17.23 16.34 -9.46
N SER B 547 -16.08 15.76 -9.82
CA SER B 547 -15.06 15.37 -8.87
C SER B 547 -14.29 16.59 -8.36
N GLN B 548 -13.59 16.41 -7.25
CA GLN B 548 -12.71 17.46 -6.71
C GLN B 548 -11.76 18.04 -7.78
N LEU B 549 -11.06 17.16 -8.48
CA LEU B 549 -10.11 17.59 -9.51
C LEU B 549 -10.81 18.31 -10.68
N ASN B 550 -11.95 17.79 -11.12
CA ASN B 550 -12.67 18.40 -12.25
C ASN B 550 -13.34 19.73 -11.94
N MET B 551 -13.68 19.96 -10.68
CA MET B 551 -14.31 21.21 -10.28
C MET B 551 -13.29 22.31 -9.93
N SER B 552 -11.99 22.01 -10.06
CA SER B 552 -10.97 23.05 -9.90
C SER B 552 -11.17 24.13 -10.96
N GLY B 553 -11.20 25.38 -10.53
CA GLY B 553 -11.46 26.52 -11.41
C GLY B 553 -12.92 26.82 -11.70
N THR B 554 -13.85 26.13 -11.05
CA THR B 554 -15.30 26.34 -11.31
C THR B 554 -15.97 27.33 -10.36
N GLY B 555 -15.32 27.64 -9.23
CA GLY B 555 -15.94 28.44 -8.18
C GLY B 555 -16.97 27.69 -7.36
N ILE B 556 -17.03 26.37 -7.53
CA ILE B 556 -17.94 25.51 -6.75
C ILE B 556 -17.12 24.77 -5.70
N GLY B 557 -17.54 24.87 -4.44
CA GLY B 557 -16.80 24.28 -3.33
C GLY B 557 -16.86 22.77 -3.30
N SER B 558 -15.82 22.15 -2.75
CA SER B 558 -15.88 20.74 -2.44
C SER B 558 -15.21 20.48 -1.10
N PHE B 559 -15.71 19.45 -0.41
CA PHE B 559 -15.19 19.08 0.90
C PHE B 559 -13.74 18.63 0.84
N ASN B 560 -12.92 19.26 1.68
CA ASN B 560 -11.51 18.96 1.79
C ASN B 560 -11.29 17.82 2.79
N ASP B 561 -11.24 16.60 2.26
CA ASP B 561 -11.00 15.42 3.09
C ASP B 561 -9.56 15.32 3.57
N ARG B 562 -8.65 16.06 2.94
CA ARG B 562 -7.24 16.00 3.31
C ARG B 562 -7.02 16.61 4.69
N ILE B 563 -7.54 17.82 4.90
CA ILE B 563 -7.39 18.48 6.19
C ILE B 563 -8.15 17.72 7.29
N ARG B 564 -9.32 17.19 6.93
CA ARG B 564 -10.16 16.42 7.86
C ARG B 564 -9.36 15.28 8.48
N ASP B 565 -8.78 14.45 7.63
CA ASP B 565 -8.08 13.25 8.05
C ASP B 565 -6.70 13.55 8.66
N ALA B 566 -6.05 14.61 8.21
CA ALA B 566 -4.77 15.03 8.78
C ALA B 566 -4.90 15.54 10.22
N ILE B 567 -5.99 16.27 10.49
CA ILE B 567 -6.28 16.71 11.86
C ILE B 567 -6.71 15.54 12.75
N ASN B 568 -7.72 14.80 12.31
CA ASN B 568 -8.31 13.74 13.14
C ASN B 568 -7.46 12.48 13.20
N GLY B 569 -6.86 12.10 12.07
CA GLY B 569 -6.04 10.90 11.98
C GLY B 569 -6.75 9.78 11.25
N GLY B 570 -5.99 8.99 10.49
CA GLY B 570 -6.54 7.91 9.72
C GLY B 570 -7.55 8.39 8.70
N ASN B 571 -8.65 7.67 8.56
CA ASN B 571 -9.71 8.02 7.63
C ASN B 571 -10.98 7.26 8.00
N PRO B 572 -12.13 7.63 7.40
CA PRO B 572 -13.40 7.01 7.77
C PRO B 572 -13.44 5.49 7.60
N PHE B 573 -12.60 4.97 6.71
CA PHE B 573 -12.56 3.55 6.39
C PHE B 573 -11.34 2.83 6.98
N GLY B 574 -10.57 3.52 7.81
CA GLY B 574 -9.34 2.97 8.40
C GLY B 574 -9.53 2.49 9.83
N ASN B 575 -8.43 2.13 10.49
CA ASN B 575 -8.49 1.69 11.88
C ASN B 575 -8.89 2.87 12.76
N PRO B 576 -9.95 2.69 13.57
CA PRO B 576 -10.48 3.81 14.37
C PRO B 576 -9.48 4.45 15.34
N LEU B 577 -8.43 3.72 15.72
CA LEU B 577 -7.43 4.24 16.67
C LEU B 577 -6.25 4.95 16.03
N GLN B 578 -6.23 5.06 14.69
CA GLN B 578 -5.13 5.76 14.01
C GLN B 578 -5.15 7.24 14.36
N GLN B 579 -4.03 7.74 14.87
CA GLN B 579 -3.93 9.11 15.39
C GLN B 579 -3.50 10.12 14.34
N GLY B 580 -3.88 11.39 14.58
CA GLY B 580 -3.57 12.49 13.70
C GLY B 580 -2.97 13.68 14.44
N PHE B 581 -2.83 14.79 13.72
CA PHE B 581 -2.20 15.99 14.28
C PHE B 581 -2.86 16.43 15.58
N ASN B 582 -4.18 16.36 15.63
CA ASN B 582 -4.95 16.81 16.80
C ASN B 582 -5.54 15.70 17.67
N THR B 583 -5.06 14.46 17.52
CA THR B 583 -5.50 13.38 18.39
C THR B 583 -4.33 12.60 18.99
N GLY B 584 -3.15 13.21 18.98
CA GLY B 584 -2.04 12.77 19.81
C GLY B 584 -0.94 12.02 19.10
N LEU B 585 -0.96 11.97 17.78
CA LEU B 585 0.08 11.24 17.04
C LEU B 585 1.47 11.75 17.44
N PHE B 586 2.36 10.81 17.79
CA PHE B 586 3.71 11.09 18.30
C PHE B 586 3.72 11.73 19.70
N LEU B 587 3.04 12.85 19.83
CA LEU B 587 3.09 13.63 21.07
C LEU B 587 2.48 12.89 22.26
N GLU B 588 1.38 12.18 22.02
CA GLU B 588 0.63 11.49 23.06
C GLU B 588 0.12 10.16 22.53
N PRO B 589 1.01 9.17 22.39
CA PRO B 589 0.61 7.88 21.84
C PRO B 589 -0.53 7.22 22.61
N ASN B 590 -1.46 6.59 21.89
CA ASN B 590 -2.60 5.94 22.52
C ASN B 590 -2.45 4.43 22.74
N GLY B 591 -1.31 3.87 22.38
CA GLY B 591 -1.07 2.44 22.57
C GLY B 591 -1.45 1.55 21.40
N PHE B 592 -2.14 2.11 20.40
CA PHE B 592 -2.33 1.42 19.13
C PHE B 592 -1.02 1.54 18.37
N TYR B 593 -0.47 0.41 17.92
CA TYR B 593 0.84 0.44 17.30
C TYR B 593 0.83 1.18 15.96
N GLN B 594 1.70 2.19 15.85
CA GLN B 594 1.77 3.04 14.66
C GLN B 594 3.21 3.32 14.20
N GLY B 595 4.14 2.46 14.62
CA GLY B 595 5.53 2.60 14.24
C GLY B 595 6.40 3.09 15.37
N ASN B 596 7.69 3.26 15.10
CA ASN B 596 8.62 3.79 16.09
C ASN B 596 8.45 5.30 16.21
N GLU B 597 9.12 5.90 17.20
CA GLU B 597 8.98 7.33 17.45
C GLU B 597 9.36 8.16 16.23
N ALA B 598 10.39 7.73 15.51
CA ALA B 598 10.80 8.41 14.29
C ALA B 598 9.71 8.36 13.22
N ASP B 599 9.02 7.21 13.11
CA ASP B 599 7.92 7.06 12.14
C ASP B 599 6.77 8.02 12.47
N THR B 600 6.35 8.00 13.74
CA THR B 600 5.20 8.82 14.15
C THR B 600 5.51 10.32 14.09
N ARG B 601 6.75 10.70 14.41
CA ARG B 601 7.16 12.11 14.30
C ARG B 601 7.07 12.56 12.84
N ARG B 602 7.55 11.73 11.91
CA ARG B 602 7.48 12.06 10.48
C ARG B 602 6.03 12.10 10.00
N SER B 603 5.22 11.12 10.42
CA SER B 603 3.82 11.07 10.03
C SER B 603 3.08 12.32 10.54
N LEU B 604 3.39 12.75 11.75
CA LEU B 604 2.84 14.00 12.31
C LEU B 604 3.23 15.22 11.46
N ALA B 605 4.50 15.30 11.09
CA ALA B 605 5.00 16.38 10.24
C ALA B 605 4.37 16.39 8.85
N THR B 606 4.13 15.19 8.30
CA THR B 606 3.50 15.08 7.00
C THR B 606 2.04 15.57 7.09
N TYR B 607 1.35 15.16 8.15
CA TYR B 607 -0.03 15.65 8.39
C TYR B 607 -0.04 17.18 8.52
N ALA B 608 0.95 17.74 9.20
CA ALA B 608 1.05 19.20 9.35
C ALA B 608 1.20 19.91 8.00
N ASP B 609 1.97 19.32 7.08
CA ASP B 609 2.08 19.85 5.72
C ASP B 609 0.70 19.92 5.07
N GLN B 610 -0.05 18.82 5.18
CA GLN B 610 -1.35 18.71 4.54
C GLN B 610 -2.34 19.69 5.15
N ILE B 611 -2.28 19.84 6.47
CA ILE B 611 -3.13 20.80 7.18
C ILE B 611 -2.83 22.23 6.74
N GLN B 612 -1.55 22.57 6.64
CA GLN B 612 -1.15 23.92 6.25
C GLN B 612 -1.54 24.27 4.81
N ILE B 613 -1.44 23.31 3.89
CA ILE B 613 -1.96 23.52 2.55
C ILE B 613 -3.46 23.83 2.61
N GLY B 614 -4.20 23.10 3.45
CA GLY B 614 -5.63 23.33 3.64
C GLY B 614 -5.94 24.67 4.30
N LEU B 615 -5.15 25.03 5.31
CA LEU B 615 -5.29 26.34 5.98
C LEU B 615 -5.08 27.53 5.02
N ALA B 616 -4.31 27.30 3.96
CA ALA B 616 -4.06 28.28 2.92
C ALA B 616 -5.03 28.14 1.73
N GLY B 617 -6.20 27.55 1.98
CA GLY B 617 -7.27 27.44 0.99
C GLY B 617 -7.20 26.21 0.10
N ASN B 618 -6.31 25.28 0.42
CA ASN B 618 -6.11 24.03 -0.32
C ASN B 618 -5.87 24.23 -1.82
N LEU B 619 -4.95 25.14 -2.13
CA LEU B 619 -4.67 25.56 -3.50
C LEU B 619 -3.61 24.70 -4.18
N ARG B 620 -3.78 24.50 -5.49
CA ARG B 620 -2.76 23.80 -6.30
C ARG B 620 -1.41 24.51 -6.24
N ASP B 621 -1.43 25.83 -6.29
CA ASP B 621 -0.22 26.62 -6.56
C ASP B 621 0.45 27.22 -5.32
N TYR B 622 -0.16 27.11 -4.15
CA TYR B 622 0.45 27.67 -2.94
C TYR B 622 1.74 26.91 -2.60
N VAL B 623 2.82 27.64 -2.33
CA VAL B 623 4.12 27.03 -2.04
C VAL B 623 4.39 26.95 -0.54
N LEU B 624 4.59 25.72 -0.05
CA LEU B 624 4.92 25.46 1.35
C LEU B 624 6.31 24.84 1.45
N ILE B 625 7.08 25.26 2.46
CA ILE B 625 8.28 24.54 2.84
C ILE B 625 7.85 23.27 3.56
N SER B 626 8.02 22.13 2.89
CA SER B 626 7.53 20.85 3.41
C SER B 626 8.40 20.33 4.55
N HIS B 627 7.95 19.23 5.17
CA HIS B 627 8.64 18.67 6.34
C HIS B 627 10.07 18.20 6.04
N THR B 628 10.36 17.91 4.77
CA THR B 628 11.71 17.52 4.35
C THR B 628 12.65 18.71 4.11
N GLY B 629 12.10 19.91 4.10
CA GLY B 629 12.85 21.12 3.74
C GLY B 629 12.59 21.58 2.32
N GLU B 630 12.15 20.68 1.45
CA GLU B 630 11.89 21.00 0.05
C GLU B 630 10.62 21.84 -0.08
N ALA B 631 10.71 22.93 -0.83
CA ALA B 631 9.55 23.76 -1.14
C ALA B 631 8.68 23.02 -2.15
N LYS B 632 7.40 22.87 -1.82
CA LYS B 632 6.47 22.16 -2.69
C LYS B 632 5.17 22.93 -2.85
N LYS B 633 4.59 22.87 -4.04
CA LYS B 633 3.26 23.41 -4.30
C LYS B 633 2.21 22.50 -3.65
N GLY B 634 1.03 23.05 -3.38
CA GLY B 634 -0.06 22.24 -2.85
C GLY B 634 -0.33 20.99 -3.68
N SER B 635 -0.24 21.12 -5.00
CA SER B 635 -0.48 20.00 -5.92
C SER B 635 0.67 18.99 -5.93
N GLU B 636 1.85 19.43 -5.49
CA GLU B 636 3.04 18.57 -5.47
C GLU B 636 3.13 17.75 -4.19
N ILE B 637 2.39 18.14 -3.17
CA ILE B 637 2.24 17.33 -1.96
C ILE B 637 1.08 16.39 -2.25
N HIS B 638 1.29 15.09 -2.06
CA HIS B 638 0.35 14.07 -2.53
C HIS B 638 -0.28 13.26 -1.41
N THR B 639 -1.49 12.74 -1.69
CA THR B 639 -2.20 11.88 -0.75
C THR B 639 -2.44 10.51 -1.42
N PHE B 640 -3.45 9.77 -0.94
CA PHE B 640 -3.79 8.46 -1.51
C PHE B 640 -3.93 8.50 -3.04
N ASP B 641 -3.47 7.43 -3.68
CA ASP B 641 -3.46 7.30 -5.16
C ASP B 641 -2.59 8.37 -5.86
N GLY B 642 -1.67 8.99 -5.11
CA GLY B 642 -0.77 10.01 -5.67
C GLY B 642 -1.44 11.30 -6.11
N LEU B 643 -2.63 11.58 -5.59
CA LEU B 643 -3.43 12.75 -5.99
C LEU B 643 -2.99 14.00 -5.23
N PRO B 644 -3.21 15.19 -5.83
CA PRO B 644 -2.78 16.43 -5.19
C PRO B 644 -3.56 16.74 -3.91
N VAL B 645 -2.85 17.08 -2.84
CA VAL B 645 -3.50 17.49 -1.60
C VAL B 645 -4.26 18.78 -1.88
N GLY B 646 -3.52 19.81 -2.30
CA GLY B 646 -4.12 21.07 -2.75
C GLY B 646 -4.53 20.96 -4.21
N TYR B 647 -5.84 21.01 -4.47
CA TYR B 647 -6.37 20.81 -5.82
C TYR B 647 -7.19 21.99 -6.38
N THR B 648 -7.39 23.04 -5.60
CA THR B 648 -8.26 24.13 -6.04
C THR B 648 -7.50 25.28 -6.73
N ALA B 649 -8.25 26.11 -7.45
CA ALA B 649 -7.73 27.31 -8.11
C ALA B 649 -8.12 28.58 -7.33
N SER B 650 -8.95 28.42 -6.32
CA SER B 650 -9.48 29.54 -5.54
C SER B 650 -9.90 29.07 -4.16
N PRO B 651 -9.72 29.89 -3.12
CA PRO B 651 -10.14 29.46 -1.78
C PRO B 651 -11.66 29.18 -1.63
N ILE B 652 -12.49 29.79 -2.48
CA ILE B 652 -13.94 29.53 -2.41
C ILE B 652 -14.32 28.16 -2.97
N GLU B 653 -13.33 27.43 -3.50
CA GLU B 653 -13.54 26.05 -3.96
C GLU B 653 -13.25 25.03 -2.86
N THR B 654 -12.88 25.52 -1.68
CA THR B 654 -12.50 24.66 -0.57
C THR B 654 -13.47 24.79 0.61
N ILE B 655 -14.08 23.67 0.98
CA ILE B 655 -14.88 23.55 2.19
C ILE B 655 -14.02 22.77 3.19
N ASN B 656 -13.47 23.48 4.16
CA ASN B 656 -12.62 22.87 5.17
C ASN B 656 -13.49 22.35 6.30
N TYR B 657 -13.31 21.09 6.66
CA TYR B 657 -14.09 20.48 7.73
C TYR B 657 -13.32 19.38 8.47
N VAL B 658 -13.77 19.11 9.70
CA VAL B 658 -13.28 17.97 10.50
C VAL B 658 -14.43 17.07 10.98
N SER B 659 -15.65 17.47 10.67
CA SER B 659 -16.84 16.80 11.17
C SER B 659 -18.01 17.14 10.27
N ALA B 660 -18.96 16.23 10.20
CA ALA B 660 -20.19 16.40 9.44
C ALA B 660 -21.18 15.36 9.95
N HIS B 661 -22.38 15.34 9.38
CA HIS B 661 -23.37 14.33 9.78
C HIS B 661 -22.88 12.89 9.57
N ASP B 662 -22.13 12.65 8.49
CA ASP B 662 -21.53 11.34 8.22
C ASP B 662 -20.40 11.05 9.19
N ASN B 663 -20.23 9.78 9.57
CA ASN B 663 -19.14 9.36 10.44
C ASN B 663 -19.27 9.92 11.86
N GLU B 664 -18.24 9.75 12.67
CA GLU B 664 -18.31 10.10 14.09
C GLU B 664 -18.30 11.60 14.29
N THR B 665 -19.02 12.10 15.29
CA THR B 665 -18.95 13.52 15.63
C THR B 665 -17.53 13.86 16.06
N LEU B 666 -17.22 15.15 16.03
CA LEU B 666 -15.94 15.66 16.48
C LEU B 666 -15.61 15.18 17.89
N PHE B 667 -16.54 15.34 18.82
CA PHE B 667 -16.32 14.91 20.20
C PHE B 667 -16.04 13.42 20.26
N ASP B 668 -16.80 12.63 19.51
CA ASP B 668 -16.65 11.17 19.56
C ASP B 668 -15.32 10.70 18.94
N VAL B 669 -14.93 11.28 17.81
CA VAL B 669 -13.66 10.89 17.18
C VAL B 669 -12.48 11.19 18.10
N ILE B 670 -12.55 12.32 18.79
CA ILE B 670 -11.50 12.71 19.72
C ILE B 670 -11.48 11.75 20.92
N SER B 671 -12.64 11.41 21.44
CA SER B 671 -12.76 10.46 22.54
C SER B 671 -12.28 9.05 22.18
N VAL B 672 -12.38 8.69 20.90
CA VAL B 672 -11.89 7.38 20.46
C VAL B 672 -10.36 7.37 20.31
N LYS B 673 -9.81 8.39 19.66
CA LYS B 673 -8.41 8.39 19.22
C LYS B 673 -7.38 8.82 20.26
N THR B 674 -7.74 9.77 21.13
CA THR B 674 -6.80 10.26 22.14
C THR B 674 -6.54 9.19 23.19
N PRO B 675 -5.44 9.31 23.95
CA PRO B 675 -5.23 8.35 25.03
C PRO B 675 -6.43 8.33 25.98
N MET B 676 -6.81 7.14 26.44
CA MET B 676 -7.93 7.02 27.37
C MET B 676 -7.70 7.80 28.66
N ILE B 677 -6.44 8.00 29.06
CA ILE B 677 -6.12 8.65 30.32
C ILE B 677 -6.39 10.17 30.34
N LEU B 678 -6.51 10.80 29.17
CA LEU B 678 -6.79 12.24 29.15
C LEU B 678 -8.09 12.55 29.88
N SER B 679 -8.10 13.67 30.59
CA SER B 679 -9.32 14.16 31.24
C SER B 679 -10.28 14.69 30.19
N VAL B 680 -11.56 14.79 30.53
CA VAL B 680 -12.54 15.40 29.63
C VAL B 680 -12.22 16.87 29.42
N ASP B 681 -11.70 17.53 30.44
CA ASP B 681 -11.24 18.93 30.32
C ASP B 681 -10.20 19.08 29.19
N GLU B 682 -9.22 18.17 29.16
CA GLU B 682 -8.22 18.17 28.10
C GLU B 682 -8.88 17.91 26.74
N ARG B 683 -9.78 16.95 26.67
CA ARG B 683 -10.44 16.62 25.39
C ARG B 683 -11.26 17.81 24.88
N CYS B 684 -11.86 18.56 25.81
CA CYS B 684 -12.60 19.76 25.43
C CYS B 684 -11.71 20.78 24.73
N ARG B 685 -10.49 20.97 25.23
CA ARG B 685 -9.54 21.87 24.59
C ARG B 685 -9.18 21.36 23.19
N ILE B 686 -9.09 20.04 23.06
CA ILE B 686 -8.78 19.41 21.77
C ILE B 686 -9.93 19.64 20.78
N ASN B 687 -11.17 19.54 21.25
CA ASN B 687 -12.32 19.89 20.41
C ASN B 687 -12.18 21.32 19.89
N HIS B 688 -11.88 22.25 20.80
CA HIS B 688 -11.74 23.65 20.44
C HIS B 688 -10.64 23.88 19.41
N LEU B 689 -9.53 23.19 19.55
CA LEU B 689 -8.44 23.27 18.58
C LEU B 689 -8.90 22.89 17.17
N ALA B 690 -9.66 21.81 17.06
CA ALA B 690 -10.15 21.34 15.77
C ALA B 690 -11.07 22.34 15.10
N SER B 691 -12.07 22.83 15.83
CA SER B 691 -13.03 23.78 15.26
CA SER B 691 -13.02 23.78 15.26
C SER B 691 -12.36 25.12 14.97
N SER B 692 -11.36 25.49 15.76
CA SER B 692 -10.61 26.73 15.52
C SER B 692 -9.72 26.63 14.29
N MET B 693 -9.17 25.45 14.03
CA MET B 693 -8.42 25.25 12.79
C MET B 693 -9.32 25.50 11.57
N MET B 694 -10.58 25.08 11.66
CA MET B 694 -11.55 25.36 10.61
C MET B 694 -11.91 26.85 10.58
N ALA B 695 -12.24 27.39 11.75
CA ALA B 695 -12.73 28.76 11.82
C ALA B 695 -11.70 29.82 11.45
N LEU B 696 -10.41 29.50 11.57
CA LEU B 696 -9.36 30.44 11.20
C LEU B 696 -8.64 30.05 9.91
N SER B 697 -9.23 29.14 9.13
CA SER B 697 -8.63 28.72 7.86
C SER B 697 -9.01 29.67 6.72
N GLN B 698 -8.14 29.75 5.72
CA GLN B 698 -8.52 30.34 4.44
C GLN B 698 -9.44 29.33 3.77
N GLY B 699 -10.27 29.80 2.86
CA GLY B 699 -11.33 28.98 2.30
C GLY B 699 -12.58 29.12 3.14
N ILE B 700 -13.49 28.18 2.98
CA ILE B 700 -14.81 28.25 3.63
C ILE B 700 -14.91 27.22 4.76
N PRO B 701 -14.99 27.70 6.01
CA PRO B 701 -15.14 26.78 7.14
C PRO B 701 -16.52 26.15 7.22
N PHE B 702 -16.56 24.87 7.57
CA PHE B 702 -17.79 24.07 7.67
C PHE B 702 -17.82 23.41 9.05
N PHE B 703 -18.90 23.64 9.78
CA PHE B 703 -19.10 23.05 11.11
C PHE B 703 -20.30 22.12 11.13
N HIS B 704 -20.13 20.97 11.77
CA HIS B 704 -21.26 20.08 12.05
C HIS B 704 -22.03 20.65 13.23
N ALA B 705 -23.35 20.76 13.11
CA ALA B 705 -24.16 21.24 14.23
C ALA B 705 -23.82 20.44 15.48
N GLY B 706 -23.41 21.14 16.53
CA GLY B 706 -23.00 20.50 17.77
C GLY B 706 -21.51 20.47 18.02
N ASP B 707 -20.69 20.75 17.00
CA ASP B 707 -19.25 20.97 17.20
C ASP B 707 -19.02 21.91 18.39
N GLU B 708 -19.85 22.95 18.48
CA GLU B 708 -19.72 24.01 19.46
C GLU B 708 -20.16 23.61 20.87
N ILE B 709 -20.88 22.50 21.01
CA ILE B 709 -21.38 22.05 22.31
C ILE B 709 -21.05 20.58 22.60
N LEU B 710 -19.94 20.10 22.04
CA LEU B 710 -19.39 18.78 22.38
C LEU B 710 -20.34 17.64 22.03
N ARG B 711 -21.16 17.82 21.00
CA ARG B 711 -22.19 16.87 20.65
C ARG B 711 -21.66 15.46 20.43
N SER B 712 -22.30 14.49 21.07
CA SER B 712 -21.99 13.08 20.90
C SER B 712 -23.20 12.33 20.33
N LYS B 713 -22.91 11.22 19.66
CA LYS B 713 -23.92 10.25 19.25
C LYS B 713 -23.61 8.89 19.91
N SER B 714 -22.93 8.94 21.05
CA SER B 714 -22.34 7.75 21.67
C SER B 714 -21.58 6.89 20.66
N ILE B 715 -20.79 7.59 19.83
CA ILE B 715 -19.83 7.00 18.89
C ILE B 715 -20.48 6.31 17.67
N ASP B 716 -21.73 6.66 17.38
CA ASP B 716 -22.42 6.18 16.18
C ASP B 716 -21.72 6.73 14.93
N ARG B 717 -21.25 5.84 14.04
CA ARG B 717 -20.54 6.29 12.84
CA ARG B 717 -20.55 6.25 12.82
C ARG B 717 -21.49 6.57 11.67
N ASP B 718 -22.76 6.22 11.82
CA ASP B 718 -23.71 6.36 10.72
C ASP B 718 -25.12 6.42 11.28
N SER B 719 -25.47 7.58 11.82
CA SER B 719 -26.70 7.73 12.63
C SER B 719 -27.97 8.05 11.83
N TYR B 720 -27.95 7.83 10.51
CA TYR B 720 -29.06 8.17 9.61
C TYR B 720 -30.43 7.64 10.03
N ASN B 721 -30.44 6.46 10.65
CA ASN B 721 -31.68 5.81 11.08
C ASN B 721 -31.65 5.49 12.57
N SER B 722 -30.83 6.21 13.33
CA SER B 722 -30.61 5.94 14.75
C SER B 722 -31.55 6.73 15.67
N GLY B 723 -32.52 7.42 15.08
CA GLY B 723 -33.60 8.04 15.84
C GLY B 723 -33.20 9.29 16.61
N ASP B 724 -34.17 9.86 17.30
CA ASP B 724 -33.91 11.03 18.14
C ASP B 724 -32.98 10.70 19.31
N TRP B 725 -33.01 9.45 19.77
CA TRP B 725 -32.21 9.03 20.93
C TRP B 725 -30.71 9.28 20.74
N PHE B 726 -30.16 8.79 19.64
CA PHE B 726 -28.71 8.90 19.40
C PHE B 726 -28.31 10.23 18.76
N ASN B 727 -29.28 10.95 18.19
CA ASN B 727 -29.01 12.21 17.48
C ASN B 727 -29.39 13.47 18.26
N LYS B 728 -29.64 13.32 19.56
CA LYS B 728 -30.11 14.42 20.39
C LYS B 728 -29.22 15.66 20.32
N LEU B 729 -29.84 16.80 20.03
CA LEU B 729 -29.20 18.11 20.13
C LEU B 729 -29.82 18.84 21.32
N ASP B 730 -29.09 18.93 22.42
CA ASP B 730 -29.65 19.41 23.68
C ASP B 730 -29.36 20.90 23.92
N PHE B 731 -30.32 21.76 23.62
CA PHE B 731 -30.11 23.19 23.76
C PHE B 731 -30.36 23.71 25.18
N THR B 732 -30.60 22.80 26.13
CA THR B 732 -30.52 23.13 27.56
C THR B 732 -29.07 23.10 28.04
N TYR B 733 -28.20 22.46 27.25
CA TYR B 733 -26.77 22.34 27.55
C TYR B 733 -26.48 21.48 28.77
N GLU B 734 -27.48 20.70 29.22
CA GLU B 734 -27.32 19.84 30.40
C GLU B 734 -26.56 18.55 30.06
N THR B 735 -26.68 18.08 28.81
CA THR B 735 -26.01 16.86 28.33
C THR B 735 -25.48 17.04 26.92
N ASN B 736 -24.49 16.23 26.53
CA ASN B 736 -24.02 16.19 25.14
C ASN B 736 -24.39 14.90 24.40
N ASN B 737 -25.11 14.02 25.10
CA ASN B 737 -25.58 12.73 24.58
C ASN B 737 -24.48 11.67 24.49
N TRP B 738 -23.39 11.89 25.25
CA TRP B 738 -22.37 10.85 25.45
C TRP B 738 -22.84 9.90 26.55
N GLY B 739 -22.67 8.61 26.30
CA GLY B 739 -23.00 7.59 27.29
C GLY B 739 -24.48 7.27 27.37
N VAL B 740 -25.14 7.15 26.22
CA VAL B 740 -26.56 6.80 26.18
C VAL B 740 -26.78 5.42 25.54
N GLY B 741 -25.80 4.54 25.71
CA GLY B 741 -25.86 3.19 25.19
C GLY B 741 -24.95 3.00 23.99
N LEU B 742 -24.60 1.74 23.72
CA LEU B 742 -23.88 1.41 22.49
C LEU B 742 -24.77 1.78 21.31
N PRO B 743 -24.19 2.32 20.23
CA PRO B 743 -25.00 2.70 19.07
C PRO B 743 -25.46 1.48 18.27
N PRO B 744 -26.45 1.64 17.37
CA PRO B 744 -27.06 0.50 16.68
C PRO B 744 -26.09 -0.47 16.02
N SER B 745 -26.33 -1.76 16.24
CA SER B 745 -25.42 -2.83 15.82
C SER B 745 -25.15 -2.88 14.31
N GLU B 746 -26.17 -2.59 13.50
CA GLU B 746 -26.04 -2.76 12.05
C GLU B 746 -24.81 -2.04 11.50
N LYS B 747 -24.62 -0.80 11.92
CA LYS B 747 -23.48 -0.01 11.45
C LYS B 747 -22.28 0.04 12.41
N ASN B 748 -22.44 -0.43 13.65
CA ASN B 748 -21.41 -0.22 14.69
C ASN B 748 -20.89 -1.44 15.45
N GLU B 749 -21.53 -2.60 15.33
CA GLU B 749 -21.20 -3.74 16.19
C GLU B 749 -19.71 -4.10 16.19
N ASP B 750 -19.08 -4.01 15.02
CA ASP B 750 -17.65 -4.34 14.87
C ASP B 750 -16.76 -3.54 15.82
N ASN B 751 -17.18 -2.32 16.16
CA ASN B 751 -16.42 -1.44 17.04
C ASN B 751 -16.95 -1.35 18.48
N TRP B 752 -17.97 -2.13 18.80
CA TRP B 752 -18.54 -2.11 20.16
C TRP B 752 -17.50 -2.36 21.26
N PRO B 753 -16.54 -3.28 21.04
CA PRO B 753 -15.50 -3.50 22.04
C PRO B 753 -14.68 -2.25 22.45
N LEU B 754 -14.34 -1.40 21.49
CA LEU B 754 -13.62 -0.16 21.82
C LEU B 754 -14.54 0.91 22.42
N MET B 755 -15.81 0.92 22.00
CA MET B 755 -16.77 1.89 22.51
C MET B 755 -17.16 1.63 23.97
N LYS B 756 -17.45 0.38 24.29
CA LYS B 756 -18.01 0.02 25.60
C LYS B 756 -17.26 0.63 26.79
N PRO B 757 -15.93 0.39 26.90
CA PRO B 757 -15.21 0.91 28.08
C PRO B 757 -15.21 2.43 28.16
N ARG B 758 -15.14 3.09 27.01
CA ARG B 758 -15.15 4.56 26.96
C ARG B 758 -16.51 5.12 27.39
N LEU B 759 -17.59 4.54 26.86
CA LEU B 759 -18.95 4.99 27.19
C LEU B 759 -19.29 4.74 28.67
N GLU B 760 -18.74 3.66 29.21
CA GLU B 760 -18.94 3.31 30.63
C GLU B 760 -18.11 4.15 31.59
N ASN B 761 -17.05 4.77 31.08
CA ASN B 761 -16.13 5.55 31.92
C ASN B 761 -16.71 6.93 32.22
N PRO B 762 -17.08 7.20 33.50
CA PRO B 762 -17.73 8.47 33.81
C PRO B 762 -16.81 9.69 33.60
N SER B 763 -15.50 9.48 33.60
CA SER B 763 -14.56 10.57 33.36
C SER B 763 -14.52 11.03 31.90
N PHE B 764 -15.19 10.30 31.00
CA PHE B 764 -15.32 10.71 29.59
C PHE B 764 -16.48 11.67 29.32
N LYS B 765 -17.43 11.76 30.26
CA LYS B 765 -18.66 12.52 30.04
C LYS B 765 -18.52 13.96 30.52
N PRO B 766 -18.75 14.95 29.63
CA PRO B 766 -18.72 16.34 30.06
C PRO B 766 -20.01 16.74 30.75
N ALA B 767 -19.91 17.76 31.59
CA ALA B 767 -21.03 18.36 32.30
C ALA B 767 -21.45 19.64 31.60
N LYS B 768 -22.52 20.25 32.11
CA LYS B 768 -22.99 21.51 31.58
C LYS B 768 -21.88 22.57 31.51
N GLY B 769 -21.04 22.65 32.53
CA GLY B 769 -19.94 23.62 32.56
C GLY B 769 -19.00 23.51 31.37
N HIS B 770 -18.63 22.28 31.03
CA HIS B 770 -17.78 22.02 29.86
C HIS B 770 -18.49 22.42 28.57
N ILE B 771 -19.76 22.05 28.46
CA ILE B 771 -20.56 22.30 27.26
C ILE B 771 -20.67 23.82 27.01
N LEU B 772 -21.02 24.57 28.06
CA LEU B 772 -21.11 26.02 27.97
C LEU B 772 -19.76 26.69 27.69
N ALA B 773 -18.67 26.15 28.25
CA ALA B 773 -17.34 26.68 27.99
C ALA B 773 -16.92 26.45 26.54
N ALA B 774 -17.30 25.29 25.98
CA ALA B 774 -17.05 25.00 24.56
C ALA B 774 -17.80 25.99 23.67
N LEU B 775 -19.06 26.26 24.00
CA LEU B 775 -19.86 27.20 23.24
C LEU B 775 -19.25 28.60 23.27
N ASP B 776 -18.84 29.05 24.46
CA ASP B 776 -18.26 30.39 24.60
C ASP B 776 -16.99 30.54 23.77
N SER B 777 -16.12 29.54 23.82
CA SER B 777 -14.88 29.59 23.05
C SER B 777 -15.12 29.50 21.55
N PHE B 778 -16.12 28.73 21.12
CA PHE B 778 -16.51 28.62 19.70
C PHE B 778 -17.02 29.98 19.18
N VAL B 779 -17.87 30.62 19.96
CA VAL B 779 -18.34 31.97 19.64
C VAL B 779 -17.18 32.96 19.48
N ASP B 780 -16.23 32.91 20.42
CA ASP B 780 -15.09 33.82 20.41
C ASP B 780 -14.21 33.64 19.18
N ILE B 781 -13.98 32.39 18.76
CA ILE B 781 -13.13 32.17 17.59
CA ILE B 781 -13.14 32.16 17.57
C ILE B 781 -13.86 32.62 16.30
N LEU B 782 -15.18 32.50 16.27
CA LEU B 782 -15.95 33.03 15.13
C LEU B 782 -15.81 34.54 15.09
N LYS B 783 -15.98 35.18 16.25
CA LYS B 783 -15.75 36.62 16.35
C LYS B 783 -14.39 37.01 15.79
N ILE B 784 -13.36 36.24 16.14
CA ILE B 784 -12.01 36.50 15.66
C ILE B 784 -11.93 36.40 14.13
N ARG B 785 -12.54 35.36 13.55
CA ARG B 785 -12.53 35.23 12.08
C ARG B 785 -13.11 36.48 11.42
N TYR B 786 -14.19 36.98 11.98
CA TYR B 786 -14.87 38.13 11.39
C TYR B 786 -14.38 39.48 11.90
N SER B 787 -13.33 39.46 12.72
CA SER B 787 -12.69 40.71 13.17
C SER B 787 -11.66 41.25 12.17
N SER B 788 -11.27 40.43 11.20
CA SER B 788 -10.26 40.83 10.22
C SER B 788 -10.52 40.18 8.86
N PRO B 789 -10.55 40.99 7.78
CA PRO B 789 -10.65 40.45 6.42
C PRO B 789 -9.47 39.55 6.01
N LEU B 790 -8.37 39.63 6.74
CA LEU B 790 -7.18 38.82 6.43
C LEU B 790 -7.41 37.33 6.60
N PHE B 791 -8.35 36.94 7.47
CA PHE B 791 -8.70 35.52 7.62
C PHE B 791 -9.50 34.95 6.44
N ARG B 792 -10.02 35.84 5.59
CA ARG B 792 -10.98 35.47 4.54
C ARG B 792 -10.56 36.03 3.18
N LEU B 793 -9.31 35.79 2.77
CA LEU B 793 -8.82 36.32 1.50
C LEU B 793 -9.58 35.70 0.33
N SER B 794 -9.82 36.51 -0.70
CA SER B 794 -10.77 36.14 -1.74
C SER B 794 -10.15 35.48 -2.96
N THR B 795 -8.84 35.54 -3.12
CA THR B 795 -8.19 34.94 -4.29
C THR B 795 -6.96 34.12 -3.92
N ALA B 796 -6.57 33.24 -4.83
CA ALA B 796 -5.35 32.44 -4.66
C ALA B 796 -4.14 33.35 -4.61
N ASN B 797 -4.12 34.37 -5.47
CA ASN B 797 -3.01 35.34 -5.48
C ASN B 797 -2.86 36.10 -4.16
N ASP B 798 -3.97 36.49 -3.52
CA ASP B 798 -3.89 37.13 -2.20
C ASP B 798 -3.22 36.21 -1.18
N ILE B 799 -3.62 34.94 -1.18
CA ILE B 799 -3.10 33.96 -0.22
C ILE B 799 -1.61 33.69 -0.46
N LYS B 800 -1.23 33.56 -1.73
CA LYS B 800 0.18 33.34 -2.08
C LYS B 800 1.07 34.50 -1.64
N GLN B 801 0.53 35.72 -1.70
CA GLN B 801 1.27 36.92 -1.32
C GLN B 801 1.32 37.14 0.18
N ARG B 802 0.25 36.76 0.89
CA ARG B 802 0.03 37.21 2.27
C ARG B 802 0.16 36.14 3.36
N VAL B 803 -0.08 34.88 3.02
CA VAL B 803 -0.09 33.81 4.03
C VAL B 803 1.25 33.09 4.08
N ARG B 804 1.84 33.01 5.27
CA ARG B 804 3.09 32.28 5.47
C ARG B 804 3.05 31.41 6.72
N PHE B 805 3.70 30.25 6.64
CA PHE B 805 3.83 29.34 7.77
C PHE B 805 5.27 29.35 8.27
N HIS B 806 5.43 29.42 9.58
CA HIS B 806 6.72 29.76 10.18
C HIS B 806 7.36 28.66 11.04
N ASN B 807 6.72 27.49 11.09
CA ASN B 807 7.30 26.33 11.77
C ASN B 807 7.31 25.13 10.82
N THR B 808 8.35 25.06 10.00
CA THR B 808 8.43 24.12 8.88
C THR B 808 9.79 23.43 8.82
N GLY B 809 9.88 22.38 8.00
CA GLY B 809 11.16 21.69 7.73
C GLY B 809 11.50 20.56 8.68
N PRO B 810 12.62 19.87 8.43
CA PRO B 810 13.02 18.71 9.25
C PRO B 810 13.20 18.98 10.74
N SER B 811 13.53 20.22 11.09
CA SER B 811 13.74 20.58 12.50
C SER B 811 12.58 21.37 13.09
N LEU B 812 11.39 21.28 12.46
CA LEU B 812 10.21 21.95 12.99
C LEU B 812 9.88 21.44 14.39
N VAL B 813 9.27 22.30 15.19
CA VAL B 813 8.84 21.94 16.53
C VAL B 813 7.56 21.13 16.39
N PRO B 814 7.59 19.85 16.79
CA PRO B 814 6.38 19.03 16.59
C PRO B 814 5.17 19.57 17.34
N GLY B 815 4.00 19.46 16.72
CA GLY B 815 2.74 19.83 17.36
C GLY B 815 2.38 21.30 17.31
N VAL B 816 3.05 22.07 16.46
CA VAL B 816 2.79 23.52 16.37
C VAL B 816 2.70 23.99 14.91
N ILE B 817 1.65 24.74 14.62
CA ILE B 817 1.52 25.42 13.34
C ILE B 817 1.49 26.92 13.62
N VAL B 818 2.37 27.67 12.97
CA VAL B 818 2.41 29.13 13.10
C VAL B 818 2.07 29.72 11.76
N MET B 819 0.97 30.47 11.72
CA MET B 819 0.44 31.00 10.47
C MET B 819 0.37 32.51 10.54
N GLY B 820 1.11 33.18 9.65
CA GLY B 820 1.10 34.64 9.56
C GLY B 820 0.36 35.13 8.33
N ILE B 821 -0.42 36.21 8.49
CA ILE B 821 -1.13 36.83 7.36
C ILE B 821 -0.82 38.33 7.30
N GLU B 822 -0.18 38.74 6.21
CA GLU B 822 0.31 40.12 6.05
C GLU B 822 -0.74 41.04 5.43
N ASP B 823 -0.74 42.30 5.86
CA ASP B 823 -1.49 43.36 5.21
C ASP B 823 -0.53 44.50 4.83
N ALA B 824 -1.05 45.49 4.10
CA ALA B 824 -0.26 46.66 3.72
C ALA B 824 0.32 47.38 4.95
N ARG B 825 1.61 47.69 4.91
CA ARG B 825 2.25 48.45 5.99
C ARG B 825 3.45 49.25 5.48
N GLY B 826 3.82 50.29 6.22
CA GLY B 826 4.80 51.28 5.77
C GLY B 826 4.13 52.30 4.88
N GLU B 827 4.90 52.92 3.98
CA GLU B 827 4.34 53.83 2.97
C GLU B 827 4.51 53.27 1.56
N SER B 828 3.43 53.36 0.78
CA SER B 828 3.33 52.74 -0.55
C SER B 828 3.82 51.28 -0.58
N PRO B 829 3.16 50.40 0.20
CA PRO B 829 3.45 48.96 0.19
C PRO B 829 3.11 48.25 -1.14
N GLU B 830 3.44 46.96 -1.21
CA GLU B 830 3.27 46.16 -2.43
C GLU B 830 1.90 45.49 -2.56
N MET B 831 0.98 45.80 -1.64
CA MET B 831 -0.36 45.21 -1.66
C MET B 831 -1.40 46.20 -1.16
N ALA B 832 -2.66 45.95 -1.48
CA ALA B 832 -3.78 46.77 -0.99
C ALA B 832 -3.95 46.60 0.51
N GLN B 833 -4.40 47.66 1.17
CA GLN B 833 -4.74 47.59 2.59
C GLN B 833 -6.15 47.00 2.70
N LEU B 834 -6.24 45.78 3.23
CA LEU B 834 -7.52 45.09 3.37
C LEU B 834 -8.17 45.33 4.73
N ASP B 835 -7.36 45.68 5.73
CA ASP B 835 -7.80 45.76 7.11
C ASP B 835 -7.45 47.12 7.70
N THR B 836 -8.47 47.86 8.13
CA THR B 836 -8.27 49.19 8.69
C THR B 836 -7.82 49.19 10.15
N ASN B 837 -7.98 48.05 10.84
CA ASN B 837 -7.65 47.96 12.27
C ASN B 837 -6.31 47.28 12.54
N PHE B 838 -5.93 46.33 11.68
CA PHE B 838 -4.73 45.52 11.90
C PHE B 838 -3.87 45.51 10.64
N SER B 839 -2.55 45.56 10.83
CA SER B 839 -1.60 45.46 9.71
C SER B 839 -0.98 44.07 9.56
N TYR B 840 -1.30 43.16 10.49
CA TYR B 840 -0.74 41.81 10.48
C TYR B 840 -1.48 40.95 11.50
N VAL B 841 -1.65 39.66 11.20
CA VAL B 841 -2.21 38.70 12.15
C VAL B 841 -1.35 37.45 12.18
N VAL B 842 -1.12 36.92 13.37
CA VAL B 842 -0.41 35.65 13.55
C VAL B 842 -1.28 34.70 14.38
N THR B 843 -1.47 33.48 13.88
CA THR B 843 -2.18 32.45 14.61
C THR B 843 -1.23 31.32 14.93
N VAL B 844 -1.20 30.91 16.19
CA VAL B 844 -0.42 29.75 16.62
C VAL B 844 -1.37 28.67 17.10
N PHE B 845 -1.37 27.51 16.42
CA PHE B 845 -2.12 26.36 16.89
C PHE B 845 -1.14 25.44 17.62
N ASN B 846 -1.30 25.31 18.94
CA ASN B 846 -0.43 24.44 19.73
C ASN B 846 -1.18 23.23 20.28
N VAL B 847 -0.94 22.07 19.68
CA VAL B 847 -1.57 20.83 20.17
C VAL B 847 -0.72 20.10 21.21
N CYS B 848 0.47 20.63 21.51
CA CYS B 848 1.31 20.06 22.58
C CYS B 848 0.61 20.21 23.93
N PRO B 849 0.77 19.23 24.82
CA PRO B 849 0.24 19.33 26.19
C PRO B 849 1.17 20.13 27.12
N HIS B 850 1.78 21.17 26.58
CA HIS B 850 2.68 22.04 27.32
C HIS B 850 2.82 23.35 26.56
N GLU B 851 3.20 24.40 27.30
CA GLU B 851 3.49 25.69 26.71
C GLU B 851 4.64 25.57 25.72
N VAL B 852 4.57 26.34 24.62
CA VAL B 852 5.66 26.45 23.66
C VAL B 852 6.01 27.92 23.44
N SER B 853 7.28 28.19 23.15
CA SER B 853 7.72 29.52 22.74
C SER B 853 8.28 29.43 21.33
N MET B 854 7.62 30.12 20.39
CA MET B 854 7.96 30.07 18.98
C MET B 854 8.60 31.39 18.56
N ASP B 855 9.88 31.33 18.19
CA ASP B 855 10.63 32.51 17.77
C ASP B 855 10.61 32.62 16.26
N ILE B 856 10.06 33.73 15.77
CA ILE B 856 9.98 34.04 14.34
C ILE B 856 10.71 35.37 14.15
N PRO B 857 12.03 35.32 13.86
CA PRO B 857 12.80 36.54 13.63
C PRO B 857 12.16 37.53 12.65
N ALA B 858 11.54 37.02 11.59
CA ALA B 858 10.89 37.88 10.58
C ALA B 858 9.74 38.70 11.16
N LEU B 859 9.19 38.24 12.28
CA LEU B 859 8.11 38.96 12.97
C LEU B 859 8.58 39.61 14.27
N ALA B 860 9.88 39.83 14.41
CA ALA B 860 10.43 40.58 15.53
C ALA B 860 10.27 42.07 15.26
N SER B 861 10.36 42.87 16.32
CA SER B 861 10.28 44.34 16.22
C SER B 861 8.98 44.83 15.60
N MET B 862 7.89 44.14 15.93
CA MET B 862 6.57 44.51 15.42
C MET B 862 5.63 44.76 16.58
N GLY B 863 4.43 45.27 16.28
CA GLY B 863 3.49 45.69 17.31
C GLY B 863 2.46 44.65 17.71
N PHE B 864 2.86 43.38 17.75
CA PHE B 864 1.91 42.30 18.06
C PHE B 864 1.43 42.35 19.51
N GLU B 865 0.13 42.09 19.68
CA GLU B 865 -0.45 41.88 21.00
C GLU B 865 -1.52 40.82 20.87
N LEU B 866 -1.88 40.20 22.00
CA LEU B 866 -2.92 39.17 21.98
C LEU B 866 -4.23 39.79 21.48
N HIS B 867 -4.99 39.02 20.70
CA HIS B 867 -6.27 39.50 20.18
C HIS B 867 -7.16 39.95 21.35
N PRO B 868 -7.84 41.11 21.21
CA PRO B 868 -8.70 41.62 22.27
C PRO B 868 -9.71 40.59 22.82
N VAL B 869 -10.32 39.82 21.92
CA VAL B 869 -11.24 38.75 22.31
C VAL B 869 -10.58 37.76 23.27
N GLN B 870 -9.32 37.40 23.00
CA GLN B 870 -8.64 36.44 23.86
C GLN B 870 -8.14 37.05 25.18
N VAL B 871 -7.76 38.33 25.14
CA VAL B 871 -7.39 39.06 26.37
C VAL B 871 -8.54 38.99 27.39
N ASN B 872 -9.76 39.08 26.88
CA ASN B 872 -10.97 39.04 27.71
C ASN B 872 -11.66 37.67 27.75
N SER B 873 -10.96 36.61 27.36
CA SER B 873 -11.58 35.29 27.26
C SER B 873 -11.98 34.73 28.62
N SER B 874 -13.09 34.00 28.64
CA SER B 874 -13.50 33.25 29.83
C SER B 874 -12.63 31.99 30.01
N ASP B 875 -11.83 31.64 29.01
CA ASP B 875 -10.78 30.63 29.18
C ASP B 875 -9.57 31.26 29.85
N THR B 876 -9.26 30.80 31.06
CA THR B 876 -8.15 31.32 31.83
C THR B 876 -6.81 31.14 31.11
N LEU B 877 -6.65 30.02 30.44
CA LEU B 877 -5.35 29.68 29.83
C LEU B 877 -4.94 30.60 28.70
N VAL B 878 -5.82 30.84 27.73
CA VAL B 878 -5.42 31.58 26.52
C VAL B 878 -5.00 33.01 26.84
N ARG B 879 -5.50 33.56 27.94
CA ARG B 879 -5.14 34.90 28.42
C ARG B 879 -3.65 35.05 28.73
N LYS B 880 -2.98 33.94 29.02
CA LYS B 880 -1.55 33.93 29.35
C LYS B 880 -0.63 34.01 28.12
N SER B 881 -1.19 33.93 26.92
CA SER B 881 -0.42 34.05 25.67
C SER B 881 0.27 35.41 25.58
N ALA B 882 1.47 35.45 25.00
CA ALA B 882 2.26 36.67 24.97
C ALA B 882 3.23 36.75 23.79
N TYR B 883 3.59 37.99 23.43
CA TYR B 883 4.56 38.28 22.38
C TYR B 883 5.69 39.14 22.93
N GLU B 884 6.92 38.81 22.57
CA GLU B 884 8.08 39.64 22.88
C GLU B 884 8.72 40.13 21.59
N ALA B 885 8.80 41.45 21.44
CA ALA B 885 9.20 42.10 20.19
C ALA B 885 10.69 41.90 19.82
N ALA B 886 11.57 41.96 20.81
CA ALA B 886 13.00 41.86 20.55
C ALA B 886 13.38 40.55 19.82
N THR B 887 12.70 39.47 20.18
CA THR B 887 12.99 38.14 19.63
C THR B 887 11.97 37.64 18.59
N GLY B 888 10.79 38.27 18.55
CA GLY B 888 9.69 37.76 17.73
C GLY B 888 9.17 36.46 18.35
N ARG B 889 9.14 36.42 19.68
CA ARG B 889 8.74 35.23 20.40
C ARG B 889 7.26 35.23 20.69
N PHE B 890 6.57 34.17 20.26
CA PHE B 890 5.18 33.95 20.61
C PHE B 890 5.08 32.80 21.61
N THR B 891 4.63 33.12 22.82
CA THR B 891 4.48 32.14 23.88
C THR B 891 3.02 31.72 23.98
N VAL B 892 2.76 30.43 23.83
CA VAL B 892 1.41 29.89 23.71
C VAL B 892 1.22 28.68 24.63
N PRO B 893 0.21 28.72 25.51
CA PRO B 893 -0.03 27.60 26.43
C PRO B 893 -0.41 26.29 25.74
N GLY B 894 -0.33 25.19 26.49
CA GLY B 894 -0.66 23.87 25.96
C GLY B 894 -2.09 23.77 25.47
N ARG B 895 -2.29 23.00 24.40
CA ARG B 895 -3.62 22.73 23.83
C ARG B 895 -4.41 24.02 23.61
N THR B 896 -3.79 25.00 22.95
CA THR B 896 -4.39 26.33 22.83
C THR B 896 -4.15 26.91 21.44
N VAL B 897 -5.14 27.65 20.94
CA VAL B 897 -5.00 28.45 19.73
C VAL B 897 -4.93 29.90 20.16
N SER B 898 -3.81 30.55 19.83
CA SER B 898 -3.56 31.93 20.22
C SER B 898 -3.45 32.81 18.99
N VAL B 899 -4.18 33.92 19.00
CA VAL B 899 -4.21 34.83 17.86
C VAL B 899 -3.63 36.17 18.27
N PHE B 900 -2.62 36.62 17.54
CA PHE B 900 -1.94 37.88 17.83
C PHE B 900 -2.20 38.84 16.69
N VAL B 901 -2.40 40.11 17.03
CA VAL B 901 -2.69 41.14 16.04
C VAL B 901 -1.75 42.33 16.19
N GLU B 902 -1.39 42.94 15.07
CA GLU B 902 -0.64 44.20 15.07
C GLU B 902 -1.60 45.35 14.77
N PRO B 903 -1.93 46.16 15.80
CA PRO B 903 -2.85 47.26 15.52
C PRO B 903 -2.26 48.33 14.60
N ARG B 904 -3.09 48.89 13.72
CA ARG B 904 -2.69 50.06 12.92
C ARG B 904 -2.69 51.30 13.80
N CYS B 905 -3.75 51.43 14.59
CA CYS B 905 -3.93 52.50 15.57
C CYS B 905 -2.63 52.90 16.27
#